data_9FJY
#
_entry.id   9FJY
#
_cell.length_a   1.00
_cell.length_b   1.00
_cell.length_c   1.00
_cell.angle_alpha   90.00
_cell.angle_beta   90.00
_cell.angle_gamma   90.00
#
_symmetry.space_group_name_H-M   'P 1'
#
loop_
_entity.id
_entity.type
_entity.pdbx_description
1 polymer 'Actin, cytoplasmic 1, N-terminally processed'
2 polymer Deoxyribonuclease-1
3 polymer Phalloidin
4 branched 2-acetamido-2-deoxy-beta-D-glucopyranose-(1-4)-2-acetamido-2-deoxy-beta-D-glucopyranose
5 non-polymer "ADENOSINE-5'-DIPHOSPHATE"
6 non-polymer 'MAGNESIUM ION'
7 non-polymer 'PHOSPHATE ION'
#
loop_
_entity_poly.entity_id
_entity_poly.type
_entity_poly.pdbx_seq_one_letter_code
_entity_poly.pdbx_strand_id
1 'polypeptide(L)'
;DDDIAALVVDNGSGMCKAGFAGDDAPRAVFPSIVGRPRHQGVMVGMGQKDSYVGDEAQSKRGILTLKYPIE(HIC)GIVT
NWDDMEKIWHHTFYNELRVAPEEHPVLLTEAPLNPKANREKMTQIMFETFNTPAMYVAIQAVLSLYASGRTTGIVMDSGD
GVTHTVPIYEGYALPHAILRLDLAGRDLTDYLMKILTERGYSFTTTAEREIVRDIKEKLCYVALDFEQEMATAASSSSLE
KSYELPDGQVITIGNERFRCPEALFQPSFLGMESCGIHETTFNSIMKCDVDIRKDLYANTVLSGGTTMYPGIADRMQKEI
TALAPSTMKIKIIAPPERKYSVWIGGSILASLSTFQQMWISKQEYDESGPSIVHRKCF
;
A,B,C,D
2 'polypeptide(L)'
;MRGTRLMGLLLALAGLLQLGLSLKIAAFNIRTFGETKMSNATLASYIVRIVRRYDIVLIQEVRDSHLVAVGKLLDYLNQD
DPNTYHYVVSEPLGRNSYKERYLFLFRPNKVSVLDTYQYDDGCESCGNDSFSREPAVVKFSSHSTKVKEFAIVALHSAPS
DAVAEINSLYDVYLDVQQKWHLNDVMLMGDFNADCSYVTSSQWSSIRLRTSSTFQWLIPDSADTTATSTNCAYDRIVVAG
SLLQSSVVPGSAAPFDFQAAYGLSNEMALAISDHYPVEVTLT
;
E,F
3 'polypeptide(L)' W(EEP)A(DTH)C(HYP)A G,H,I,J
#
loop_
_chem_comp.id
_chem_comp.type
_chem_comp.name
_chem_comp.formula
ADP non-polymer ADENOSINE-5'-DIPHOSPHATE 'C10 H15 N5 O10 P2'
MG non-polymer 'MAGNESIUM ION' 'Mg 2'
NAG D-saccharide, beta linking 2-acetamido-2-deoxy-beta-D-glucopyranose 'C8 H15 N O6'
PO4 non-polymer 'PHOSPHATE ION' 'O4 P -3'
#
# COMPACT_ATOMS: atom_id res chain seq x y z
N ILE A 4 18.39 -66.17 39.49
CA ILE A 4 17.03 -66.27 40.01
C ILE A 4 16.08 -65.51 39.11
N ALA A 5 16.16 -64.18 39.16
CA ALA A 5 15.30 -63.35 38.33
C ALA A 5 15.68 -63.51 36.85
N ALA A 6 14.66 -63.54 36.00
CA ALA A 6 14.86 -63.67 34.56
C ALA A 6 14.06 -62.62 33.82
N LEU A 7 14.59 -62.19 32.69
CA LEU A 7 13.96 -61.16 31.85
C LEU A 7 13.22 -61.82 30.70
N VAL A 8 11.97 -61.42 30.50
CA VAL A 8 11.18 -61.83 29.35
C VAL A 8 10.83 -60.58 28.55
N VAL A 9 11.01 -60.65 27.24
CA VAL A 9 10.76 -59.53 26.35
C VAL A 9 10.00 -60.04 25.14
N ASP A 10 8.89 -59.38 24.82
CA ASP A 10 8.13 -59.69 23.62
C ASP A 10 8.62 -58.80 22.48
N ASN A 11 9.00 -59.42 21.37
CA ASN A 11 9.54 -58.70 20.22
C ASN A 11 8.52 -58.54 19.11
N GLY A 12 7.24 -58.45 19.46
CA GLY A 12 6.22 -58.24 18.45
C GLY A 12 6.33 -56.87 17.81
N SER A 13 5.89 -56.80 16.56
CA SER A 13 5.91 -55.52 15.84
C SER A 13 4.97 -54.53 16.52
N GLY A 14 5.43 -53.29 16.63
CA GLY A 14 4.63 -52.26 17.26
C GLY A 14 4.83 -52.21 18.76
N MET A 15 3.95 -52.88 19.49
CA MET A 15 3.99 -52.86 20.95
C MET A 15 5.02 -53.86 21.45
N CYS A 16 6.01 -53.39 22.19
CA CYS A 16 7.03 -54.24 22.77
C CYS A 16 6.90 -54.25 24.29
N LYS A 17 6.80 -55.44 24.87
CA LYS A 17 6.60 -55.61 26.29
C LYS A 17 7.79 -56.31 26.92
N ALA A 18 8.11 -55.94 28.16
CA ALA A 18 9.21 -56.53 28.90
C ALA A 18 8.88 -56.51 30.38
N GLY A 19 9.55 -57.39 31.12
CA GLY A 19 9.30 -57.48 32.55
C GLY A 19 10.21 -58.50 33.20
N PHE A 20 9.82 -58.94 34.39
CA PHE A 20 10.57 -59.90 35.17
C PHE A 20 9.83 -61.22 35.26
N ALA A 21 10.58 -62.30 35.42
CA ALA A 21 9.99 -63.62 35.55
C ALA A 21 9.17 -63.71 36.84
N GLY A 22 8.00 -64.33 36.74
CA GLY A 22 7.10 -64.48 37.87
C GLY A 22 6.07 -63.38 38.01
N ASP A 23 6.28 -62.23 37.36
CA ASP A 23 5.30 -61.16 37.43
C ASP A 23 4.10 -61.47 36.55
N ASP A 24 2.96 -60.88 36.89
CA ASP A 24 1.73 -61.09 36.15
C ASP A 24 1.40 -59.94 35.20
N ALA A 25 2.26 -58.93 35.12
CA ALA A 25 2.01 -57.78 34.25
C ALA A 25 3.31 -57.08 33.90
N PRO A 26 3.59 -56.87 32.61
CA PRO A 26 4.81 -56.17 32.23
C PRO A 26 4.73 -54.69 32.59
N ARG A 27 5.91 -54.09 32.75
CA ARG A 27 6.02 -52.68 33.10
C ARG A 27 6.61 -51.82 31.98
N ALA A 28 7.35 -52.41 31.04
CA ALA A 28 7.92 -51.68 29.91
C ALA A 28 6.98 -51.88 28.72
N VAL A 29 5.97 -51.03 28.63
CA VAL A 29 4.94 -51.11 27.60
C VAL A 29 5.09 -49.87 26.73
N PHE A 30 5.89 -49.96 25.68
CA PHE A 30 6.21 -48.84 24.82
C PHE A 30 6.19 -49.28 23.37
N PRO A 31 5.76 -48.41 22.46
CA PRO A 31 5.80 -48.76 21.03
C PRO A 31 7.22 -48.91 20.52
N SER A 32 7.40 -49.84 19.58
CA SER A 32 8.71 -50.12 19.02
C SER A 32 8.89 -49.37 17.70
N ILE A 33 8.97 -48.05 17.82
CA ILE A 33 9.16 -47.18 16.66
C ILE A 33 10.45 -46.39 16.84
N VAL A 34 11.05 -46.01 15.72
CA VAL A 34 12.27 -45.21 15.71
C VAL A 34 12.01 -44.00 14.83
N GLY A 35 12.22 -42.82 15.39
CA GLY A 35 11.99 -41.57 14.68
C GLY A 35 13.29 -40.83 14.42
N ARG A 36 13.40 -40.23 13.24
CA ARG A 36 14.53 -39.41 12.88
C ARG A 36 14.02 -38.09 12.32
N PRO A 37 14.46 -36.96 12.86
CA PRO A 37 13.93 -35.67 12.39
C PRO A 37 14.30 -35.41 10.94
N ARG A 38 13.38 -34.78 10.21
CA ARG A 38 13.59 -34.38 8.83
C ARG A 38 13.74 -32.87 8.68
N HIS A 39 14.03 -32.17 9.77
CA HIS A 39 14.15 -30.72 9.77
C HIS A 39 15.42 -30.31 10.50
N GLN A 40 15.96 -29.16 10.11
CA GLN A 40 17.10 -28.59 10.81
C GLN A 40 16.66 -27.97 12.13
N GLY A 41 17.58 -27.98 13.10
CA GLY A 41 17.30 -27.36 14.38
C GLY A 41 17.77 -25.93 14.45
N VAL A 42 16.86 -24.98 14.21
CA VAL A 42 17.23 -23.58 14.22
C VAL A 42 17.51 -23.11 15.65
N MET A 43 16.72 -23.58 16.61
CA MET A 43 16.88 -23.16 17.99
C MET A 43 17.97 -23.98 18.66
N VAL A 44 18.91 -23.28 19.30
CA VAL A 44 20.07 -23.92 19.91
C VAL A 44 19.99 -23.90 21.43
N GLY A 45 18.79 -23.79 21.99
CA GLY A 45 18.65 -23.81 23.44
C GLY A 45 19.11 -25.12 24.03
N MET A 46 18.81 -26.24 23.37
CA MET A 46 19.24 -27.56 23.79
C MET A 46 19.77 -28.32 22.60
N GLY A 47 20.62 -29.31 22.87
CA GLY A 47 21.20 -30.11 21.81
C GLY A 47 20.22 -31.04 21.14
N GLN A 48 19.09 -31.33 21.80
CA GLN A 48 18.06 -32.23 21.27
C GLN A 48 18.64 -33.60 20.96
N LYS A 49 17.98 -34.37 20.09
CA LYS A 49 18.43 -35.70 19.74
C LYS A 49 18.09 -36.00 18.29
N ASP A 50 18.91 -36.84 17.67
CA ASP A 50 18.68 -37.29 16.30
C ASP A 50 17.95 -38.62 16.22
N SER A 51 17.56 -39.18 17.36
CA SER A 51 16.83 -40.44 17.39
C SER A 51 15.95 -40.48 18.63
N TYR A 52 14.73 -40.97 18.47
CA TYR A 52 13.79 -41.08 19.57
C TYR A 52 13.09 -42.44 19.48
N VAL A 53 13.00 -43.14 20.61
CA VAL A 53 12.45 -44.49 20.65
C VAL A 53 11.41 -44.55 21.76
N GLY A 54 10.23 -45.09 21.43
CA GLY A 54 9.22 -45.35 22.43
C GLY A 54 8.30 -44.16 22.62
N ASP A 55 8.02 -43.83 23.89
CA ASP A 55 7.08 -42.76 24.20
C ASP A 55 7.60 -41.40 23.74
N GLU A 56 8.92 -41.24 23.64
CA GLU A 56 9.46 -39.98 23.16
C GLU A 56 9.03 -39.68 21.74
N ALA A 57 9.05 -40.70 20.87
CA ALA A 57 8.68 -40.48 19.48
C ALA A 57 7.17 -40.30 19.33
N GLN A 58 6.38 -41.02 20.13
CA GLN A 58 4.92 -40.95 19.99
C GLN A 58 4.40 -39.56 20.29
N SER A 59 4.93 -38.91 21.34
CA SER A 59 4.46 -37.58 21.69
C SER A 59 4.82 -36.55 20.61
N LYS A 60 6.00 -36.67 20.02
CA LYS A 60 6.48 -35.73 19.02
C LYS A 60 6.42 -36.31 17.61
N ARG A 61 5.39 -37.12 17.33
CA ARG A 61 5.31 -37.79 16.03
C ARG A 61 5.08 -36.83 14.88
N GLY A 62 4.75 -35.57 15.14
CA GLY A 62 4.49 -34.62 14.08
C GLY A 62 5.73 -34.18 13.32
N ILE A 63 6.91 -34.35 13.90
CA ILE A 63 8.14 -33.91 13.26
C ILE A 63 9.03 -35.10 12.92
N LEU A 64 8.94 -36.16 13.71
CA LEU A 64 9.73 -37.35 13.46
C LEU A 64 9.14 -38.16 12.31
N THR A 65 10.00 -38.93 11.66
CA THR A 65 9.61 -39.84 10.59
C THR A 65 9.57 -41.24 11.17
N LEU A 66 8.37 -41.73 11.44
CA LEU A 66 8.21 -43.02 12.11
C LEU A 66 8.63 -44.16 11.20
N LYS A 67 9.45 -45.07 11.73
CA LYS A 67 9.90 -46.25 11.01
C LYS A 67 9.77 -47.45 11.93
N TYR A 68 9.22 -48.54 11.41
CA TYR A 68 9.05 -49.75 12.20
C TYR A 68 10.17 -50.73 11.87
N PRO A 69 11.09 -51.00 12.80
CA PRO A 69 12.19 -51.93 12.50
C PRO A 69 11.73 -53.36 12.26
N ILE A 70 10.55 -53.74 12.73
CA ILE A 70 10.03 -55.09 12.56
C ILE A 70 8.79 -55.02 11.67
N GLU A 71 8.83 -55.69 10.53
CA GLU A 71 7.71 -55.74 9.62
C GLU A 71 7.27 -57.18 9.38
N HIC A 72 6.01 -57.46 9.65
CA HIC A 72 5.45 -58.81 9.55
C HIC A 72 6.27 -59.78 10.38
O HIC A 72 6.54 -60.91 9.94
CB HIC A 72 5.38 -59.27 8.09
CG HIC A 72 4.72 -58.26 7.21
ND1 HIC A 72 3.54 -57.65 7.57
CD2 HIC A 72 5.12 -57.81 5.98
CE1 HIC A 72 3.25 -56.85 6.58
NE2 HIC A 72 4.17 -56.90 5.59
CZ HIC A 72 4.15 -56.16 4.36
N GLY A 73 6.68 -59.36 11.57
CA GLY A 73 7.45 -60.19 12.47
C GLY A 73 8.85 -60.51 11.99
N ILE A 74 9.29 -59.82 10.94
CA ILE A 74 10.61 -60.04 10.36
C ILE A 74 11.42 -58.76 10.54
N VAL A 75 12.61 -58.90 11.12
CA VAL A 75 13.48 -57.75 11.35
C VAL A 75 14.10 -57.32 10.02
N THR A 76 13.98 -56.04 9.70
CA THR A 76 14.53 -55.48 8.47
C THR A 76 15.72 -54.59 8.72
N ASN A 77 15.59 -53.60 9.60
CA ASN A 77 16.68 -52.68 9.93
C ASN A 77 17.24 -53.06 11.30
N TRP A 78 18.42 -53.68 11.31
CA TRP A 78 19.02 -54.11 12.56
C TRP A 78 19.53 -52.92 13.37
N ASP A 79 19.96 -51.84 12.71
CA ASP A 79 20.47 -50.68 13.42
C ASP A 79 19.39 -50.06 14.30
N ASP A 80 18.18 -49.90 13.77
CA ASP A 80 17.09 -49.35 14.58
C ASP A 80 16.58 -50.36 15.60
N MET A 81 16.70 -51.66 15.30
CA MET A 81 16.31 -52.67 16.27
C MET A 81 17.17 -52.61 17.52
N GLU A 82 18.47 -52.35 17.34
CA GLU A 82 19.37 -52.24 18.49
C GLU A 82 18.98 -51.09 19.40
N LYS A 83 18.58 -49.95 18.81
CA LYS A 83 18.20 -48.80 19.62
C LYS A 83 17.01 -49.12 20.51
N ILE A 84 16.02 -49.83 19.98
CA ILE A 84 14.87 -50.23 20.78
C ILE A 84 15.31 -51.13 21.93
N TRP A 85 16.17 -52.10 21.64
CA TRP A 85 16.66 -53.00 22.68
C TRP A 85 17.50 -52.25 23.71
N HIS A 86 18.35 -51.34 23.25
CA HIS A 86 19.20 -50.59 24.18
C HIS A 86 18.36 -49.68 25.08
N HIS A 87 17.36 -49.02 24.51
CA HIS A 87 16.55 -48.09 25.29
C HIS A 87 15.74 -48.81 26.36
N THR A 88 15.14 -49.95 26.02
CA THR A 88 14.25 -50.63 26.96
C THR A 88 14.99 -51.26 28.13
N PHE A 89 16.28 -51.57 27.97
CA PHE A 89 17.02 -52.19 29.06
C PHE A 89 17.36 -51.17 30.15
N TYR A 90 17.78 -49.96 29.75
CA TYR A 90 18.25 -48.97 30.69
C TYR A 90 17.20 -47.89 30.97
N ASN A 91 16.71 -47.22 29.93
CA ASN A 91 15.82 -46.09 30.14
C ASN A 91 14.48 -46.51 30.76
N GLU A 92 13.93 -47.63 30.32
CA GLU A 92 12.61 -48.06 30.77
C GLU A 92 12.68 -48.92 32.03
N LEU A 93 13.48 -49.98 32.00
CA LEU A 93 13.50 -50.94 33.08
C LEU A 93 14.61 -50.70 34.10
N ARG A 94 15.62 -49.91 33.76
CA ARG A 94 16.74 -49.61 34.65
C ARG A 94 17.40 -50.90 35.14
N VAL A 95 17.71 -51.79 34.20
CA VAL A 95 18.26 -53.10 34.50
C VAL A 95 19.42 -53.37 33.56
N ALA A 96 20.56 -53.77 34.13
CA ALA A 96 21.69 -54.17 33.31
C ALA A 96 21.46 -55.59 32.78
N PRO A 97 21.52 -55.79 31.46
CA PRO A 97 21.20 -57.11 30.90
C PRO A 97 22.15 -58.22 31.36
N GLU A 98 23.42 -57.90 31.60
CA GLU A 98 24.42 -58.92 31.89
C GLU A 98 24.20 -59.60 33.23
N GLU A 99 23.48 -58.94 34.16
CA GLU A 99 23.37 -59.49 35.51
C GLU A 99 22.60 -60.81 35.53
N HIS A 100 21.49 -60.88 34.82
CA HIS A 100 20.62 -62.04 34.83
C HIS A 100 20.10 -62.30 33.43
N PRO A 101 19.74 -63.55 33.12
CA PRO A 101 19.41 -63.91 31.74
C PRO A 101 18.15 -63.21 31.24
N VAL A 102 17.94 -63.31 29.93
CA VAL A 102 16.84 -62.68 29.23
C VAL A 102 16.15 -63.73 28.38
N LEU A 103 14.88 -63.46 28.04
CA LEU A 103 14.09 -64.33 27.17
C LEU A 103 13.54 -63.54 26.00
N LEU A 104 13.44 -64.20 24.85
CA LEU A 104 12.94 -63.58 23.63
C LEU A 104 11.83 -64.43 23.04
N THR A 105 10.86 -63.76 22.41
CA THR A 105 9.74 -64.42 21.77
C THR A 105 9.69 -64.03 20.30
N GLU A 106 9.23 -64.97 19.46
CA GLU A 106 9.16 -64.72 18.04
C GLU A 106 8.10 -65.61 17.42
N ALA A 107 7.66 -65.23 16.22
CA ALA A 107 6.63 -65.95 15.49
C ALA A 107 7.22 -67.16 14.78
N PRO A 108 6.41 -68.17 14.50
CA PRO A 108 6.90 -69.34 13.75
C PRO A 108 7.11 -69.01 12.28
N LEU A 109 7.79 -69.93 11.59
CA LEU A 109 8.12 -69.80 10.17
C LEU A 109 8.96 -68.56 9.90
N ASN A 110 9.73 -68.13 10.88
CA ASN A 110 10.60 -66.98 10.68
C ASN A 110 11.80 -67.37 9.84
N PRO A 111 12.38 -66.43 9.09
CA PRO A 111 13.57 -66.75 8.30
C PRO A 111 14.72 -67.21 9.18
N LYS A 112 15.47 -68.18 8.69
CA LYS A 112 16.58 -68.74 9.47
C LYS A 112 17.66 -67.69 9.72
N ALA A 113 17.78 -66.70 8.84
CA ALA A 113 18.75 -65.63 9.06
C ALA A 113 18.34 -64.73 10.22
N ASN A 114 17.04 -64.59 10.46
CA ASN A 114 16.59 -63.74 11.56
C ASN A 114 17.01 -64.28 12.92
N ARG A 115 16.89 -65.60 13.11
CA ARG A 115 17.27 -66.19 14.39
C ARG A 115 18.77 -66.07 14.62
N GLU A 116 19.58 -66.24 13.59
CA GLU A 116 21.03 -66.23 13.76
C GLU A 116 21.53 -64.87 14.23
N LYS A 117 21.03 -63.79 13.62
CA LYS A 117 21.50 -62.47 13.99
C LYS A 117 20.93 -62.02 15.33
N MET A 118 19.70 -62.43 15.65
CA MET A 118 19.11 -62.06 16.93
C MET A 118 19.90 -62.62 18.10
N THR A 119 20.32 -63.89 17.99
CA THR A 119 21.13 -64.51 19.04
C THR A 119 22.50 -63.85 19.14
N GLN A 120 23.11 -63.54 18.01
CA GLN A 120 24.46 -62.96 18.02
C GLN A 120 24.48 -61.61 18.73
N ILE A 121 23.43 -60.81 18.54
CA ILE A 121 23.37 -59.50 19.19
C ILE A 121 23.34 -59.66 20.70
N MET A 122 22.61 -60.66 21.19
CA MET A 122 22.54 -60.90 22.63
C MET A 122 23.92 -61.22 23.20
N PHE A 123 24.70 -62.04 22.50
CA PHE A 123 25.98 -62.51 23.02
C PHE A 123 27.07 -61.45 22.95
N GLU A 124 27.06 -60.60 21.93
CA GLU A 124 28.15 -59.65 21.70
C GLU A 124 27.81 -58.24 22.17
N THR A 125 26.71 -57.67 21.65
CA THR A 125 26.40 -56.28 21.96
C THR A 125 26.06 -56.09 23.43
N PHE A 126 25.24 -56.99 23.99
CA PHE A 126 24.83 -56.88 25.38
C PHE A 126 25.46 -57.92 26.29
N ASN A 127 26.00 -59.01 25.73
CA ASN A 127 26.76 -59.99 26.49
C ASN A 127 25.95 -60.60 27.63
N THR A 128 24.68 -60.88 27.37
CA THR A 128 23.86 -61.52 28.39
C THR A 128 24.35 -62.95 28.62
N PRO A 129 24.24 -63.46 29.86
CA PRO A 129 24.74 -64.82 30.12
C PRO A 129 24.03 -65.89 29.31
N ALA A 130 22.72 -65.77 29.11
CA ALA A 130 21.96 -66.79 28.40
C ALA A 130 20.62 -66.21 27.98
N MET A 131 20.12 -66.67 26.84
CA MET A 131 18.80 -66.29 26.37
C MET A 131 18.16 -67.49 25.68
N TYR A 132 16.94 -67.29 25.19
CA TYR A 132 16.21 -68.34 24.51
C TYR A 132 15.09 -67.70 23.71
N VAL A 133 14.78 -68.30 22.56
CA VAL A 133 13.72 -67.83 21.68
C VAL A 133 12.65 -68.91 21.61
N ALA A 134 11.40 -68.53 21.82
CA ALA A 134 10.29 -69.45 21.83
C ALA A 134 9.18 -68.95 20.93
N ILE A 135 8.39 -69.89 20.42
CA ILE A 135 7.25 -69.54 19.58
C ILE A 135 6.19 -68.84 20.42
N GLN A 136 5.72 -67.68 19.95
CA GLN A 136 4.73 -66.93 20.70
C GLN A 136 3.42 -67.71 20.84
N ALA A 137 3.12 -68.58 19.87
CA ALA A 137 1.91 -69.39 19.97
C ALA A 137 1.98 -70.36 21.13
N VAL A 138 3.15 -70.97 21.37
CA VAL A 138 3.28 -71.96 22.44
C VAL A 138 3.06 -71.31 23.79
N LEU A 139 3.62 -70.12 24.01
CA LEU A 139 3.53 -69.47 25.31
C LEU A 139 2.10 -69.10 25.67
N SER A 140 1.20 -68.99 24.70
CA SER A 140 -0.19 -68.66 25.01
C SER A 140 -0.86 -69.79 25.79
N LEU A 141 -0.48 -71.03 25.51
CA LEU A 141 -1.06 -72.16 26.23
C LEU A 141 -0.73 -72.10 27.72
N TYR A 142 0.51 -71.75 28.05
CA TYR A 142 0.90 -71.67 29.45
C TYR A 142 0.11 -70.61 30.20
N ALA A 143 -0.14 -69.46 29.56
CA ALA A 143 -0.90 -68.41 30.20
C ALA A 143 -2.33 -68.85 30.52
N SER A 144 -2.96 -69.55 29.59
CA SER A 144 -4.32 -70.03 29.80
C SER A 144 -4.40 -71.12 30.85
N GLY A 145 -3.29 -71.80 31.14
CA GLY A 145 -3.24 -72.88 32.09
C GLY A 145 -3.34 -74.26 31.48
N ARG A 146 -4.04 -74.38 30.36
CA ARG A 146 -4.18 -75.67 29.69
C ARG A 146 -2.91 -76.01 28.92
N THR A 147 -2.73 -77.30 28.66
CA THR A 147 -1.61 -77.78 27.85
C THR A 147 -2.08 -78.45 26.56
N THR A 148 -3.37 -78.35 26.24
CA THR A 148 -3.92 -78.93 25.02
C THR A 148 -4.91 -77.96 24.42
N GLY A 149 -4.82 -77.76 23.11
CA GLY A 149 -5.75 -76.88 22.42
C GLY A 149 -5.11 -76.33 21.16
N ILE A 150 -5.85 -75.42 20.52
CA ILE A 150 -5.41 -74.76 19.30
C ILE A 150 -5.32 -73.26 19.58
N VAL A 151 -4.15 -72.68 19.28
CA VAL A 151 -3.88 -71.28 19.58
C VAL A 151 -3.97 -70.48 18.29
N MET A 152 -4.66 -69.34 18.37
CA MET A 152 -4.84 -68.44 17.23
C MET A 152 -4.27 -67.08 17.63
N ASP A 153 -2.99 -66.88 17.33
CA ASP A 153 -2.31 -65.62 17.62
C ASP A 153 -2.49 -64.69 16.44
N SER A 154 -3.35 -63.69 16.58
CA SER A 154 -3.60 -62.70 15.54
C SER A 154 -3.03 -61.37 16.02
N GLY A 155 -1.76 -61.14 15.74
CA GLY A 155 -1.05 -59.98 16.20
C GLY A 155 -1.12 -58.81 15.25
N ASP A 156 -0.09 -57.97 15.28
CA ASP A 156 -0.03 -56.78 14.44
C ASP A 156 0.57 -57.11 13.08
N GLY A 157 1.67 -57.87 13.05
CA GLY A 157 2.36 -58.12 11.80
C GLY A 157 2.06 -59.47 11.17
N VAL A 158 1.91 -60.50 11.99
CA VAL A 158 1.73 -61.87 11.49
C VAL A 158 0.67 -62.58 12.33
N THR A 159 -0.20 -63.31 11.64
CA THR A 159 -1.17 -64.19 12.28
C THR A 159 -0.76 -65.64 12.01
N HIS A 160 -0.61 -66.41 13.08
CA HIS A 160 -0.15 -67.79 12.96
C HIS A 160 -1.02 -68.70 13.81
N THR A 161 -1.03 -69.98 13.44
CA THR A 161 -1.88 -70.97 14.09
C THR A 161 -1.07 -72.25 14.31
N VAL A 162 -1.07 -72.74 15.54
CA VAL A 162 -0.27 -73.93 15.88
C VAL A 162 -1.10 -74.89 16.72
N PRO A 163 -1.33 -76.13 16.27
CA PRO A 163 -2.08 -77.08 17.08
C PRO A 163 -1.19 -77.86 18.04
N ILE A 164 -1.57 -77.89 19.32
CA ILE A 164 -0.84 -78.62 20.36
C ILE A 164 -1.80 -79.54 21.07
N TYR A 165 -1.42 -80.81 21.21
CA TYR A 165 -2.22 -81.82 21.91
C TYR A 165 -1.33 -82.50 22.93
N GLU A 166 -1.47 -82.11 24.20
CA GLU A 166 -0.68 -82.64 25.33
C GLU A 166 0.82 -82.59 25.03
N GLY A 167 1.24 -81.50 24.39
CA GLY A 167 2.61 -81.36 23.96
C GLY A 167 2.84 -81.96 22.59
N TYR A 168 4.09 -81.90 22.14
CA TYR A 168 4.48 -82.41 20.84
C TYR A 168 3.64 -81.77 19.73
N ALA A 169 3.78 -80.45 19.61
CA ALA A 169 3.00 -79.71 18.62
C ALA A 169 3.31 -80.20 17.21
N LEU A 170 2.27 -80.37 16.41
CA LEU A 170 2.42 -80.88 15.06
C LEU A 170 3.07 -79.81 14.17
N PRO A 171 4.22 -80.10 13.56
CA PRO A 171 4.86 -79.09 12.70
C PRO A 171 4.25 -79.05 11.31
N HIS A 172 3.62 -80.15 10.90
CA HIS A 172 3.04 -80.23 9.56
C HIS A 172 1.68 -79.56 9.46
N ALA A 173 1.08 -79.14 10.59
CA ALA A 173 -0.24 -78.56 10.61
C ALA A 173 -0.23 -77.10 11.06
N ILE A 174 0.85 -76.38 10.76
CA ILE A 174 0.99 -74.99 11.14
C ILE A 174 0.72 -74.11 9.92
N LEU A 175 -0.06 -73.05 10.13
CA LEU A 175 -0.44 -72.12 9.07
C LEU A 175 -0.01 -70.71 9.44
N ARG A 176 0.46 -69.97 8.44
CA ARG A 176 0.92 -68.60 8.61
C ARG A 176 0.19 -67.70 7.62
N LEU A 177 -0.42 -66.64 8.13
CA LEU A 177 -1.12 -65.66 7.31
C LEU A 177 -0.58 -64.28 7.61
N ASP A 178 -0.25 -63.53 6.56
CA ASP A 178 0.36 -62.21 6.73
C ASP A 178 -0.67 -61.13 6.98
N LEU A 179 -1.96 -61.40 6.74
CA LEU A 179 -3.01 -60.43 7.02
C LEU A 179 -3.16 -60.28 8.52
N ALA A 180 -2.77 -59.13 9.04
CA ALA A 180 -2.76 -58.91 10.48
C ALA A 180 -3.06 -57.43 10.75
N GLY A 181 -2.77 -56.98 11.97
CA GLY A 181 -3.16 -55.64 12.37
C GLY A 181 -2.56 -54.54 11.52
N ARG A 182 -1.33 -54.73 11.05
CA ARG A 182 -0.68 -53.69 10.24
C ARG A 182 -1.44 -53.46 8.95
N ASP A 183 -1.87 -54.53 8.28
CA ASP A 183 -2.61 -54.38 7.04
C ASP A 183 -4.03 -53.88 7.29
N LEU A 184 -4.62 -54.22 8.43
CA LEU A 184 -5.95 -53.72 8.76
C LEU A 184 -5.95 -52.21 8.90
N THR A 185 -4.93 -51.65 9.55
CA THR A 185 -4.87 -50.19 9.69
C THR A 185 -4.71 -49.52 8.34
N ASP A 186 -3.88 -50.09 7.46
CA ASP A 186 -3.68 -49.51 6.14
C ASP A 186 -4.97 -49.57 5.32
N TYR A 187 -5.72 -50.67 5.42
CA TYR A 187 -6.98 -50.78 4.71
C TYR A 187 -7.98 -49.74 5.21
N LEU A 188 -8.04 -49.54 6.52
CA LEU A 188 -8.91 -48.51 7.08
C LEU A 188 -8.48 -47.10 6.68
N MET A 189 -7.21 -46.93 6.30
CA MET A 189 -6.76 -45.65 5.78
C MET A 189 -7.38 -45.36 4.42
N LYS A 190 -7.53 -46.41 3.58
CA LYS A 190 -8.11 -46.23 2.27
C LYS A 190 -9.64 -46.09 2.34
N ILE A 191 -10.28 -46.81 3.25
CA ILE A 191 -11.73 -46.74 3.37
C ILE A 191 -12.16 -45.34 3.82
N LEU A 192 -11.45 -44.77 4.80
CA LEU A 192 -11.80 -43.45 5.29
C LEU A 192 -11.68 -42.37 4.21
N THR A 193 -10.86 -42.61 3.19
CA THR A 193 -10.78 -41.67 2.06
C THR A 193 -12.14 -41.53 1.38
N GLU A 194 -12.90 -42.63 1.33
CA GLU A 194 -14.24 -42.57 0.74
C GLU A 194 -15.14 -41.61 1.49
N ARG A 195 -15.08 -41.61 2.82
CA ARG A 195 -15.90 -40.69 3.59
C ARG A 195 -15.48 -39.23 3.38
N GLY A 196 -14.20 -38.98 3.16
CA GLY A 196 -13.74 -37.63 2.89
C GLY A 196 -12.61 -37.16 3.78
N TYR A 197 -11.90 -38.09 4.42
CA TYR A 197 -10.77 -37.77 5.28
C TYR A 197 -9.49 -38.35 4.70
N SER A 198 -8.39 -37.61 4.83
CA SER A 198 -7.11 -38.00 4.26
C SER A 198 -6.09 -38.19 5.37
N PHE A 199 -5.39 -39.33 5.34
CA PHE A 199 -4.38 -39.67 6.34
C PHE A 199 -3.15 -40.24 5.67
N THR A 200 -2.65 -39.56 4.64
CA THR A 200 -1.59 -40.13 3.80
C THR A 200 -0.30 -40.35 4.56
N THR A 201 0.20 -39.32 5.25
CA THR A 201 1.55 -39.40 5.79
C THR A 201 1.62 -40.31 7.00
N THR A 202 2.85 -40.73 7.33
CA THR A 202 3.06 -41.67 8.43
C THR A 202 2.81 -41.05 9.79
N ALA A 203 2.85 -39.72 9.90
CA ALA A 203 2.62 -39.09 11.20
C ALA A 203 1.21 -39.35 11.71
N GLU A 204 0.22 -39.28 10.82
CA GLU A 204 -1.16 -39.56 11.20
C GLU A 204 -1.54 -41.02 10.97
N ARG A 205 -0.57 -41.88 10.65
CA ARG A 205 -0.87 -43.30 10.60
C ARG A 205 -1.15 -43.88 11.98
N GLU A 206 -0.86 -43.11 13.04
CA GLU A 206 -1.07 -43.56 14.41
C GLU A 206 -2.47 -43.24 14.94
N ILE A 207 -3.03 -42.09 14.54
CA ILE A 207 -4.40 -41.76 14.96
C ILE A 207 -5.39 -42.75 14.37
N VAL A 208 -5.13 -43.22 13.14
CA VAL A 208 -5.99 -44.23 12.54
C VAL A 208 -5.99 -45.49 13.40
N ARG A 209 -4.82 -45.89 13.90
CA ARG A 209 -4.75 -47.03 14.80
C ARG A 209 -5.55 -46.79 16.07
N ASP A 210 -5.46 -45.59 16.63
CA ASP A 210 -6.23 -45.26 17.81
C ASP A 210 -7.73 -45.33 17.53
N ILE A 211 -8.14 -44.88 16.34
CA ILE A 211 -9.53 -45.04 15.93
C ILE A 211 -9.88 -46.52 15.84
N LYS A 212 -8.96 -47.33 15.32
CA LYS A 212 -9.22 -48.75 15.17
C LYS A 212 -9.41 -49.44 16.51
N GLU A 213 -8.77 -48.95 17.56
CA GLU A 213 -8.85 -49.56 18.88
C GLU A 213 -9.99 -49.03 19.73
N LYS A 214 -10.75 -48.06 19.24
CA LYS A 214 -11.78 -47.42 20.05
C LYS A 214 -13.19 -47.56 19.51
N LEU A 215 -13.37 -47.48 18.19
CA LEU A 215 -14.70 -47.42 17.60
C LEU A 215 -15.10 -48.67 16.84
N CYS A 216 -14.20 -49.26 16.05
CA CYS A 216 -14.56 -50.38 15.19
C CYS A 216 -14.96 -51.60 16.01
N TYR A 217 -15.93 -52.34 15.48
CA TYR A 217 -16.42 -53.55 16.12
C TYR A 217 -16.84 -54.55 15.05
N VAL A 218 -16.89 -55.82 15.42
CA VAL A 218 -17.21 -56.90 14.51
C VAL A 218 -18.69 -57.23 14.62
N ALA A 219 -19.37 -57.30 13.48
CA ALA A 219 -20.78 -57.64 13.42
C ALA A 219 -20.95 -59.12 13.05
N LEU A 220 -21.99 -59.74 13.63
CA LEU A 220 -22.24 -61.14 13.37
C LEU A 220 -22.62 -61.39 11.92
N ASP A 221 -23.50 -60.55 11.37
CA ASP A 221 -23.96 -60.70 9.99
C ASP A 221 -23.45 -59.52 9.18
N PHE A 222 -22.47 -59.78 8.30
CA PHE A 222 -21.88 -58.71 7.51
C PHE A 222 -22.87 -58.12 6.51
N GLU A 223 -23.70 -58.96 5.90
CA GLU A 223 -24.59 -58.49 4.86
C GLU A 223 -25.75 -57.67 5.43
N GLN A 224 -26.34 -58.13 6.54
CA GLN A 224 -27.51 -57.45 7.09
C GLN A 224 -27.16 -56.05 7.57
N GLU A 225 -25.97 -55.88 8.15
CA GLU A 225 -25.59 -54.56 8.68
C GLU A 225 -25.45 -53.51 7.60
N MET A 226 -25.22 -53.92 6.34
CA MET A 226 -25.16 -52.95 5.26
C MET A 226 -26.50 -52.22 5.09
N ALA A 227 -27.60 -52.95 5.17
CA ALA A 227 -28.91 -52.32 5.12
C ALA A 227 -29.11 -51.38 6.30
N THR A 228 -28.68 -51.80 7.50
CA THR A 228 -28.85 -50.98 8.68
C THR A 228 -27.96 -49.75 8.64
N ALA A 229 -26.69 -49.93 8.26
CA ALA A 229 -25.75 -48.81 8.25
C ALA A 229 -26.13 -47.77 7.21
N ALA A 230 -26.55 -48.20 6.03
CA ALA A 230 -26.86 -47.28 4.94
C ALA A 230 -28.24 -46.66 5.07
N SER A 231 -29.06 -47.10 6.03
CA SER A 231 -30.41 -46.56 6.19
C SER A 231 -30.67 -46.11 7.62
N SER A 232 -29.63 -45.94 8.42
CA SER A 232 -29.81 -45.48 9.81
C SER A 232 -28.52 -44.82 10.28
N SER A 233 -28.67 -43.84 11.15
CA SER A 233 -27.55 -43.13 11.75
C SER A 233 -27.18 -43.68 13.13
N SER A 234 -27.84 -44.76 13.57
CA SER A 234 -27.50 -45.34 14.86
C SER A 234 -26.07 -45.86 14.88
N LEU A 235 -25.65 -46.51 13.80
CA LEU A 235 -24.28 -47.01 13.71
C LEU A 235 -23.25 -45.90 13.63
N GLU A 236 -23.67 -44.68 13.28
CA GLU A 236 -22.74 -43.56 13.19
C GLU A 236 -22.24 -43.18 14.58
N LYS A 237 -20.94 -42.89 14.67
CA LYS A 237 -20.32 -42.46 15.91
C LYS A 237 -19.34 -41.33 15.61
N SER A 238 -19.07 -40.52 16.62
CA SER A 238 -18.19 -39.37 16.48
C SER A 238 -16.83 -39.66 17.13
N TYR A 239 -15.84 -38.86 16.73
CA TYR A 239 -14.49 -38.98 17.26
C TYR A 239 -13.81 -37.62 17.14
N GLU A 240 -12.83 -37.39 18.01
CA GLU A 240 -12.14 -36.11 18.08
C GLU A 240 -10.68 -36.30 17.72
N LEU A 241 -10.20 -35.54 16.74
CA LEU A 241 -8.80 -35.51 16.38
C LEU A 241 -8.02 -34.65 17.38
N PRO A 242 -6.69 -34.80 17.43
CA PRO A 242 -5.90 -33.95 18.32
C PRO A 242 -6.04 -32.46 18.03
N ASP A 243 -6.31 -32.08 16.78
CA ASP A 243 -6.43 -30.67 16.43
C ASP A 243 -7.82 -30.10 16.72
N GLY A 244 -8.77 -30.92 17.16
CA GLY A 244 -10.09 -30.45 17.54
C GLY A 244 -11.18 -30.69 16.53
N GLN A 245 -10.84 -31.16 15.32
CA GLN A 245 -11.86 -31.44 14.33
C GLN A 245 -12.72 -32.63 14.75
N VAL A 246 -13.93 -32.67 14.23
CA VAL A 246 -14.90 -33.72 14.54
C VAL A 246 -15.17 -34.52 13.28
N ILE A 247 -15.02 -35.84 13.37
CA ILE A 247 -15.26 -36.75 12.27
C ILE A 247 -16.28 -37.79 12.70
N THR A 248 -16.99 -38.34 11.72
CA THR A 248 -18.03 -39.33 11.95
C THR A 248 -17.70 -40.60 11.19
N ILE A 249 -17.92 -41.75 11.83
CA ILE A 249 -17.70 -43.06 11.22
C ILE A 249 -19.05 -43.73 11.07
N GLY A 250 -19.42 -44.05 9.82
CA GLY A 250 -20.70 -44.69 9.55
C GLY A 250 -20.58 -46.18 9.33
N ASN A 251 -20.78 -46.62 8.09
CA ASN A 251 -20.65 -48.03 7.76
C ASN A 251 -19.21 -48.52 7.88
N GLU A 252 -18.23 -47.60 7.83
CA GLU A 252 -16.83 -47.99 7.92
C GLU A 252 -16.45 -48.53 9.29
N ARG A 253 -17.32 -48.38 10.29
CA ARG A 253 -16.99 -48.86 11.63
C ARG A 253 -16.79 -50.37 11.66
N PHE A 254 -17.68 -51.12 11.01
CA PHE A 254 -17.59 -52.57 10.99
C PHE A 254 -17.04 -53.13 9.68
N ARG A 255 -16.78 -52.28 8.68
CA ARG A 255 -16.26 -52.77 7.42
C ARG A 255 -14.82 -53.24 7.56
N CYS A 256 -13.98 -52.44 8.21
CA CYS A 256 -12.57 -52.82 8.36
C CYS A 256 -12.37 -54.10 9.16
N PRO A 257 -12.92 -54.27 10.36
CA PRO A 257 -12.64 -55.50 11.13
C PRO A 257 -13.17 -56.77 10.48
N GLU A 258 -14.11 -56.67 9.53
CA GLU A 258 -14.60 -57.85 8.84
C GLU A 258 -13.58 -58.40 7.84
N ALA A 259 -12.61 -57.59 7.43
CA ALA A 259 -11.64 -58.02 6.42
C ALA A 259 -10.87 -59.26 6.85
N LEU A 260 -10.79 -59.55 8.15
CA LEU A 260 -10.16 -60.78 8.60
C LEU A 260 -10.84 -62.03 8.07
N PHE A 261 -12.13 -61.95 7.75
CA PHE A 261 -12.87 -63.11 7.26
C PHE A 261 -12.98 -63.17 5.75
N GLN A 262 -12.81 -62.03 5.06
CA GLN A 262 -12.85 -61.98 3.60
C GLN A 262 -11.64 -61.22 3.11
N PRO A 263 -10.46 -61.87 3.07
CA PRO A 263 -9.25 -61.19 2.62
C PRO A 263 -9.27 -60.77 1.16
N SER A 264 -10.33 -61.11 0.41
CA SER A 264 -10.43 -60.66 -0.98
C SER A 264 -10.58 -59.15 -1.06
N PHE A 265 -10.94 -58.48 0.04
CA PHE A 265 -11.05 -57.03 0.03
C PHE A 265 -9.70 -56.36 -0.19
N LEU A 266 -8.63 -56.97 0.33
CA LEU A 266 -7.27 -56.46 0.17
C LEU A 266 -6.56 -57.09 -1.02
N GLY A 267 -7.24 -57.91 -1.81
CA GLY A 267 -6.64 -58.56 -2.94
C GLY A 267 -5.77 -59.76 -2.60
N MET A 268 -5.80 -60.21 -1.36
CA MET A 268 -4.98 -61.35 -0.94
C MET A 268 -5.68 -62.65 -1.29
N GLU A 269 -4.92 -63.58 -1.88
CA GLU A 269 -5.47 -64.87 -2.28
C GLU A 269 -5.75 -65.79 -1.09
N SER A 270 -5.27 -65.45 0.10
CA SER A 270 -5.48 -66.29 1.27
C SER A 270 -6.95 -66.32 1.67
N CYS A 271 -7.36 -67.41 2.30
CA CYS A 271 -8.71 -67.57 2.79
C CYS A 271 -8.89 -66.79 4.09
N GLY A 272 -10.11 -66.79 4.60
CA GLY A 272 -10.40 -66.08 5.84
C GLY A 272 -9.75 -66.75 7.04
N ILE A 273 -9.68 -65.99 8.13
CA ILE A 273 -9.07 -66.49 9.36
C ILE A 273 -9.86 -67.68 9.90
N HIS A 274 -11.19 -67.64 9.76
CA HIS A 274 -12.00 -68.77 10.17
C HIS A 274 -11.68 -70.01 9.35
N GLU A 275 -11.47 -69.83 8.05
CA GLU A 275 -11.06 -70.95 7.21
C GLU A 275 -9.65 -71.40 7.55
N THR A 276 -8.78 -70.46 7.91
CA THR A 276 -7.41 -70.81 8.28
C THR A 276 -7.39 -71.70 9.52
N THR A 277 -8.21 -71.35 10.53
CA THR A 277 -8.30 -72.21 11.71
C THR A 277 -8.92 -73.56 11.36
N PHE A 278 -9.95 -73.56 10.51
CA PHE A 278 -10.58 -74.82 10.12
C PHE A 278 -9.63 -75.72 9.36
N ASN A 279 -8.81 -75.14 8.47
CA ASN A 279 -7.86 -75.94 7.71
C ASN A 279 -6.82 -76.58 8.61
N SER A 280 -6.36 -75.86 9.64
CA SER A 280 -5.37 -76.41 10.55
C SER A 280 -5.92 -77.63 11.30
N ILE A 281 -7.18 -77.56 11.74
CA ILE A 281 -7.79 -78.68 12.43
C ILE A 281 -7.98 -79.85 11.47
N MET A 282 -8.32 -79.55 10.21
CA MET A 282 -8.59 -80.61 9.24
C MET A 282 -7.34 -81.46 8.99
N LYS A 283 -6.17 -80.82 8.91
CA LYS A 283 -4.94 -81.57 8.70
C LYS A 283 -4.64 -82.53 9.84
N CYS A 284 -5.14 -82.26 11.04
CA CYS A 284 -4.95 -83.16 12.17
C CYS A 284 -5.80 -84.42 11.99
N ASP A 285 -5.38 -85.49 12.67
CA ASP A 285 -6.09 -86.75 12.59
C ASP A 285 -7.42 -86.65 13.34
N VAL A 286 -8.32 -87.59 13.02
CA VAL A 286 -9.66 -87.58 13.59
C VAL A 286 -9.61 -87.77 15.11
N ASP A 287 -8.66 -88.57 15.60
CA ASP A 287 -8.59 -88.85 17.03
C ASP A 287 -8.33 -87.60 17.86
N ILE A 288 -7.82 -86.53 17.25
CA ILE A 288 -7.53 -85.29 17.96
C ILE A 288 -8.48 -84.15 17.57
N ARG A 289 -9.21 -84.29 16.46
CA ARG A 289 -10.07 -83.20 15.99
C ARG A 289 -11.15 -82.87 17.01
N LYS A 290 -11.76 -83.89 17.62
CA LYS A 290 -12.83 -83.65 18.59
C LYS A 290 -12.33 -82.86 19.78
N ASP A 291 -11.15 -83.22 20.30
CA ASP A 291 -10.59 -82.50 21.44
C ASP A 291 -10.23 -81.06 21.06
N LEU A 292 -9.59 -80.87 19.89
CA LEU A 292 -9.10 -79.56 19.51
C LEU A 292 -10.24 -78.55 19.33
N TYR A 293 -11.43 -79.02 18.96
CA TYR A 293 -12.56 -78.11 18.79
C TYR A 293 -12.96 -77.47 20.11
N ALA A 294 -12.92 -78.22 21.19
CA ALA A 294 -13.39 -77.72 22.48
C ALA A 294 -12.50 -76.61 23.03
N ASN A 295 -11.18 -76.80 22.95
CA ASN A 295 -10.24 -75.85 23.56
C ASN A 295 -9.62 -75.00 22.44
N THR A 296 -10.23 -73.85 22.21
CA THR A 296 -9.73 -72.87 21.25
C THR A 296 -9.43 -71.58 22.01
N VAL A 297 -8.22 -71.07 21.85
CA VAL A 297 -7.76 -69.88 22.58
C VAL A 297 -7.37 -68.81 21.56
N LEU A 298 -7.86 -67.61 21.77
CA LEU A 298 -7.55 -66.47 20.93
C LEU A 298 -6.57 -65.54 21.64
N SER A 299 -5.47 -65.21 20.96
CA SER A 299 -4.44 -64.36 21.53
C SER A 299 -4.04 -63.30 20.52
N GLY A 300 -3.61 -62.15 21.03
CA GLY A 300 -3.13 -61.06 20.21
C GLY A 300 -3.94 -59.79 20.41
N GLY A 301 -3.38 -58.71 19.87
CA GLY A 301 -4.02 -57.41 20.00
C GLY A 301 -5.32 -57.32 19.23
N THR A 302 -5.38 -57.91 18.04
CA THR A 302 -6.55 -57.80 17.17
C THR A 302 -7.71 -58.68 17.60
N THR A 303 -7.66 -59.26 18.80
CA THR A 303 -8.76 -60.03 19.35
C THR A 303 -9.65 -59.17 20.25
N MET A 304 -9.23 -57.95 20.57
CA MET A 304 -9.99 -57.08 21.47
C MET A 304 -11.29 -56.59 20.87
N TYR A 305 -11.54 -56.81 19.58
CA TYR A 305 -12.77 -56.35 18.97
C TYR A 305 -13.97 -57.03 19.64
N PRO A 306 -15.00 -56.28 20.04
CA PRO A 306 -16.19 -56.91 20.62
C PRO A 306 -16.87 -57.83 19.62
N GLY A 307 -17.36 -58.97 20.12
CA GLY A 307 -18.07 -59.92 19.31
C GLY A 307 -17.23 -60.83 18.46
N ILE A 308 -15.89 -60.74 18.56
CA ILE A 308 -15.03 -61.59 17.74
C ILE A 308 -15.16 -63.05 18.17
N ALA A 309 -15.35 -63.31 19.47
CA ALA A 309 -15.47 -64.67 19.95
C ALA A 309 -16.75 -65.32 19.43
N ASP A 310 -17.87 -64.60 19.52
CA ASP A 310 -19.12 -65.14 19.00
C ASP A 310 -19.09 -65.27 17.48
N ARG A 311 -18.42 -64.34 16.80
CA ARG A 311 -18.31 -64.42 15.35
C ARG A 311 -17.45 -65.61 14.94
N MET A 312 -16.34 -65.85 15.65
CA MET A 312 -15.45 -66.93 15.27
C MET A 312 -16.12 -68.29 15.38
N GLN A 313 -16.86 -68.52 16.46
CA GLN A 313 -17.52 -69.81 16.64
C GLN A 313 -18.63 -70.04 15.61
N LYS A 314 -19.23 -68.97 15.11
CA LYS A 314 -20.31 -69.11 14.14
C LYS A 314 -19.80 -69.71 12.83
N GLU A 315 -18.72 -69.17 12.29
CA GLU A 315 -18.16 -69.71 11.05
C GLU A 315 -17.60 -71.10 11.25
N ILE A 316 -16.94 -71.36 12.38
CA ILE A 316 -16.43 -72.70 12.65
C ILE A 316 -17.58 -73.69 12.75
N THR A 317 -18.68 -73.29 13.40
CA THR A 317 -19.84 -74.18 13.51
C THR A 317 -20.41 -74.52 12.14
N ALA A 318 -20.49 -73.52 11.25
CA ALA A 318 -20.99 -73.79 9.90
C ALA A 318 -20.06 -74.72 9.13
N LEU A 319 -18.75 -74.51 9.26
CA LEU A 319 -17.80 -75.37 8.57
C LEU A 319 -17.76 -76.76 9.18
N ALA A 320 -17.71 -76.85 10.50
CA ALA A 320 -17.65 -78.13 11.16
C ALA A 320 -18.98 -78.87 11.03
N PRO A 321 -18.95 -80.21 11.06
CA PRO A 321 -20.21 -80.97 11.02
C PRO A 321 -21.05 -80.73 12.26
N SER A 322 -22.24 -81.32 12.24
CA SER A 322 -23.17 -81.16 13.36
C SER A 322 -22.67 -81.95 14.57
N THR A 323 -23.28 -81.64 15.72
CA THR A 323 -22.93 -82.28 17.00
C THR A 323 -21.46 -82.14 17.31
N MET A 324 -20.91 -80.95 17.04
CA MET A 324 -19.51 -80.65 17.29
C MET A 324 -19.41 -79.57 18.35
N LYS A 325 -18.58 -79.81 19.36
CA LYS A 325 -18.41 -78.88 20.49
C LYS A 325 -17.54 -77.72 20.02
N ILE A 326 -18.19 -76.68 19.52
CA ILE A 326 -17.49 -75.47 19.08
C ILE A 326 -17.48 -74.50 20.26
N LYS A 327 -16.32 -74.36 20.90
CA LYS A 327 -16.17 -73.51 22.07
C LYS A 327 -15.01 -72.56 21.84
N ILE A 328 -15.20 -71.30 22.22
CA ILE A 328 -14.17 -70.26 22.12
C ILE A 328 -13.87 -69.76 23.52
N ILE A 329 -12.59 -69.73 23.87
CA ILE A 329 -12.13 -69.24 25.17
C ILE A 329 -11.41 -67.93 24.91
N ALA A 330 -12.00 -66.83 25.40
CA ALA A 330 -11.46 -65.49 25.24
C ALA A 330 -11.47 -64.77 26.58
N PRO A 331 -10.59 -65.16 27.51
CA PRO A 331 -10.56 -64.51 28.81
C PRO A 331 -9.96 -63.12 28.70
N PRO A 332 -10.23 -62.24 29.67
CA PRO A 332 -9.63 -60.91 29.65
C PRO A 332 -8.12 -60.98 29.84
N GLU A 333 -7.46 -59.85 29.58
CA GLU A 333 -6.02 -59.69 29.62
C GLU A 333 -5.33 -60.55 28.56
N ARG A 334 -6.07 -61.03 27.55
CA ARG A 334 -5.46 -61.85 26.51
C ARG A 334 -4.55 -61.06 25.59
N LYS A 335 -4.54 -59.72 25.69
CA LYS A 335 -3.56 -58.94 24.95
C LYS A 335 -2.15 -59.27 25.39
N TYR A 336 -1.94 -59.44 26.70
CA TYR A 336 -0.65 -59.84 27.25
C TYR A 336 -0.54 -61.34 27.46
N SER A 337 -1.28 -62.14 26.67
CA SER A 337 -1.24 -63.58 26.84
C SER A 337 0.14 -64.14 26.55
N VAL A 338 0.83 -63.61 25.53
CA VAL A 338 2.17 -64.07 25.22
C VAL A 338 3.13 -63.74 26.35
N TRP A 339 3.03 -62.54 26.91
CA TRP A 339 3.94 -62.15 27.98
C TRP A 339 3.66 -62.93 29.26
N ILE A 340 2.39 -63.14 29.60
CA ILE A 340 2.05 -63.85 30.82
C ILE A 340 2.59 -65.27 30.79
N GLY A 341 2.41 -65.96 29.66
CA GLY A 341 2.96 -67.30 29.53
C GLY A 341 4.48 -67.32 29.64
N GLY A 342 5.14 -66.31 29.06
CA GLY A 342 6.59 -66.23 29.18
C GLY A 342 7.05 -66.07 30.62
N SER A 343 6.32 -65.26 31.39
CA SER A 343 6.66 -65.10 32.80
C SER A 343 6.48 -66.40 33.57
N ILE A 344 5.39 -67.11 33.31
CA ILE A 344 5.16 -68.39 33.98
C ILE A 344 6.22 -69.41 33.59
N LEU A 345 6.53 -69.48 32.29
CA LEU A 345 7.52 -70.44 31.82
C LEU A 345 8.91 -70.14 32.37
N ALA A 346 9.29 -68.85 32.38
CA ALA A 346 10.62 -68.49 32.86
C ALA A 346 10.76 -68.77 34.36
N SER A 347 9.72 -68.48 35.13
CA SER A 347 9.77 -68.71 36.57
C SER A 347 9.81 -70.19 36.92
N LEU A 348 9.44 -71.06 35.98
CA LEU A 348 9.45 -72.49 36.25
C LEU A 348 10.87 -72.98 36.47
N SER A 349 11.06 -73.78 37.52
CA SER A 349 12.39 -74.32 37.80
C SER A 349 12.80 -75.38 36.77
N THR A 350 11.82 -76.05 36.15
CA THR A 350 12.13 -77.07 35.16
C THR A 350 12.75 -76.45 33.92
N PHE A 351 12.31 -75.24 33.55
CA PHE A 351 12.81 -74.59 32.33
C PHE A 351 14.27 -74.17 32.44
N GLN A 352 14.86 -74.19 33.63
CA GLN A 352 16.24 -73.73 33.78
C GLN A 352 17.22 -74.62 33.01
N GLN A 353 16.88 -75.88 32.80
CA GLN A 353 17.85 -76.82 32.25
C GLN A 353 18.14 -76.58 30.77
N MET A 354 17.10 -76.42 29.95
CA MET A 354 17.33 -76.30 28.51
C MET A 354 17.63 -74.87 28.07
N TRP A 355 18.11 -74.02 28.96
CA TRP A 355 18.71 -72.76 28.53
C TRP A 355 20.00 -73.05 27.76
N ILE A 356 20.31 -72.17 26.81
CA ILE A 356 21.55 -72.25 26.05
C ILE A 356 22.55 -71.26 26.65
N SER A 357 23.72 -71.75 27.02
CA SER A 357 24.72 -70.96 27.71
C SER A 357 25.72 -70.34 26.73
N LYS A 358 26.55 -69.44 27.27
CA LYS A 358 27.53 -68.75 26.44
C LYS A 358 28.60 -69.71 25.94
N GLN A 359 29.02 -70.67 26.76
CA GLN A 359 30.08 -71.58 26.36
C GLN A 359 29.66 -72.44 25.17
N GLU A 360 28.41 -72.87 25.14
CA GLU A 360 27.93 -73.66 24.00
C GLU A 360 27.97 -72.85 22.72
N TYR A 361 27.56 -71.58 22.79
CA TYR A 361 27.56 -70.73 21.59
C TYR A 361 28.96 -70.53 21.05
N ASP A 362 29.94 -70.29 21.93
CA ASP A 362 31.31 -70.10 21.48
C ASP A 362 31.86 -71.36 20.82
N GLU A 363 31.54 -72.52 21.40
CA GLU A 363 32.10 -73.77 20.90
C GLU A 363 31.52 -74.14 19.53
N SER A 364 30.22 -73.96 19.35
CA SER A 364 29.53 -74.46 18.16
C SER A 364 29.01 -73.37 17.24
N GLY A 365 29.18 -72.09 17.59
CA GLY A 365 28.72 -71.01 16.75
C GLY A 365 27.25 -70.74 16.93
N PRO A 366 26.75 -69.69 16.27
CA PRO A 366 25.32 -69.36 16.39
C PRO A 366 24.39 -70.41 15.82
N SER A 367 24.89 -71.33 14.98
CA SER A 367 24.05 -72.34 14.36
C SER A 367 23.45 -73.32 15.37
N ILE A 368 23.98 -73.36 16.59
CA ILE A 368 23.43 -74.24 17.62
C ILE A 368 22.00 -73.85 18.00
N VAL A 369 21.59 -72.63 17.68
CA VAL A 369 20.24 -72.17 18.00
C VAL A 369 19.18 -72.99 17.28
N HIS A 370 19.55 -73.68 16.20
CA HIS A 370 18.62 -74.53 15.46
C HIS A 370 18.70 -75.99 15.89
N ARG A 371 19.56 -76.32 16.84
CA ARG A 371 19.73 -77.71 17.29
C ARG A 371 19.26 -77.89 18.73
N LYS A 372 19.82 -77.13 19.68
CA LYS A 372 19.34 -77.22 21.06
C LYS A 372 18.02 -76.49 21.25
N CYS A 373 17.81 -75.40 20.51
CA CYS A 373 16.59 -74.61 20.60
C CYS A 373 15.72 -74.86 19.37
N PHE A 374 14.40 -74.80 19.58
CA PHE A 374 13.45 -75.02 18.50
C PHE A 374 12.65 -73.75 18.23
N ILE B 4 -26.56 -38.33 -31.30
CA ILE B 4 -25.72 -39.40 -31.81
C ILE B 4 -24.37 -39.39 -31.10
N ALA B 5 -23.55 -38.38 -31.41
CA ALA B 5 -22.26 -38.23 -30.76
C ALA B 5 -22.45 -37.72 -29.34
N ALA B 6 -21.76 -38.36 -28.39
CA ALA B 6 -21.88 -38.04 -26.98
C ALA B 6 -20.75 -37.10 -26.54
N LEU B 7 -21.12 -36.05 -25.81
CA LEU B 7 -20.13 -35.11 -25.31
C LEU B 7 -19.27 -35.75 -24.23
N VAL B 8 -17.98 -35.47 -24.27
CA VAL B 8 -17.04 -35.93 -23.26
C VAL B 8 -16.32 -34.71 -22.69
N VAL B 9 -16.16 -34.68 -21.37
CA VAL B 9 -15.52 -33.56 -20.67
C VAL B 9 -14.61 -34.13 -19.60
N ASP B 10 -13.31 -33.80 -19.69
CA ASP B 10 -12.35 -34.20 -18.66
C ASP B 10 -12.16 -33.07 -17.65
N ASN B 11 -13.27 -32.68 -17.04
CA ASN B 11 -13.28 -31.49 -16.19
C ASN B 11 -12.47 -31.73 -14.91
N GLY B 12 -11.57 -30.81 -14.62
CA GLY B 12 -10.72 -30.90 -13.45
C GLY B 12 -9.99 -29.59 -13.24
N SER B 13 -9.07 -29.62 -12.28
CA SER B 13 -8.27 -28.43 -11.99
C SER B 13 -7.41 -28.06 -13.20
N GLY B 14 -7.22 -26.75 -13.39
CA GLY B 14 -6.43 -26.28 -14.50
C GLY B 14 -7.27 -25.83 -15.68
N MET B 15 -7.08 -26.46 -16.84
CA MET B 15 -7.78 -26.10 -18.07
C MET B 15 -8.75 -27.22 -18.42
N CYS B 16 -10.04 -26.92 -18.37
CA CYS B 16 -11.06 -27.89 -18.78
C CYS B 16 -11.03 -28.06 -20.30
N LYS B 17 -11.29 -29.28 -20.75
CA LYS B 17 -11.35 -29.60 -22.16
C LYS B 17 -12.70 -30.25 -22.48
N ALA B 18 -13.26 -29.89 -23.63
CA ALA B 18 -14.54 -30.44 -24.06
C ALA B 18 -14.54 -30.60 -25.57
N GLY B 19 -15.39 -31.51 -26.04
CA GLY B 19 -15.50 -31.76 -27.46
C GLY B 19 -16.48 -32.89 -27.72
N PHE B 20 -16.68 -33.16 -29.00
CA PHE B 20 -17.60 -34.20 -29.42
C PHE B 20 -16.87 -35.53 -29.56
N ALA B 21 -17.63 -36.62 -29.46
CA ALA B 21 -17.06 -37.95 -29.61
C ALA B 21 -16.53 -38.16 -31.02
N GLY B 22 -15.40 -38.84 -31.11
CA GLY B 22 -14.75 -39.07 -32.38
C GLY B 22 -13.81 -37.98 -32.85
N ASP B 23 -13.74 -36.87 -32.12
CA ASP B 23 -12.84 -35.79 -32.49
C ASP B 23 -11.40 -36.13 -32.14
N ASP B 24 -10.47 -35.61 -32.93
CA ASP B 24 -9.04 -35.87 -32.73
C ASP B 24 -8.38 -34.91 -31.77
N ALA B 25 -9.09 -33.86 -31.33
CA ALA B 25 -8.53 -32.89 -30.39
C ALA B 25 -9.66 -32.13 -29.75
N PRO B 26 -9.57 -31.78 -28.47
CA PRO B 26 -10.65 -31.02 -27.82
C PRO B 26 -10.67 -29.58 -28.32
N ARG B 27 -11.81 -29.16 -28.86
CA ARG B 27 -11.90 -27.80 -29.39
C ARG B 27 -11.95 -26.77 -28.27
N ALA B 28 -12.74 -27.02 -27.24
CA ALA B 28 -12.94 -26.06 -26.16
C ALA B 28 -11.92 -26.34 -25.06
N VAL B 29 -10.81 -25.61 -25.09
CA VAL B 29 -9.79 -25.67 -24.04
C VAL B 29 -9.65 -24.28 -23.43
N PHE B 30 -9.82 -24.19 -22.11
CA PHE B 30 -9.76 -22.91 -21.43
C PHE B 30 -9.55 -23.16 -19.95
N PRO B 31 -8.81 -22.31 -19.25
CA PRO B 31 -8.63 -22.50 -17.80
C PRO B 31 -9.96 -22.44 -17.07
N SER B 32 -10.09 -23.29 -16.05
CA SER B 32 -11.30 -23.36 -15.24
C SER B 32 -11.14 -22.43 -14.04
N ILE B 33 -11.30 -21.14 -14.30
CA ILE B 33 -11.09 -20.10 -13.29
C ILE B 33 -12.34 -19.24 -13.20
N VAL B 34 -12.82 -19.04 -11.97
CA VAL B 34 -13.96 -18.18 -11.69
C VAL B 34 -13.49 -17.06 -10.79
N GLY B 35 -13.76 -15.81 -11.19
CA GLY B 35 -13.33 -14.67 -10.43
C GLY B 35 -14.46 -13.66 -10.27
N ARG B 36 -14.26 -12.76 -9.32
CA ARG B 36 -15.20 -11.69 -9.04
C ARG B 36 -14.43 -10.40 -8.79
N PRO B 37 -14.98 -9.25 -9.17
CA PRO B 37 -14.27 -7.99 -8.97
C PRO B 37 -14.10 -7.64 -7.51
N ARG B 38 -13.01 -6.95 -7.20
CA ARG B 38 -12.71 -6.50 -5.85
C ARG B 38 -12.75 -4.98 -5.72
N HIS B 39 -13.31 -4.29 -6.69
CA HIS B 39 -13.45 -2.84 -6.64
C HIS B 39 -14.87 -2.45 -7.01
N GLN B 40 -15.31 -1.30 -6.49
CA GLN B 40 -16.62 -0.78 -6.85
C GLN B 40 -16.59 -0.19 -8.26
N GLY B 41 -17.62 -0.52 -9.04
CA GLY B 41 -17.69 -0.02 -10.40
C GLY B 41 -17.85 1.49 -10.45
N VAL B 42 -17.22 2.10 -11.47
CA VAL B 42 -17.24 3.55 -11.61
C VAL B 42 -17.77 4.01 -12.96
N MET B 43 -17.77 3.18 -14.00
CA MET B 43 -18.16 3.59 -15.33
C MET B 43 -19.59 3.14 -15.61
N VAL B 44 -20.47 4.09 -15.88
CA VAL B 44 -21.84 3.78 -16.27
C VAL B 44 -21.85 3.36 -17.73
N GLY B 45 -22.57 2.29 -18.03
CA GLY B 45 -22.59 1.74 -19.37
C GLY B 45 -21.45 0.79 -19.68
N MET B 46 -20.57 0.53 -18.72
CA MET B 46 -19.50 -0.46 -18.92
C MET B 46 -20.09 -1.84 -19.18
N GLY B 47 -21.04 -2.28 -18.36
CA GLY B 47 -21.87 -3.41 -18.67
C GLY B 47 -21.28 -4.78 -18.42
N GLN B 48 -20.03 -4.87 -17.98
CA GLN B 48 -19.44 -6.17 -17.70
C GLN B 48 -20.09 -6.79 -16.46
N LYS B 49 -20.27 -8.11 -16.49
CA LYS B 49 -20.96 -8.82 -15.43
C LYS B 49 -20.07 -8.93 -14.19
N ASP B 50 -20.65 -9.42 -13.10
CA ASP B 50 -19.93 -9.61 -11.85
C ASP B 50 -19.25 -10.96 -11.76
N SER B 51 -19.40 -11.82 -12.78
CA SER B 51 -18.80 -13.13 -12.79
C SER B 51 -18.09 -13.35 -14.12
N TYR B 52 -16.84 -13.81 -14.06
CA TYR B 52 -16.05 -14.09 -15.25
C TYR B 52 -15.52 -15.51 -15.17
N VAL B 53 -15.52 -16.20 -16.31
CA VAL B 53 -15.06 -17.57 -16.39
C VAL B 53 -14.17 -17.73 -17.63
N GLY B 54 -13.26 -18.69 -17.54
CA GLY B 54 -12.45 -19.05 -18.69
C GLY B 54 -11.54 -17.93 -19.14
N ASP B 55 -11.45 -17.76 -20.47
CA ASP B 55 -10.54 -16.78 -21.05
C ASP B 55 -10.92 -15.35 -20.69
N GLU B 56 -12.18 -15.10 -20.33
CA GLU B 56 -12.57 -13.77 -19.89
C GLU B 56 -11.80 -13.37 -18.64
N ALA B 57 -11.71 -14.26 -17.66
CA ALA B 57 -11.00 -13.95 -16.43
C ALA B 57 -9.49 -13.89 -16.65
N GLN B 58 -8.97 -14.70 -17.56
CA GLN B 58 -7.53 -14.70 -17.82
C GLN B 58 -7.07 -13.38 -18.43
N SER B 59 -7.88 -12.82 -19.33
CA SER B 59 -7.49 -11.59 -20.01
C SER B 59 -7.36 -10.42 -19.04
N LYS B 60 -8.32 -10.27 -18.13
CA LYS B 60 -8.35 -9.17 -17.17
C LYS B 60 -7.99 -9.65 -15.76
N ARG B 61 -7.03 -10.56 -15.65
CA ARG B 61 -6.69 -11.15 -14.37
C ARG B 61 -6.07 -10.17 -13.39
N GLY B 62 -5.70 -8.97 -13.85
CA GLY B 62 -5.16 -7.96 -12.95
C GLY B 62 -6.17 -7.27 -12.08
N ILE B 63 -7.45 -7.56 -12.27
CA ILE B 63 -8.53 -6.96 -11.47
C ILE B 63 -9.26 -8.01 -10.65
N LEU B 64 -9.63 -9.12 -11.27
CA LEU B 64 -10.40 -10.14 -10.58
C LEU B 64 -9.54 -10.89 -9.57
N THR B 65 -10.21 -11.59 -8.66
CA THR B 65 -9.57 -12.48 -7.70
C THR B 65 -9.85 -13.91 -8.17
N LEU B 66 -8.85 -14.54 -8.77
CA LEU B 66 -9.04 -15.86 -9.35
C LEU B 66 -9.21 -16.91 -8.26
N LYS B 67 -10.25 -17.73 -8.38
CA LYS B 67 -10.54 -18.79 -7.43
C LYS B 67 -10.84 -20.06 -8.20
N TYR B 68 -10.00 -21.08 -8.03
CA TYR B 68 -10.20 -22.35 -8.71
C TYR B 68 -11.33 -23.13 -8.02
N PRO B 69 -12.40 -23.47 -8.73
CA PRO B 69 -13.46 -24.27 -8.10
C PRO B 69 -13.03 -25.68 -7.75
N ILE B 70 -11.98 -26.20 -8.37
CA ILE B 70 -11.52 -27.57 -8.14
C ILE B 70 -10.12 -27.52 -7.56
N GLU B 71 -9.95 -28.13 -6.39
CA GLU B 71 -8.64 -28.21 -5.74
C GLU B 71 -8.33 -29.65 -5.35
N HIC B 72 -7.18 -30.14 -5.81
CA HIC B 72 -6.72 -31.49 -5.50
C HIC B 72 -7.73 -32.56 -5.90
O HIC B 72 -7.89 -33.57 -5.22
CB HIC B 72 -6.40 -31.62 -4.01
CG HIC B 72 -5.15 -30.91 -3.61
ND1 HIC B 72 -3.93 -31.26 -4.12
CD2 HIC B 72 -5.01 -29.88 -2.72
CE1 HIC B 72 -3.08 -30.44 -3.55
NE2 HIC B 72 -3.67 -29.59 -2.70
CZ HIC B 72 -3.03 -28.56 -1.92
N GLY B 73 -8.43 -32.33 -7.01
CA GLY B 73 -9.34 -33.32 -7.56
C GLY B 73 -10.73 -33.36 -6.95
N ILE B 74 -10.91 -32.68 -5.82
CA ILE B 74 -12.18 -32.63 -5.12
C ILE B 74 -12.76 -31.22 -5.26
N VAL B 75 -14.03 -31.13 -5.66
CA VAL B 75 -14.68 -29.84 -5.80
C VAL B 75 -14.88 -29.22 -4.42
N THR B 76 -14.39 -27.99 -4.25
CA THR B 76 -14.49 -27.31 -2.96
C THR B 76 -15.67 -26.34 -2.90
N ASN B 77 -16.15 -25.86 -4.04
CA ASN B 77 -17.24 -24.89 -4.07
C ASN B 77 -18.13 -25.22 -5.26
N TRP B 78 -19.42 -25.46 -5.00
CA TRP B 78 -20.34 -25.86 -6.05
C TRP B 78 -21.05 -24.69 -6.71
N ASP B 79 -21.06 -23.51 -6.09
CA ASP B 79 -21.70 -22.36 -6.70
C ASP B 79 -20.99 -21.93 -7.97
N ASP B 80 -19.66 -21.78 -7.90
CA ASP B 80 -18.89 -21.38 -9.06
C ASP B 80 -18.60 -22.52 -10.01
N MET B 81 -18.64 -23.77 -9.53
CA MET B 81 -18.42 -24.91 -10.41
C MET B 81 -19.51 -25.00 -11.47
N GLU B 82 -20.76 -24.76 -11.07
CA GLU B 82 -21.86 -24.81 -12.02
C GLU B 82 -21.70 -23.77 -13.13
N LYS B 83 -21.07 -22.63 -12.83
CA LYS B 83 -20.84 -21.62 -13.85
C LYS B 83 -19.95 -22.14 -14.97
N ILE B 84 -18.88 -22.85 -14.61
CA ILE B 84 -17.99 -23.40 -15.63
C ILE B 84 -18.71 -24.42 -16.48
N TRP B 85 -19.49 -25.30 -15.84
CA TRP B 85 -20.32 -26.25 -16.59
C TRP B 85 -21.31 -25.53 -17.49
N HIS B 86 -21.96 -24.48 -16.96
CA HIS B 86 -22.89 -23.71 -17.76
C HIS B 86 -22.18 -23.00 -18.91
N HIS B 87 -21.00 -22.45 -18.65
CA HIS B 87 -20.28 -21.70 -19.68
C HIS B 87 -19.81 -22.61 -20.81
N THR B 88 -19.39 -23.84 -20.48
CA THR B 88 -18.85 -24.73 -21.50
C THR B 88 -19.91 -25.10 -22.54
N PHE B 89 -21.10 -25.48 -22.08
CA PHE B 89 -22.11 -25.98 -23.00
C PHE B 89 -22.75 -24.85 -23.81
N TYR B 90 -22.93 -23.67 -23.21
CA TYR B 90 -23.69 -22.60 -23.84
C TYR B 90 -22.79 -21.58 -24.53
N ASN B 91 -21.87 -20.96 -23.79
CA ASN B 91 -21.12 -19.83 -24.33
C ASN B 91 -20.02 -20.24 -25.29
N GLU B 92 -19.39 -21.40 -25.08
CA GLU B 92 -18.26 -21.81 -25.89
C GLU B 92 -18.63 -22.87 -26.93
N LEU B 93 -19.21 -23.99 -26.48
CA LEU B 93 -19.56 -25.05 -27.41
C LEU B 93 -20.77 -24.70 -28.25
N ARG B 94 -21.67 -23.85 -27.72
CA ARG B 94 -22.89 -23.44 -28.40
C ARG B 94 -23.77 -24.63 -28.78
N VAL B 95 -23.75 -25.67 -27.96
CA VAL B 95 -24.56 -26.87 -28.19
C VAL B 95 -25.35 -27.18 -26.93
N ALA B 96 -26.64 -27.43 -27.08
CA ALA B 96 -27.48 -27.76 -25.94
C ALA B 96 -27.15 -29.16 -25.44
N PRO B 97 -26.84 -29.33 -24.15
CA PRO B 97 -26.47 -30.65 -23.64
C PRO B 97 -27.64 -31.60 -23.43
N GLU B 98 -28.87 -31.11 -23.53
CA GLU B 98 -30.04 -31.95 -23.27
C GLU B 98 -30.27 -33.00 -24.35
N GLU B 99 -29.57 -32.91 -25.49
CA GLU B 99 -29.83 -33.80 -26.61
C GLU B 99 -28.84 -34.94 -26.74
N HIS B 100 -27.66 -34.83 -26.11
CA HIS B 100 -26.61 -35.82 -26.30
C HIS B 100 -26.09 -36.30 -24.95
N PRO B 101 -25.61 -37.54 -24.88
CA PRO B 101 -25.05 -38.04 -23.62
C PRO B 101 -23.76 -37.31 -23.25
N VAL B 102 -23.50 -37.25 -21.96
CA VAL B 102 -22.33 -36.56 -21.42
C VAL B 102 -21.48 -37.56 -20.64
N LEU B 103 -20.18 -37.58 -20.92
CA LEU B 103 -19.23 -38.42 -20.22
C LEU B 103 -18.27 -37.53 -19.44
N LEU B 104 -18.19 -37.75 -18.13
CA LEU B 104 -17.31 -36.99 -17.26
C LEU B 104 -16.21 -37.88 -16.71
N THR B 105 -15.11 -37.24 -16.29
CA THR B 105 -13.96 -37.94 -15.78
C THR B 105 -13.58 -37.39 -14.41
N GLU B 106 -12.99 -38.25 -13.59
CA GLU B 106 -12.54 -37.87 -12.26
C GLU B 106 -11.39 -38.76 -11.85
N ALA B 107 -10.61 -38.28 -10.87
CA ALA B 107 -9.48 -39.03 -10.36
C ALA B 107 -9.94 -40.13 -9.41
N PRO B 108 -9.20 -41.23 -9.32
CA PRO B 108 -9.57 -42.29 -8.37
C PRO B 108 -9.24 -41.90 -6.94
N LEU B 109 -9.82 -42.64 -6.00
CA LEU B 109 -9.65 -42.39 -4.57
C LEU B 109 -10.10 -40.96 -4.22
N ASN B 110 -11.38 -40.70 -4.43
CA ASN B 110 -11.99 -39.42 -4.18
C ASN B 110 -13.21 -39.60 -3.29
N PRO B 111 -13.59 -38.57 -2.54
CA PRO B 111 -14.74 -38.71 -1.64
C PRO B 111 -16.01 -39.06 -2.39
N LYS B 112 -16.86 -39.88 -1.76
CA LYS B 112 -18.10 -40.30 -2.39
C LYS B 112 -19.03 -39.13 -2.62
N ALA B 113 -18.99 -38.11 -1.75
CA ALA B 113 -19.85 -36.95 -1.93
C ALA B 113 -19.54 -36.19 -3.21
N ASN B 114 -18.29 -36.28 -3.67
CA ASN B 114 -17.93 -35.61 -4.93
C ASN B 114 -18.68 -36.20 -6.11
N ARG B 115 -18.79 -37.53 -6.17
CA ARG B 115 -19.50 -38.16 -7.27
C ARG B 115 -21.00 -37.92 -7.18
N GLU B 116 -21.57 -38.01 -5.98
CA GLU B 116 -23.02 -37.90 -5.82
C GLU B 116 -23.52 -36.53 -6.26
N LYS B 117 -22.87 -35.46 -5.81
CA LYS B 117 -23.29 -34.12 -6.19
C LYS B 117 -23.06 -33.87 -7.67
N MET B 118 -22.03 -34.50 -8.24
CA MET B 118 -21.80 -34.38 -9.68
C MET B 118 -22.96 -34.97 -10.47
N THR B 119 -23.47 -36.12 -10.04
CA THR B 119 -24.59 -36.75 -10.74
C THR B 119 -25.88 -35.97 -10.55
N GLN B 120 -26.08 -35.38 -9.36
CA GLN B 120 -27.30 -34.65 -9.11
C GLN B 120 -27.44 -33.44 -10.04
N ILE B 121 -26.36 -32.71 -10.26
CA ILE B 121 -26.41 -31.53 -11.12
C ILE B 121 -26.69 -31.94 -12.56
N MET B 122 -26.02 -32.97 -13.04
CA MET B 122 -26.15 -33.40 -14.43
C MET B 122 -27.51 -34.01 -14.75
N PHE B 123 -28.33 -34.31 -13.75
CA PHE B 123 -29.66 -34.85 -13.99
C PHE B 123 -30.78 -33.88 -13.62
N GLU B 124 -30.47 -32.77 -12.96
CA GLU B 124 -31.49 -31.80 -12.58
C GLU B 124 -31.27 -30.44 -13.23
N THR B 125 -30.05 -29.89 -13.15
CA THR B 125 -29.80 -28.57 -13.72
C THR B 125 -29.76 -28.64 -15.25
N PHE B 126 -29.11 -29.65 -15.81
CA PHE B 126 -28.90 -29.74 -17.24
C PHE B 126 -29.73 -30.81 -17.93
N ASN B 127 -30.26 -31.78 -17.19
CA ASN B 127 -31.16 -32.80 -17.72
C ASN B 127 -30.52 -33.58 -18.86
N THR B 128 -29.30 -34.06 -18.64
CA THR B 128 -28.62 -34.90 -19.63
C THR B 128 -29.32 -36.25 -19.73
N PRO B 129 -29.58 -36.74 -20.95
CA PRO B 129 -30.29 -38.03 -21.07
C PRO B 129 -29.59 -39.19 -20.39
N ALA B 130 -28.27 -39.26 -20.45
CA ALA B 130 -27.53 -40.36 -19.86
C ALA B 130 -26.11 -39.91 -19.55
N MET B 131 -25.57 -40.44 -18.43
CA MET B 131 -24.25 -40.06 -17.96
C MET B 131 -23.45 -41.30 -17.59
N TYR B 132 -22.13 -41.20 -17.76
CA TYR B 132 -21.19 -42.17 -17.21
C TYR B 132 -19.94 -41.41 -16.78
N VAL B 133 -19.34 -41.84 -15.68
CA VAL B 133 -18.12 -41.23 -15.16
C VAL B 133 -17.03 -42.30 -15.16
N ALA B 134 -15.87 -41.95 -15.71
CA ALA B 134 -14.77 -42.88 -15.87
C ALA B 134 -13.52 -42.37 -15.17
N ILE B 135 -12.70 -43.30 -14.69
CA ILE B 135 -11.45 -42.94 -14.03
C ILE B 135 -10.48 -42.40 -15.06
N GLN B 136 -9.86 -41.26 -14.74
CA GLN B 136 -8.93 -40.64 -15.66
C GLN B 136 -7.71 -41.50 -15.95
N ALA B 137 -7.39 -42.43 -15.06
CA ALA B 137 -6.22 -43.29 -15.28
C ALA B 137 -6.49 -44.32 -16.37
N VAL B 138 -7.66 -44.97 -16.33
CA VAL B 138 -7.95 -46.03 -17.28
C VAL B 138 -8.20 -45.49 -18.69
N LEU B 139 -8.57 -44.21 -18.81
CA LEU B 139 -8.82 -43.64 -20.13
C LEU B 139 -7.53 -43.44 -20.91
N SER B 140 -6.38 -43.39 -20.23
CA SER B 140 -5.12 -43.20 -20.93
C SER B 140 -4.73 -44.42 -21.75
N LEU B 141 -5.22 -45.61 -21.37
CA LEU B 141 -4.92 -46.82 -22.12
C LEU B 141 -5.48 -46.73 -23.53
N TYR B 142 -6.74 -46.30 -23.66
CA TYR B 142 -7.36 -46.19 -24.97
C TYR B 142 -6.68 -45.14 -25.83
N ALA B 143 -6.07 -44.13 -25.20
CA ALA B 143 -5.31 -43.14 -25.95
C ALA B 143 -4.12 -43.78 -26.66
N SER B 144 -3.42 -44.66 -25.96
CA SER B 144 -2.27 -45.36 -26.55
C SER B 144 -2.64 -46.67 -27.23
N GLY B 145 -3.89 -47.10 -27.13
CA GLY B 145 -4.30 -48.34 -27.75
C GLY B 145 -3.62 -49.57 -27.20
N ARG B 146 -3.50 -49.66 -25.87
CA ARG B 146 -2.89 -50.80 -25.21
C ARG B 146 -3.87 -51.42 -24.22
N THR B 147 -3.43 -52.51 -23.59
CA THR B 147 -4.22 -53.19 -22.59
C THR B 147 -3.50 -53.42 -21.28
N THR B 148 -2.17 -53.40 -21.27
CA THR B 148 -1.38 -53.59 -20.07
C THR B 148 -0.40 -52.42 -19.91
N GLY B 149 -0.25 -51.93 -18.68
CA GLY B 149 0.69 -50.87 -18.42
C GLY B 149 0.23 -49.86 -17.41
N ILE B 150 1.10 -49.52 -16.46
CA ILE B 150 0.79 -48.48 -15.49
C ILE B 150 0.71 -47.13 -16.20
N VAL B 151 -0.14 -46.24 -15.70
CA VAL B 151 -0.25 -44.89 -16.21
C VAL B 151 0.06 -43.94 -15.06
N MET B 152 0.83 -42.90 -15.35
CA MET B 152 1.18 -41.91 -14.33
C MET B 152 0.50 -40.63 -14.79
N ASP B 153 -0.74 -40.44 -14.36
CA ASP B 153 -1.55 -39.29 -14.74
C ASP B 153 -1.20 -38.14 -13.82
N SER B 154 -0.40 -37.19 -14.33
CA SER B 154 0.08 -36.08 -13.51
C SER B 154 -0.77 -34.84 -13.79
N GLY B 155 -1.93 -34.80 -13.15
CA GLY B 155 -2.81 -33.67 -13.29
C GLY B 155 -2.32 -32.45 -12.52
N ASP B 156 -3.06 -31.35 -12.68
CA ASP B 156 -2.75 -30.15 -11.93
C ASP B 156 -3.06 -30.33 -10.44
N GLY B 157 -4.20 -30.93 -10.13
CA GLY B 157 -4.60 -31.04 -8.73
C GLY B 157 -3.95 -32.21 -8.02
N VAL B 158 -3.89 -33.37 -8.67
CA VAL B 158 -3.43 -34.59 -8.01
C VAL B 158 -2.86 -35.53 -9.06
N THR B 159 -1.70 -36.11 -8.75
CA THR B 159 -1.10 -37.17 -9.54
C THR B 159 -1.51 -38.51 -8.95
N HIS B 160 -1.64 -39.53 -9.80
CA HIS B 160 -2.09 -40.84 -9.38
C HIS B 160 -1.67 -41.88 -10.40
N THR B 161 -1.59 -43.14 -9.94
CA THR B 161 -1.11 -44.24 -10.75
C THR B 161 -1.99 -45.46 -10.54
N VAL B 162 -2.48 -46.02 -11.64
CA VAL B 162 -3.32 -47.22 -11.59
C VAL B 162 -2.71 -48.30 -12.48
N PRO B 163 -2.32 -49.45 -11.93
CA PRO B 163 -1.79 -50.53 -12.77
C PRO B 163 -2.92 -51.23 -13.52
N ILE B 164 -2.65 -51.58 -14.77
CA ILE B 164 -3.59 -52.32 -15.61
C ILE B 164 -2.85 -53.48 -16.25
N TYR B 165 -3.58 -54.57 -16.49
CA TYR B 165 -3.01 -55.77 -17.10
C TYR B 165 -4.15 -56.51 -17.79
N GLU B 166 -4.25 -56.35 -19.10
CA GLU B 166 -5.36 -56.85 -19.92
C GLU B 166 -6.69 -56.71 -19.19
N GLY B 167 -6.99 -55.47 -18.82
CA GLY B 167 -8.16 -55.19 -18.02
C GLY B 167 -7.93 -55.51 -16.55
N TYR B 168 -9.03 -55.67 -15.83
CA TYR B 168 -9.01 -56.09 -14.43
C TYR B 168 -8.15 -55.14 -13.58
N ALA B 169 -8.62 -53.91 -13.48
CA ALA B 169 -7.91 -52.90 -12.69
C ALA B 169 -7.76 -53.36 -11.24
N LEU B 170 -6.56 -53.19 -10.70
CA LEU B 170 -6.27 -53.60 -9.34
C LEU B 170 -6.60 -52.45 -8.40
N PRO B 171 -7.62 -52.56 -7.56
CA PRO B 171 -8.00 -51.42 -6.70
C PRO B 171 -7.07 -51.25 -5.51
N HIS B 172 -6.42 -52.34 -5.10
CA HIS B 172 -5.53 -52.29 -3.94
C HIS B 172 -4.16 -51.73 -4.25
N ALA B 173 -3.79 -51.60 -5.53
CA ALA B 173 -2.48 -51.10 -5.92
C ALA B 173 -2.54 -49.67 -6.42
N ILE B 174 -3.65 -48.96 -6.21
CA ILE B 174 -3.79 -47.59 -6.65
C ILE B 174 -3.26 -46.66 -5.56
N LEU B 175 -2.29 -45.83 -5.91
CA LEU B 175 -1.75 -44.84 -5.00
C LEU B 175 -2.06 -43.44 -5.51
N ARG B 176 -2.52 -42.59 -4.59
CA ARG B 176 -2.87 -41.21 -4.90
C ARG B 176 -1.96 -40.27 -4.13
N LEU B 177 -1.29 -39.37 -4.85
CA LEU B 177 -0.31 -38.46 -4.27
C LEU B 177 -0.74 -37.02 -4.55
N ASP B 178 -0.78 -36.21 -3.50
CA ASP B 178 -1.29 -34.84 -3.61
C ASP B 178 -0.29 -33.87 -4.22
N LEU B 179 0.95 -34.28 -4.43
CA LEU B 179 1.92 -33.41 -5.11
C LEU B 179 1.64 -33.41 -6.61
N ALA B 180 1.50 -32.23 -7.18
CA ALA B 180 1.13 -32.10 -8.59
C ALA B 180 1.58 -30.74 -9.09
N GLY B 181 1.10 -30.34 -10.27
CA GLY B 181 1.55 -29.10 -10.87
C GLY B 181 1.18 -27.87 -10.06
N ARG B 182 -0.03 -27.85 -9.51
CA ARG B 182 -0.49 -26.67 -8.78
C ARG B 182 0.37 -26.41 -7.56
N ASP B 183 0.60 -27.44 -6.74
CA ASP B 183 1.46 -27.25 -5.57
C ASP B 183 2.90 -27.00 -5.98
N LEU B 184 3.30 -27.49 -7.15
CA LEU B 184 4.64 -27.22 -7.67
C LEU B 184 4.80 -25.74 -7.99
N THR B 185 3.73 -25.10 -8.49
CA THR B 185 3.79 -23.68 -8.80
C THR B 185 4.05 -22.85 -7.56
N ASP B 186 3.40 -23.20 -6.45
CA ASP B 186 3.60 -22.45 -5.20
C ASP B 186 5.04 -22.52 -4.73
N TYR B 187 5.78 -23.55 -5.14
CA TYR B 187 7.20 -23.63 -4.83
C TYR B 187 8.02 -22.63 -5.63
N LEU B 188 7.62 -22.36 -6.87
CA LEU B 188 8.35 -21.42 -7.71
C LEU B 188 8.36 -20.02 -7.11
N MET B 189 7.25 -19.62 -6.48
CA MET B 189 7.18 -18.28 -5.91
C MET B 189 8.16 -18.12 -4.75
N LYS B 190 8.26 -19.13 -3.89
CA LYS B 190 9.20 -19.09 -2.79
C LYS B 190 10.64 -19.15 -3.28
N ILE B 191 10.88 -19.93 -4.33
CA ILE B 191 12.23 -20.02 -4.88
C ILE B 191 12.66 -18.70 -5.51
N LEU B 192 11.77 -18.08 -6.30
CA LEU B 192 12.11 -16.84 -6.97
C LEU B 192 12.33 -15.70 -5.98
N THR B 193 11.71 -15.78 -4.80
CA THR B 193 11.94 -14.77 -3.77
C THR B 193 13.41 -14.73 -3.38
N GLU B 194 14.09 -15.86 -3.38
CA GLU B 194 15.52 -15.89 -3.08
C GLU B 194 16.31 -15.09 -4.13
N ARG B 195 15.95 -15.22 -5.40
CA ARG B 195 16.64 -14.47 -6.44
C ARG B 195 16.43 -12.98 -6.29
N GLY B 196 15.22 -12.56 -5.95
CA GLY B 196 14.93 -11.15 -5.77
C GLY B 196 13.60 -10.70 -6.34
N TYR B 197 12.86 -11.62 -6.94
CA TYR B 197 11.57 -11.32 -7.55
C TYR B 197 10.46 -11.78 -6.62
N SER B 198 9.46 -10.93 -6.42
CA SER B 198 8.36 -11.20 -5.49
C SER B 198 7.07 -11.36 -6.27
N PHE B 199 6.43 -12.52 -6.12
CA PHE B 199 5.10 -12.78 -6.65
C PHE B 199 4.25 -13.32 -5.51
N THR B 200 3.42 -12.46 -4.92
CA THR B 200 2.62 -12.84 -3.75
C THR B 200 1.16 -13.09 -4.10
N THR B 201 0.50 -12.11 -4.72
CA THR B 201 -0.93 -12.20 -4.97
C THR B 201 -1.23 -13.17 -6.10
N THR B 202 -2.49 -13.60 -6.16
CA THR B 202 -2.92 -14.59 -7.14
C THR B 202 -3.01 -14.03 -8.55
N ALA B 203 -3.01 -12.71 -8.72
CA ALA B 203 -3.02 -12.14 -10.06
C ALA B 203 -1.74 -12.49 -10.80
N GLU B 204 -0.60 -12.47 -10.10
CA GLU B 204 0.67 -12.86 -10.68
C GLU B 204 0.92 -14.37 -10.58
N ARG B 205 -0.01 -15.12 -10.00
CA ARG B 205 0.14 -16.57 -9.94
C ARG B 205 0.13 -17.19 -11.33
N GLU B 206 -0.70 -16.65 -12.24
CA GLU B 206 -0.68 -17.13 -13.62
C GLU B 206 0.66 -16.84 -14.27
N ILE B 207 1.26 -15.69 -13.96
CA ILE B 207 2.52 -15.30 -14.59
C ILE B 207 3.61 -16.32 -14.30
N VAL B 208 3.69 -16.78 -13.05
CA VAL B 208 4.68 -17.80 -12.69
C VAL B 208 4.41 -19.09 -13.47
N ARG B 209 3.14 -19.47 -13.60
CA ARG B 209 2.81 -20.69 -14.33
C ARG B 209 3.28 -20.62 -15.78
N ASP B 210 3.14 -19.45 -16.41
CA ASP B 210 3.63 -19.29 -17.78
C ASP B 210 5.15 -19.42 -17.85
N ILE B 211 5.85 -18.96 -16.82
CA ILE B 211 7.31 -19.11 -16.77
C ILE B 211 7.68 -20.58 -16.70
N LYS B 212 6.93 -21.36 -15.90
CA LYS B 212 7.28 -22.75 -15.68
C LYS B 212 7.23 -23.57 -16.97
N GLU B 213 6.22 -23.34 -17.80
CA GLU B 213 6.02 -24.15 -18.99
C GLU B 213 6.90 -23.70 -20.16
N LYS B 214 7.70 -22.65 -20.00
CA LYS B 214 8.55 -22.17 -21.08
C LYS B 214 10.04 -22.26 -20.81
N LEU B 215 10.47 -22.33 -19.55
CA LEU B 215 11.89 -22.32 -19.23
C LEU B 215 12.35 -23.54 -18.44
N CYS B 216 11.57 -24.00 -17.47
CA CYS B 216 12.02 -25.06 -16.58
C CYS B 216 12.19 -26.37 -17.33
N TYR B 217 13.13 -27.18 -16.84
CA TYR B 217 13.41 -28.49 -17.42
C TYR B 217 14.10 -29.36 -16.38
N VAL B 218 14.08 -30.67 -16.62
CA VAL B 218 14.62 -31.65 -15.69
C VAL B 218 15.98 -32.10 -16.17
N ALA B 219 16.96 -32.11 -15.28
CA ALA B 219 18.30 -32.59 -15.60
C ALA B 219 18.41 -34.09 -15.35
N LEU B 220 19.41 -34.70 -15.98
CA LEU B 220 19.67 -36.12 -15.78
C LEU B 220 20.35 -36.42 -14.45
N ASP B 221 20.97 -35.41 -13.84
CA ASP B 221 21.62 -35.58 -12.54
C ASP B 221 21.54 -34.24 -11.81
N PHE B 222 20.72 -34.17 -10.77
CA PHE B 222 20.50 -32.92 -10.07
C PHE B 222 21.77 -32.44 -9.38
N GLU B 223 22.55 -33.35 -8.81
CA GLU B 223 23.74 -32.96 -8.07
C GLU B 223 24.79 -32.36 -9.00
N GLN B 224 25.10 -33.04 -10.11
CA GLN B 224 26.10 -32.53 -11.04
C GLN B 224 25.64 -31.21 -11.66
N GLU B 225 24.35 -31.10 -11.98
CA GLU B 225 23.84 -29.88 -12.58
C GLU B 225 23.95 -28.69 -11.64
N MET B 226 23.94 -28.94 -10.33
CA MET B 226 24.13 -27.86 -9.37
C MET B 226 25.49 -27.19 -9.54
N ALA B 227 26.53 -27.99 -9.69
CA ALA B 227 27.88 -27.44 -9.83
C ALA B 227 28.04 -26.66 -11.14
N THR B 228 27.48 -27.18 -12.22
CA THR B 228 27.63 -26.52 -13.52
C THR B 228 26.96 -25.16 -13.53
N ALA B 229 25.73 -25.09 -13.00
CA ALA B 229 24.98 -23.83 -13.03
C ALA B 229 25.52 -22.82 -12.02
N ALA B 230 26.06 -23.30 -10.90
CA ALA B 230 26.59 -22.39 -9.88
C ALA B 230 27.89 -21.73 -10.31
N SER B 231 28.50 -22.17 -11.41
CA SER B 231 29.76 -21.60 -11.88
C SER B 231 29.71 -21.22 -13.35
N SER B 232 28.52 -21.00 -13.90
CA SER B 232 28.39 -20.63 -15.30
C SER B 232 27.07 -19.91 -15.51
N SER B 233 27.05 -19.02 -16.50
CA SER B 233 25.84 -18.31 -16.90
C SER B 233 25.14 -18.96 -18.08
N SER B 234 25.62 -20.11 -18.53
CA SER B 234 25.02 -20.77 -19.69
C SER B 234 23.58 -21.18 -19.42
N LEU B 235 23.31 -21.69 -18.21
CA LEU B 235 21.96 -22.11 -17.87
C LEU B 235 21.00 -20.93 -17.73
N GLU B 236 21.51 -19.71 -17.64
CA GLU B 236 20.67 -18.54 -17.43
C GLU B 236 19.96 -18.15 -18.73
N LYS B 237 18.66 -17.95 -18.64
CA LYS B 237 17.84 -17.55 -19.79
C LYS B 237 16.93 -16.40 -19.39
N SER B 238 16.80 -15.42 -20.26
CA SER B 238 15.99 -14.24 -19.99
C SER B 238 14.53 -14.49 -20.35
N TYR B 239 13.66 -13.71 -19.72
CA TYR B 239 12.23 -13.79 -19.97
C TYR B 239 11.63 -12.40 -19.83
N GLU B 240 10.53 -12.16 -20.53
CA GLU B 240 9.87 -10.85 -20.53
C GLU B 240 8.56 -10.93 -19.76
N LEU B 241 8.40 -10.02 -18.80
CA LEU B 241 7.19 -9.94 -18.02
C LEU B 241 6.09 -9.21 -18.80
N PRO B 242 4.84 -9.35 -18.40
CA PRO B 242 3.76 -8.62 -19.08
C PRO B 242 3.94 -7.11 -19.06
N ASP B 243 4.56 -6.56 -18.02
CA ASP B 243 4.77 -5.11 -17.94
C ASP B 243 6.01 -4.66 -18.67
N GLY B 244 6.78 -5.57 -19.27
CA GLY B 244 7.98 -5.24 -20.00
C GLY B 244 9.28 -5.51 -19.26
N GLN B 245 9.21 -5.81 -17.97
CA GLN B 245 10.41 -6.10 -17.19
C GLN B 245 11.04 -7.40 -17.66
N VAL B 246 12.37 -7.45 -17.63
CA VAL B 246 13.13 -8.63 -18.01
C VAL B 246 13.70 -9.26 -16.74
N ILE B 247 13.34 -10.51 -16.49
CA ILE B 247 13.81 -11.25 -15.33
C ILE B 247 14.73 -12.37 -15.79
N THR B 248 15.78 -12.61 -15.03
CA THR B 248 16.79 -13.62 -15.36
C THR B 248 16.62 -14.80 -14.43
N ILE B 249 16.62 -16.01 -15.00
CA ILE B 249 16.45 -17.24 -14.24
C ILE B 249 17.80 -17.95 -14.20
N GLY B 250 18.28 -18.22 -12.99
CA GLY B 250 19.59 -18.83 -12.82
C GLY B 250 19.53 -20.34 -12.68
N ASN B 251 20.20 -20.88 -11.65
CA ASN B 251 20.21 -22.31 -11.41
C ASN B 251 18.84 -22.86 -11.03
N GLU B 252 17.90 -21.99 -10.68
CA GLU B 252 16.57 -22.42 -10.24
C GLU B 252 15.76 -23.05 -11.37
N ARG B 253 16.21 -22.95 -12.62
CA ARG B 253 15.42 -23.45 -13.74
C ARG B 253 15.08 -24.93 -13.57
N PHE B 254 16.00 -25.71 -13.02
CA PHE B 254 15.78 -27.14 -12.85
C PHE B 254 15.43 -27.54 -11.43
N ARG B 255 15.64 -26.65 -10.46
CA ARG B 255 15.32 -27.00 -9.08
C ARG B 255 13.82 -27.17 -8.88
N CYS B 256 13.01 -26.33 -9.54
CA CYS B 256 11.57 -26.44 -9.39
C CYS B 256 11.02 -27.77 -9.90
N PRO B 257 11.36 -28.24 -11.11
CA PRO B 257 10.88 -29.57 -11.51
C PRO B 257 11.39 -30.69 -10.62
N GLU B 258 12.56 -30.51 -10.01
CA GLU B 258 13.16 -31.57 -9.19
C GLU B 258 12.32 -31.89 -7.97
N ALA B 259 11.42 -30.99 -7.56
CA ALA B 259 10.57 -31.26 -6.40
C ALA B 259 9.70 -32.49 -6.59
N LEU B 260 9.45 -32.90 -7.83
CA LEU B 260 8.69 -34.13 -8.06
C LEU B 260 9.43 -35.36 -7.53
N PHE B 261 10.75 -35.41 -7.76
CA PHE B 261 11.54 -36.56 -7.33
C PHE B 261 11.95 -36.49 -5.87
N GLN B 262 12.02 -35.30 -5.28
CA GLN B 262 12.42 -35.11 -3.89
C GLN B 262 11.38 -34.26 -3.19
N PRO B 263 10.27 -34.87 -2.75
CA PRO B 263 9.24 -34.09 -2.05
C PRO B 263 9.72 -33.47 -0.75
N SER B 264 10.86 -33.93 -0.20
CA SER B 264 11.41 -33.32 0.99
C SER B 264 11.78 -31.86 0.77
N PHE B 265 12.02 -31.46 -0.48
CA PHE B 265 12.19 -30.04 -0.77
C PHE B 265 10.94 -29.25 -0.41
N LEU B 266 9.77 -29.79 -0.73
CA LEU B 266 8.49 -29.18 -0.41
C LEU B 266 8.02 -29.46 1.00
N GLY B 267 8.72 -30.33 1.74
CA GLY B 267 8.32 -30.71 3.06
C GLY B 267 7.29 -31.82 3.12
N MET B 268 6.79 -32.28 1.98
CA MET B 268 5.84 -33.37 1.97
C MET B 268 6.58 -34.69 2.24
N GLU B 269 6.03 -35.49 3.15
CA GLU B 269 6.70 -36.70 3.61
C GLU B 269 6.74 -37.81 2.57
N SER B 270 5.78 -37.83 1.65
CA SER B 270 5.64 -38.94 0.71
C SER B 270 6.91 -39.14 -0.13
N CYS B 271 7.00 -40.31 -0.74
CA CYS B 271 8.14 -40.65 -1.56
C CYS B 271 8.09 -39.88 -2.88
N GLY B 272 9.16 -40.01 -3.66
CA GLY B 272 9.23 -39.34 -4.95
C GLY B 272 8.29 -39.94 -5.97
N ILE B 273 8.20 -39.27 -7.11
CA ILE B 273 7.32 -39.73 -8.18
C ILE B 273 7.78 -41.10 -8.71
N HIS B 274 9.09 -41.26 -8.90
CA HIS B 274 9.59 -42.56 -9.38
C HIS B 274 9.40 -43.63 -8.32
N GLU B 275 9.60 -43.28 -7.04
CA GLU B 275 9.38 -44.25 -5.97
C GLU B 275 7.91 -44.64 -5.88
N THR B 276 7.01 -43.68 -6.14
CA THR B 276 5.59 -44.00 -6.16
C THR B 276 5.27 -44.99 -7.29
N THR B 277 5.86 -44.77 -8.46
CA THR B 277 5.63 -45.69 -9.58
C THR B 277 6.20 -47.07 -9.28
N PHE B 278 7.41 -47.12 -8.71
CA PHE B 278 8.01 -48.40 -8.36
C PHE B 278 7.19 -49.15 -7.31
N ASN B 279 6.68 -48.43 -6.31
CA ASN B 279 5.89 -49.05 -5.27
C ASN B 279 4.59 -49.63 -5.80
N SER B 280 4.04 -49.03 -6.85
CA SER B 280 2.78 -49.51 -7.41
C SER B 280 2.93 -50.93 -7.94
N ILE B 281 4.01 -51.21 -8.66
CA ILE B 281 4.22 -52.54 -9.22
C ILE B 281 4.50 -53.57 -8.13
N MET B 282 5.22 -53.16 -7.08
CA MET B 282 5.66 -54.12 -6.07
C MET B 282 4.47 -54.76 -5.36
N LYS B 283 3.40 -54.00 -5.14
CA LYS B 283 2.22 -54.55 -4.48
C LYS B 283 1.56 -55.66 -5.29
N CYS B 284 1.83 -55.74 -6.58
CA CYS B 284 1.21 -56.74 -7.42
C CYS B 284 2.00 -58.05 -7.38
N ASP B 285 1.41 -59.08 -7.98
CA ASP B 285 2.03 -60.40 -8.03
C ASP B 285 3.24 -60.34 -8.97
N VAL B 286 4.24 -61.19 -8.67
CA VAL B 286 5.44 -61.23 -9.50
C VAL B 286 5.14 -61.72 -10.91
N ASP B 287 4.09 -62.52 -11.08
CA ASP B 287 3.76 -63.07 -12.39
C ASP B 287 3.47 -61.98 -13.41
N ILE B 288 2.99 -60.81 -12.97
CA ILE B 288 2.63 -59.73 -13.87
C ILE B 288 3.60 -58.57 -13.82
N ARG B 289 4.64 -58.65 -12.99
CA ARG B 289 5.57 -57.53 -12.87
C ARG B 289 6.40 -57.34 -14.12
N LYS B 290 6.71 -58.42 -14.85
CA LYS B 290 7.56 -58.31 -16.02
C LYS B 290 6.90 -57.45 -17.10
N ASP B 291 5.65 -57.73 -17.42
CA ASP B 291 4.96 -56.98 -18.46
C ASP B 291 4.75 -55.53 -18.04
N LEU B 292 4.42 -55.30 -16.77
CA LEU B 292 4.19 -53.94 -16.29
C LEU B 292 5.45 -53.09 -16.40
N TYR B 293 6.63 -53.70 -16.26
CA TYR B 293 7.87 -52.95 -16.38
C TYR B 293 8.10 -52.47 -17.80
N ALA B 294 7.66 -53.23 -18.80
CA ALA B 294 7.89 -52.88 -20.20
C ALA B 294 6.85 -51.93 -20.76
N ASN B 295 5.76 -51.67 -20.03
CA ASN B 295 4.69 -50.80 -20.50
C ASN B 295 4.41 -49.74 -19.43
N THR B 296 4.94 -48.54 -19.64
CA THR B 296 4.66 -47.41 -18.77
C THR B 296 4.16 -46.26 -19.64
N VAL B 297 2.95 -45.78 -19.35
CA VAL B 297 2.31 -44.74 -20.14
C VAL B 297 2.27 -43.47 -19.30
N LEU B 298 2.77 -42.38 -19.87
CA LEU B 298 2.75 -41.09 -19.19
C LEU B 298 1.49 -40.33 -19.58
N SER B 299 1.14 -39.34 -18.77
CA SER B 299 -0.07 -38.56 -19.00
C SER B 299 0.00 -37.29 -18.17
N GLY B 300 -0.95 -36.39 -18.43
CA GLY B 300 -1.04 -35.14 -17.71
C GLY B 300 -0.13 -34.07 -18.28
N GLY B 301 -0.32 -32.85 -17.78
CA GLY B 301 0.45 -31.71 -18.27
C GLY B 301 1.81 -31.53 -17.63
N THR B 302 2.00 -32.05 -16.41
CA THR B 302 3.25 -31.79 -15.70
C THR B 302 4.38 -32.68 -16.19
N THR B 303 4.08 -33.74 -16.94
CA THR B 303 5.10 -34.56 -17.56
C THR B 303 5.61 -33.96 -18.87
N MET B 304 5.31 -32.69 -19.12
CA MET B 304 5.74 -32.00 -20.32
C MET B 304 7.17 -31.49 -20.25
N TYR B 305 7.79 -31.51 -19.08
CA TYR B 305 9.13 -30.96 -18.96
C TYR B 305 10.11 -31.79 -19.79
N PRO B 306 11.03 -31.14 -20.51
CA PRO B 306 12.01 -31.89 -21.31
C PRO B 306 12.88 -32.77 -20.44
N GLY B 307 13.21 -33.95 -20.96
CA GLY B 307 14.08 -34.87 -20.26
C GLY B 307 13.41 -35.72 -19.19
N ILE B 308 12.10 -35.56 -18.98
CA ILE B 308 11.41 -36.36 -17.97
C ILE B 308 11.37 -37.83 -18.34
N ALA B 309 11.53 -38.16 -19.63
CA ALA B 309 11.55 -39.56 -20.05
C ALA B 309 12.85 -40.23 -19.60
N ASP B 310 13.98 -39.56 -19.81
CA ASP B 310 15.27 -40.14 -19.41
C ASP B 310 15.37 -40.29 -17.89
N ARG B 311 14.92 -39.26 -17.15
CA ARG B 311 15.05 -39.32 -15.69
C ARG B 311 14.22 -40.46 -15.11
N MET B 312 13.00 -40.65 -15.60
CA MET B 312 12.16 -41.73 -15.10
C MET B 312 12.79 -43.09 -15.37
N GLN B 313 13.36 -43.26 -16.56
CA GLN B 313 14.02 -44.52 -16.89
C GLN B 313 15.21 -44.79 -15.98
N LYS B 314 16.00 -43.75 -15.71
CA LYS B 314 17.19 -43.92 -14.88
C LYS B 314 16.82 -44.26 -13.43
N GLU B 315 15.83 -43.54 -12.88
CA GLU B 315 15.45 -43.78 -11.48
C GLU B 315 14.87 -45.17 -11.29
N ILE B 316 14.02 -45.61 -12.20
CA ILE B 316 13.41 -46.94 -12.09
C ILE B 316 14.46 -48.02 -12.28
N THR B 317 15.44 -47.78 -13.17
CA THR B 317 16.46 -48.78 -13.44
C THR B 317 17.26 -49.13 -12.19
N ALA B 318 17.62 -48.12 -11.39
CA ALA B 318 18.31 -48.38 -10.14
C ALA B 318 17.43 -49.16 -9.16
N LEU B 319 16.15 -48.78 -9.07
CA LEU B 319 15.24 -49.50 -8.17
C LEU B 319 14.95 -50.90 -8.67
N ALA B 320 14.61 -51.04 -9.95
CA ALA B 320 14.27 -52.33 -10.51
C ALA B 320 15.52 -53.20 -10.64
N PRO B 321 15.35 -54.53 -10.65
CA PRO B 321 16.48 -55.42 -10.90
C PRO B 321 17.02 -55.21 -12.31
N SER B 322 18.33 -55.44 -12.46
CA SER B 322 18.98 -55.24 -13.74
C SER B 322 18.48 -56.25 -14.78
N THR B 323 18.88 -56.03 -16.03
CA THR B 323 18.48 -56.87 -17.16
C THR B 323 16.96 -56.98 -17.25
N MET B 324 16.27 -55.87 -17.06
CA MET B 324 14.82 -55.80 -17.20
C MET B 324 14.47 -54.68 -18.16
N LYS B 325 13.62 -54.99 -19.15
CA LYS B 325 13.24 -54.01 -20.17
C LYS B 325 12.29 -52.99 -19.57
N ILE B 326 12.77 -51.77 -19.37
CA ILE B 326 11.96 -50.66 -18.89
C ILE B 326 11.81 -49.68 -20.04
N LYS B 327 10.58 -49.54 -20.54
CA LYS B 327 10.29 -48.66 -21.67
C LYS B 327 9.35 -47.56 -21.21
N ILE B 328 9.76 -46.32 -21.42
CA ILE B 328 8.97 -45.15 -21.06
C ILE B 328 8.22 -44.70 -22.31
N ILE B 329 6.92 -44.97 -22.37
CA ILE B 329 6.09 -44.56 -23.49
C ILE B 329 5.56 -43.17 -23.19
N ALA B 330 6.11 -42.17 -23.88
CA ALA B 330 5.70 -40.77 -23.73
C ALA B 330 5.41 -40.23 -25.12
N PRO B 331 4.26 -40.57 -25.69
CA PRO B 331 3.97 -40.13 -27.05
C PRO B 331 3.78 -38.63 -27.09
N PRO B 332 4.09 -37.98 -28.22
CA PRO B 332 3.85 -36.54 -28.33
C PRO B 332 2.37 -36.22 -28.22
N GLU B 333 2.09 -35.00 -27.75
CA GLU B 333 0.73 -34.54 -27.50
C GLU B 333 0.03 -35.45 -26.49
N ARG B 334 0.76 -35.86 -25.46
CA ARG B 334 0.17 -36.65 -24.39
C ARG B 334 -0.57 -35.79 -23.37
N LYS B 335 -0.51 -34.47 -23.51
CA LYS B 335 -1.29 -33.58 -22.65
C LYS B 335 -2.79 -33.79 -22.85
N TYR B 336 -3.21 -34.19 -24.05
CA TYR B 336 -4.60 -34.43 -24.37
C TYR B 336 -4.96 -35.91 -24.34
N SER B 337 -4.11 -36.75 -23.72
CA SER B 337 -4.33 -38.18 -23.76
C SER B 337 -5.61 -38.58 -23.04
N VAL B 338 -5.89 -37.95 -21.90
CA VAL B 338 -7.07 -38.32 -21.12
C VAL B 338 -8.35 -38.04 -21.92
N TRP B 339 -8.40 -36.90 -22.60
CA TRP B 339 -9.58 -36.57 -23.39
C TRP B 339 -9.70 -37.45 -24.62
N ILE B 340 -8.57 -37.76 -25.26
CA ILE B 340 -8.59 -38.59 -26.46
C ILE B 340 -9.15 -39.97 -26.15
N GLY B 341 -8.73 -40.55 -25.03
CA GLY B 341 -9.26 -41.85 -24.65
C GLY B 341 -10.77 -41.83 -24.43
N GLY B 342 -11.27 -40.74 -23.85
CA GLY B 342 -12.70 -40.64 -23.65
C GLY B 342 -13.48 -40.61 -24.95
N SER B 343 -12.94 -39.93 -25.96
CA SER B 343 -13.61 -39.86 -27.26
C SER B 343 -13.71 -41.24 -27.90
N ILE B 344 -12.62 -42.01 -27.84
CA ILE B 344 -12.64 -43.37 -28.39
C ILE B 344 -13.64 -44.24 -27.64
N LEU B 345 -13.67 -44.14 -26.32
CA LEU B 345 -14.53 -44.98 -25.51
C LEU B 345 -16.01 -44.73 -25.82
N ALA B 346 -16.38 -43.46 -26.00
CA ALA B 346 -17.78 -43.13 -26.27
C ALA B 346 -18.24 -43.71 -27.60
N SER B 347 -17.38 -43.66 -28.63
CA SER B 347 -17.75 -44.17 -29.95
C SER B 347 -17.88 -45.68 -29.97
N LEU B 348 -17.36 -46.39 -28.97
CA LEU B 348 -17.43 -47.84 -28.94
C LEU B 348 -18.87 -48.30 -28.77
N SER B 349 -19.25 -49.32 -29.54
CA SER B 349 -20.62 -49.83 -29.49
C SER B 349 -20.89 -50.53 -28.16
N THR B 350 -19.89 -51.24 -27.62
CA THR B 350 -20.07 -51.98 -26.38
C THR B 350 -20.37 -51.03 -25.22
N PHE B 351 -19.74 -49.86 -25.21
CA PHE B 351 -19.91 -48.91 -24.12
C PHE B 351 -21.34 -48.36 -24.04
N GLN B 352 -22.13 -48.52 -25.10
CA GLN B 352 -23.49 -47.99 -25.09
C GLN B 352 -24.37 -48.63 -24.04
N GLN B 353 -24.01 -49.82 -23.56
CA GLN B 353 -24.78 -50.49 -22.52
C GLN B 353 -24.36 -50.11 -21.11
N MET B 354 -23.27 -49.36 -20.95
CA MET B 354 -22.81 -48.94 -19.63
C MET B 354 -23.37 -47.59 -19.21
N TRP B 355 -24.08 -46.90 -20.09
CA TRP B 355 -24.62 -45.58 -19.78
C TRP B 355 -25.67 -45.69 -18.67
N ILE B 356 -25.74 -44.67 -17.85
CA ILE B 356 -26.74 -44.58 -16.78
C ILE B 356 -27.87 -43.70 -17.26
N SER B 357 -29.05 -44.28 -17.40
CA SER B 357 -30.22 -43.55 -17.87
C SER B 357 -30.86 -42.77 -16.72
N LYS B 358 -31.60 -41.71 -17.09
CA LYS B 358 -32.29 -40.91 -16.08
C LYS B 358 -33.32 -41.74 -15.32
N GLN B 359 -33.92 -42.73 -15.98
CA GLN B 359 -34.85 -43.62 -15.29
C GLN B 359 -34.13 -44.39 -14.18
N GLU B 360 -32.91 -44.85 -14.44
CA GLU B 360 -32.15 -45.55 -13.41
C GLU B 360 -31.85 -44.63 -12.23
N TYR B 361 -31.46 -43.38 -12.52
CA TYR B 361 -31.18 -42.43 -11.44
C TYR B 361 -32.43 -42.13 -10.62
N ASP B 362 -33.58 -41.96 -11.29
CA ASP B 362 -34.82 -41.66 -10.58
C ASP B 362 -35.25 -42.84 -9.72
N GLU B 363 -35.04 -44.06 -10.20
CA GLU B 363 -35.54 -45.24 -9.49
C GLU B 363 -34.79 -45.47 -8.18
N SER B 364 -33.46 -45.44 -8.22
CA SER B 364 -32.65 -45.78 -7.06
C SER B 364 -31.93 -44.58 -6.46
N GLY B 365 -32.25 -43.37 -6.89
CA GLY B 365 -31.61 -42.19 -6.38
C GLY B 365 -30.23 -41.99 -6.96
N PRO B 366 -29.52 -40.94 -6.51
CA PRO B 366 -28.16 -40.71 -7.02
C PRO B 366 -27.16 -41.79 -6.64
N SER B 367 -27.46 -42.63 -5.65
CA SER B 367 -26.53 -43.65 -5.20
C SER B 367 -26.29 -44.75 -6.22
N ILE B 368 -26.98 -44.71 -7.37
CA ILE B 368 -26.81 -45.74 -8.39
C ILE B 368 -25.40 -45.73 -8.95
N VAL B 369 -24.73 -44.57 -8.91
CA VAL B 369 -23.41 -44.42 -9.55
C VAL B 369 -22.35 -45.30 -8.89
N HIS B 370 -22.61 -45.81 -7.69
CA HIS B 370 -21.66 -46.68 -7.02
C HIS B 370 -21.82 -48.15 -7.42
N ARG B 371 -22.86 -48.50 -8.17
CA ARG B 371 -23.15 -49.88 -8.50
C ARG B 371 -22.95 -50.17 -9.99
N LYS B 372 -23.61 -49.42 -10.87
CA LYS B 372 -23.51 -49.64 -12.30
C LYS B 372 -22.32 -48.95 -12.94
N CYS B 373 -21.52 -48.23 -12.15
CA CYS B 373 -20.35 -47.53 -12.66
C CYS B 373 -19.15 -47.82 -11.79
N PHE B 374 -17.97 -47.76 -12.39
CA PHE B 374 -16.72 -48.02 -11.67
C PHE B 374 -16.09 -46.73 -11.17
N ILE C 4 35.92 -9.37 22.97
CA ILE C 4 35.63 -10.26 24.09
C ILE C 4 34.14 -10.47 24.23
N ALA C 5 33.39 -9.37 24.28
CA ALA C 5 31.94 -9.43 24.41
C ALA C 5 31.32 -9.73 23.05
N ALA C 6 30.00 -9.62 22.96
CA ALA C 6 29.28 -9.87 21.72
C ALA C 6 28.40 -8.67 21.41
N LEU C 7 28.45 -8.20 20.16
CA LEU C 7 27.66 -7.07 19.72
C LEU C 7 26.38 -7.56 19.07
N VAL C 8 25.25 -6.98 19.47
CA VAL C 8 23.95 -7.34 18.93
C VAL C 8 23.30 -6.09 18.35
N VAL C 9 22.85 -6.18 17.10
CA VAL C 9 22.23 -5.06 16.41
C VAL C 9 21.00 -5.58 15.67
N ASP C 10 19.85 -4.93 15.89
CA ASP C 10 18.64 -5.23 15.14
C ASP C 10 18.50 -4.19 14.04
N ASN C 11 19.27 -4.40 12.97
CA ASN C 11 19.28 -3.45 11.86
C ASN C 11 18.00 -3.59 11.03
N GLY C 12 16.86 -3.25 11.63
CA GLY C 12 15.59 -3.28 10.92
C GLY C 12 15.20 -1.90 10.42
N SER C 13 14.00 -1.84 9.85
CA SER C 13 13.46 -0.58 9.36
C SER C 13 12.82 0.20 10.49
N GLY C 14 12.86 1.51 10.38
CA GLY C 14 12.27 2.39 11.39
C GLY C 14 13.17 2.73 12.56
N MET C 15 13.65 1.71 13.26
CA MET C 15 14.56 1.90 14.39
C MET C 15 15.68 0.88 14.30
N CYS C 16 16.84 1.25 14.84
CA CYS C 16 18.03 0.38 14.83
C CYS C 16 18.54 0.26 16.27
N LYS C 17 18.00 -0.68 17.01
CA LYS C 17 18.48 -0.92 18.37
C LYS C 17 19.88 -1.52 18.33
N ALA C 18 20.69 -1.15 19.31
CA ALA C 18 22.04 -1.69 19.44
C ALA C 18 22.40 -1.75 20.92
N GLY C 19 23.29 -2.66 21.25
CA GLY C 19 23.69 -2.84 22.63
C GLY C 19 24.68 -3.97 22.78
N PHE C 20 25.00 -4.29 24.03
CA PHE C 20 25.95 -5.33 24.35
C PHE C 20 25.24 -6.57 24.84
N ALA C 21 25.87 -7.72 24.64
CA ALA C 21 25.31 -8.99 25.11
C ALA C 21 25.28 -9.03 26.63
N GLY C 22 24.24 -9.66 27.17
CA GLY C 22 24.07 -9.76 28.60
C GLY C 22 23.18 -8.68 29.19
N ASP C 23 22.98 -7.57 28.49
CA ASP C 23 22.09 -6.52 28.96
C ASP C 23 20.64 -6.92 28.71
N ASP C 24 19.74 -6.28 29.45
CA ASP C 24 18.31 -6.52 29.32
C ASP C 24 17.59 -5.41 28.57
N ALA C 25 18.33 -4.46 28.00
CA ALA C 25 17.72 -3.35 27.28
C ALA C 25 18.75 -2.76 26.34
N PRO C 26 18.38 -2.41 25.11
CA PRO C 26 19.34 -1.78 24.20
C PRO C 26 19.77 -0.41 24.70
N ARG C 27 21.00 -0.04 24.37
CA ARG C 27 21.56 1.23 24.82
C ARG C 27 21.44 2.35 23.80
N ALA C 28 21.40 2.02 22.51
CA ALA C 28 21.30 3.01 21.44
C ALA C 28 20.11 2.68 20.57
N VAL C 29 19.01 3.40 20.76
CA VAL C 29 17.82 3.27 19.94
C VAL C 29 17.53 4.63 19.30
N PHE C 30 17.42 4.64 17.98
CA PHE C 30 17.24 5.88 17.22
C PHE C 30 16.58 5.53 15.90
N PRO C 31 15.88 6.50 15.29
CA PRO C 31 15.30 6.24 13.96
C PRO C 31 16.38 5.95 12.94
N SER C 32 16.06 5.04 12.02
CA SER C 32 16.99 4.64 10.96
C SER C 32 16.80 5.55 9.74
N ILE C 33 17.19 6.81 9.94
CA ILE C 33 17.04 7.84 8.90
C ILE C 33 18.38 8.51 8.69
N VAL C 34 18.80 8.61 7.44
CA VAL C 34 20.01 9.32 7.05
C VAL C 34 19.63 10.37 6.02
N GLY C 35 20.08 11.61 6.23
CA GLY C 35 19.71 12.69 5.34
C GLY C 35 20.87 13.55 4.91
N ARG C 36 20.90 13.91 3.61
CA ARG C 36 21.92 14.80 3.08
C ARG C 36 21.39 16.22 2.97
N PRO C 37 22.09 17.20 3.52
CA PRO C 37 21.61 18.58 3.44
C PRO C 37 21.57 19.10 2.02
N ARG C 38 20.57 19.94 1.75
CA ARG C 38 20.39 20.58 0.45
C ARG C 38 21.03 21.97 0.40
N HIS C 39 20.78 22.80 1.41
CA HIS C 39 21.42 24.10 1.51
C HIS C 39 22.70 23.96 2.32
N GLN C 40 23.80 24.48 1.77
CA GLN C 40 25.10 24.40 2.44
C GLN C 40 25.15 25.44 3.56
N GLY C 41 25.24 24.97 4.80
CA GLY C 41 25.31 25.85 5.94
C GLY C 41 25.70 25.13 7.20
N VAL C 42 26.67 25.68 7.93
CA VAL C 42 27.24 25.04 9.11
C VAL C 42 26.64 25.66 10.36
N MET C 43 26.25 24.81 11.31
CA MET C 43 25.68 25.27 12.58
C MET C 43 26.79 25.82 13.47
N VAL C 44 26.45 26.11 14.72
CA VAL C 44 27.39 26.74 15.64
C VAL C 44 28.39 25.71 16.12
N GLY C 45 29.66 25.90 15.75
CA GLY C 45 30.74 25.04 16.22
C GLY C 45 30.84 23.70 15.51
N MET C 46 30.17 23.54 14.38
CA MET C 46 30.26 22.34 13.56
C MET C 46 31.31 22.54 12.48
N GLY C 47 31.59 21.47 11.75
CA GLY C 47 32.57 21.49 10.67
C GLY C 47 32.01 21.05 9.34
N GLN C 48 30.77 21.44 9.05
CA GLN C 48 30.09 21.10 7.80
C GLN C 48 29.99 19.58 7.62
N LYS C 49 29.24 18.96 8.53
CA LYS C 49 29.01 17.53 8.48
C LYS C 49 28.37 17.14 7.16
N ASP C 50 28.86 16.07 6.55
CA ASP C 50 28.35 15.66 5.24
C ASP C 50 26.93 15.12 5.34
N SER C 51 26.61 14.40 6.41
CA SER C 51 25.27 13.82 6.55
C SER C 51 24.98 13.63 8.04
N TYR C 52 23.69 13.45 8.34
CA TYR C 52 23.23 13.23 9.69
C TYR C 52 22.51 11.89 9.77
N VAL C 53 22.66 11.22 10.91
CA VAL C 53 22.11 9.89 11.11
C VAL C 53 21.30 9.88 12.41
N GLY C 54 20.06 9.42 12.32
CA GLY C 54 19.25 9.17 13.50
C GLY C 54 18.66 10.40 14.16
N ASP C 55 19.05 10.65 15.41
CA ASP C 55 18.44 11.72 16.20
C ASP C 55 18.68 13.09 15.58
N GLU C 56 19.82 13.29 14.92
CA GLU C 56 20.09 14.57 14.27
C GLU C 56 19.08 14.85 13.17
N ALA C 57 18.74 13.83 12.38
CA ALA C 57 17.78 14.02 11.30
C ALA C 57 16.41 14.41 11.83
N GLN C 58 15.97 13.78 12.93
CA GLN C 58 14.66 14.11 13.49
C GLN C 58 14.63 15.51 14.05
N SER C 59 15.72 15.96 14.69
CA SER C 59 15.72 17.27 15.32
C SER C 59 15.81 18.40 14.30
N LYS C 60 16.40 18.13 13.13
CA LYS C 60 16.58 19.13 12.10
C LYS C 60 15.81 18.74 10.84
N ARG C 61 14.62 18.18 10.99
CA ARG C 61 13.89 17.62 9.85
C ARG C 61 13.54 18.66 8.79
N GLY C 62 13.73 19.95 9.07
CA GLY C 62 13.38 20.97 8.10
C GLY C 62 14.34 21.09 6.93
N ILE C 63 15.62 20.82 7.14
CA ILE C 63 16.62 21.16 6.13
C ILE C 63 17.44 19.95 5.71
N LEU C 64 16.89 18.75 5.86
CA LEU C 64 17.52 17.54 5.36
C LEU C 64 16.52 16.75 4.52
N THR C 65 17.03 16.03 3.52
CA THR C 65 16.22 15.18 2.65
C THR C 65 16.21 13.78 3.26
N LEU C 66 15.24 13.51 4.13
CA LEU C 66 15.19 12.23 4.83
C LEU C 66 14.86 11.10 3.86
N LYS C 67 15.56 9.98 4.02
CA LYS C 67 15.32 8.80 3.21
C LYS C 67 15.54 7.56 4.06
N TYR C 68 14.55 6.69 4.09
CA TYR C 68 14.69 5.44 4.85
C TYR C 68 15.51 4.45 4.04
N PRO C 69 16.68 4.00 4.54
CA PRO C 69 17.49 3.06 3.77
C PRO C 69 16.90 1.65 3.70
N ILE C 70 15.95 1.32 4.57
CA ILE C 70 15.34 0.00 4.61
C ILE C 70 13.90 0.10 4.13
N GLU C 71 13.56 -0.66 3.09
CA GLU C 71 12.20 -0.69 2.58
C GLU C 71 11.70 -2.14 2.54
N HIC C 72 10.67 -2.42 3.33
CA HIC C 72 10.10 -3.75 3.44
C HIC C 72 11.16 -4.79 3.81
O HIC C 72 11.16 -5.90 3.30
CB HIC C 72 9.41 -4.15 2.13
CG HIC C 72 8.26 -3.28 1.78
ND1 HIC C 72 7.09 -3.30 2.48
CD2 HIC C 72 8.16 -2.37 0.76
CE1 HIC C 72 6.31 -2.42 1.91
NE2 HIC C 72 6.91 -1.83 0.86
CZ HIC C 72 6.34 -0.81 0.01
N GLY C 73 12.07 -4.39 4.69
CA GLY C 73 13.13 -5.28 5.15
C GLY C 73 14.14 -5.61 4.07
N ILE C 74 14.25 -4.75 3.07
CA ILE C 74 15.18 -4.92 1.97
C ILE C 74 16.05 -3.68 1.87
N VAL C 75 17.36 -3.87 1.79
CA VAL C 75 18.30 -2.76 1.68
C VAL C 75 18.37 -2.33 0.22
N THR C 76 18.03 -1.06 -0.03
CA THR C 76 18.06 -0.52 -1.39
C THR C 76 19.43 0.07 -1.72
N ASN C 77 19.94 0.94 -0.86
CA ASN C 77 21.23 1.58 -1.06
C ASN C 77 22.21 1.12 0.01
N TRP C 78 23.49 1.04 -0.39
CA TRP C 78 24.54 0.62 0.53
C TRP C 78 25.51 1.73 0.90
N ASP C 79 25.50 2.84 0.16
CA ASP C 79 26.38 3.95 0.51
C ASP C 79 25.95 4.61 1.82
N ASP C 80 24.65 4.60 2.11
CA ASP C 80 24.15 5.15 3.37
C ASP C 80 23.98 4.10 4.45
N MET C 81 23.83 2.82 4.09
CA MET C 81 23.87 1.77 5.10
C MET C 81 25.23 1.72 5.79
N GLU C 82 26.30 1.97 5.03
CA GLU C 82 27.61 2.09 5.66
C GLU C 82 27.67 3.26 6.62
N LYS C 83 26.95 4.35 6.33
CA LYS C 83 26.94 5.51 7.20
C LYS C 83 26.21 5.23 8.50
N ILE C 84 25.01 4.65 8.43
CA ILE C 84 24.20 4.47 9.63
C ILE C 84 24.86 3.45 10.57
N TRP C 85 25.47 2.40 10.01
CA TRP C 85 26.24 1.48 10.84
C TRP C 85 27.44 2.17 11.47
N HIS C 86 28.16 2.98 10.68
CA HIS C 86 29.33 3.66 11.21
C HIS C 86 28.97 4.60 12.35
N HIS C 87 27.79 5.22 12.28
CA HIS C 87 27.32 6.07 13.37
C HIS C 87 27.05 5.26 14.63
N THR C 88 26.50 4.05 14.48
CA THR C 88 26.15 3.25 15.65
C THR C 88 27.38 2.85 16.43
N PHE C 89 28.42 2.39 15.74
CA PHE C 89 29.59 1.82 16.43
C PHE C 89 30.39 2.89 17.14
N TYR C 90 30.67 4.01 16.47
CA TYR C 90 31.59 5.02 16.97
C TYR C 90 30.91 6.16 17.70
N ASN C 91 29.74 6.60 17.24
CA ASN C 91 29.10 7.78 17.82
C ASN C 91 28.07 7.44 18.88
N GLU C 92 27.51 6.24 18.87
CA GLU C 92 26.48 5.87 19.84
C GLU C 92 27.01 4.95 20.92
N LEU C 93 27.61 3.82 20.54
CA LEU C 93 28.14 2.88 21.51
C LEU C 93 29.55 3.20 21.96
N ARG C 94 30.23 4.12 21.27
CA ARG C 94 31.56 4.59 21.67
C ARG C 94 32.55 3.43 21.82
N VAL C 95 32.44 2.43 20.95
CA VAL C 95 33.32 1.27 20.99
C VAL C 95 33.72 0.88 19.58
N ALA C 96 35.00 0.58 19.39
CA ALA C 96 35.47 0.11 18.10
C ALA C 96 34.88 -1.27 17.79
N PRO C 97 34.47 -1.51 16.55
CA PRO C 97 33.87 -2.81 16.22
C PRO C 97 34.88 -3.93 16.02
N GLU C 98 36.15 -3.61 15.77
CA GLU C 98 37.15 -4.63 15.50
C GLU C 98 37.48 -5.49 16.72
N GLU C 99 37.10 -5.05 17.91
CA GLU C 99 37.49 -5.78 19.12
C GLU C 99 36.69 -7.06 19.29
N HIS C 100 35.39 -7.01 19.05
CA HIS C 100 34.49 -8.11 19.41
C HIS C 100 33.55 -8.40 18.25
N PRO C 101 33.01 -9.62 18.19
CA PRO C 101 32.10 -9.97 17.10
C PRO C 101 30.76 -9.26 17.21
N VAL C 102 30.03 -9.28 16.10
CA VAL C 102 28.73 -8.62 15.99
C VAL C 102 27.72 -9.64 15.48
N LEU C 103 26.44 -9.42 15.82
CA LEU C 103 25.35 -10.31 15.43
C LEU C 103 24.24 -9.48 14.81
N LEU C 104 23.98 -9.69 13.53
CA LEU C 104 22.93 -8.97 12.81
C LEU C 104 21.65 -9.79 12.75
N THR C 105 20.56 -9.10 12.44
CA THR C 105 19.25 -9.73 12.30
C THR C 105 18.63 -9.36 10.97
N GLU C 106 17.73 -10.21 10.49
CA GLU C 106 17.06 -9.98 9.21
C GLU C 106 15.69 -10.63 9.23
N ALA C 107 14.86 -10.24 8.29
CA ALA C 107 13.56 -10.88 8.09
C ALA C 107 13.73 -12.14 7.25
N PRO C 108 12.85 -13.12 7.41
CA PRO C 108 12.95 -14.34 6.61
C PRO C 108 12.51 -14.09 5.17
N LEU C 109 12.95 -15.00 4.30
CA LEU C 109 12.64 -14.95 2.86
C LEU C 109 13.15 -13.68 2.21
N ASN C 110 14.26 -13.14 2.70
CA ASN C 110 14.87 -12.02 2.03
C ASN C 110 15.69 -12.50 0.83
N PRO C 111 15.89 -11.65 -0.17
CA PRO C 111 16.71 -12.04 -1.32
C PRO C 111 18.12 -12.43 -0.89
N LYS C 112 18.67 -13.45 -1.55
CA LYS C 112 19.99 -13.95 -1.19
C LYS C 112 21.07 -12.90 -1.40
N ALA C 113 20.84 -11.93 -2.28
CA ALA C 113 21.81 -10.86 -2.46
C ALA C 113 21.93 -9.98 -1.22
N ASN C 114 20.83 -9.84 -0.47
CA ASN C 114 20.86 -8.97 0.72
C ASN C 114 21.83 -9.50 1.76
N ARG C 115 21.74 -10.80 2.09
CA ARG C 115 22.64 -11.37 3.08
C ARG C 115 24.07 -11.41 2.57
N GLU C 116 24.26 -11.57 1.26
CA GLU C 116 25.61 -11.61 0.71
C GLU C 116 26.34 -10.29 0.92
N LYS C 117 25.64 -9.17 0.71
CA LYS C 117 26.29 -7.87 0.87
C LYS C 117 26.52 -7.53 2.34
N MET C 118 25.63 -8.00 3.23
CA MET C 118 25.81 -7.73 4.66
C MET C 118 27.11 -8.34 5.16
N THR C 119 27.38 -9.58 4.79
CA THR C 119 28.63 -10.23 5.19
C THR C 119 29.83 -9.54 4.57
N GLN C 120 29.73 -9.16 3.30
CA GLN C 120 30.87 -8.52 2.63
C GLN C 120 31.22 -7.19 3.29
N ILE C 121 30.21 -6.42 3.71
CA ILE C 121 30.46 -5.13 4.34
C ILE C 121 31.09 -5.33 5.71
N MET C 122 30.60 -6.30 6.48
CA MET C 122 31.10 -6.49 7.84
C MET C 122 32.59 -6.83 7.85
N PHE C 123 33.02 -7.71 6.95
CA PHE C 123 34.40 -8.17 6.97
C PHE C 123 35.37 -7.18 6.34
N GLU C 124 34.89 -6.24 5.53
CA GLU C 124 35.77 -5.30 4.85
C GLU C 124 35.80 -3.93 5.51
N THR C 125 34.64 -3.29 5.64
CA THR C 125 34.60 -1.93 6.19
C THR C 125 35.03 -1.92 7.66
N PHE C 126 34.55 -2.87 8.44
CA PHE C 126 34.81 -2.89 9.88
C PHE C 126 35.79 -3.96 10.32
N ASN C 127 36.04 -4.98 9.50
CA ASN C 127 36.94 -6.08 9.83
C ASN C 127 36.56 -6.73 11.16
N THR C 128 35.26 -6.95 11.35
CA THR C 128 34.78 -7.55 12.57
C THR C 128 35.27 -9.00 12.68
N PRO C 129 35.76 -9.43 13.86
CA PRO C 129 36.30 -10.78 13.99
C PRO C 129 35.32 -11.89 13.61
N ALA C 130 34.04 -11.74 13.95
CA ALA C 130 33.06 -12.79 13.65
C ALA C 130 31.69 -12.16 13.52
N MET C 131 30.83 -12.83 12.76
CA MET C 131 29.49 -12.32 12.51
C MET C 131 28.53 -13.48 12.30
N TYR C 132 27.24 -13.20 12.46
CA TYR C 132 26.20 -14.19 12.27
C TYR C 132 24.89 -13.46 11.98
N VAL C 133 24.04 -14.10 11.20
CA VAL C 133 22.74 -13.55 10.84
C VAL C 133 21.66 -14.54 11.28
N ALA C 134 20.69 -14.04 12.03
CA ALA C 134 19.61 -14.87 12.57
C ALA C 134 18.27 -14.32 12.11
N ILE C 135 17.32 -15.22 11.87
CA ILE C 135 15.98 -14.81 11.49
C ILE C 135 15.35 -14.02 12.63
N GLN C 136 14.69 -12.91 12.28
CA GLN C 136 14.11 -12.05 13.30
C GLN C 136 13.02 -12.76 14.09
N ALA C 137 12.33 -13.71 13.48
CA ALA C 137 11.29 -14.43 14.19
C ALA C 137 11.86 -15.40 15.21
N VAL C 138 12.97 -16.05 14.88
CA VAL C 138 13.58 -17.03 15.78
C VAL C 138 14.04 -16.34 17.07
N LEU C 139 14.68 -15.18 16.95
CA LEU C 139 15.17 -14.48 18.13
C LEU C 139 14.05 -14.02 19.04
N SER C 140 12.85 -13.80 18.49
CA SER C 140 11.73 -13.37 19.31
C SER C 140 11.33 -14.44 20.31
N LEU C 141 11.38 -15.71 19.92
CA LEU C 141 10.98 -16.79 20.82
C LEU C 141 11.93 -16.93 22.00
N TYR C 142 13.20 -16.54 21.83
CA TYR C 142 14.16 -16.68 22.91
C TYR C 142 13.78 -15.80 24.10
N ALA C 143 13.26 -14.61 23.83
CA ALA C 143 12.89 -13.70 24.91
C ALA C 143 11.81 -14.32 25.81
N SER C 144 10.81 -14.96 25.20
CA SER C 144 9.79 -15.63 25.99
C SER C 144 10.33 -16.86 26.73
N GLY C 145 11.45 -17.41 26.28
CA GLY C 145 12.00 -18.60 26.89
C GLY C 145 11.28 -19.89 26.56
N ARG C 146 10.35 -19.85 25.61
CA ARG C 146 9.56 -21.03 25.26
C ARG C 146 10.38 -21.92 24.32
N THR C 147 9.73 -22.97 23.81
CA THR C 147 10.36 -23.89 22.88
C THR C 147 9.51 -24.02 21.63
N THR C 148 8.19 -23.92 21.80
CA THR C 148 7.23 -24.10 20.73
C THR C 148 6.34 -22.87 20.64
N GLY C 149 5.73 -22.69 19.47
CA GLY C 149 4.78 -21.61 19.26
C GLY C 149 5.15 -20.74 18.08
N ILE C 150 4.13 -20.20 17.42
CA ILE C 150 4.35 -19.32 16.28
C ILE C 150 4.86 -17.98 16.78
N VAL C 151 5.56 -17.26 15.92
CA VAL C 151 6.08 -15.93 16.22
C VAL C 151 5.44 -14.96 15.25
N MET C 152 4.81 -13.92 15.77
CA MET C 152 4.11 -12.92 14.97
C MET C 152 4.97 -11.65 14.99
N ASP C 153 5.94 -11.59 14.07
CA ASP C 153 6.83 -10.44 13.97
C ASP C 153 6.25 -9.49 12.92
N SER C 154 5.52 -8.48 13.38
CA SER C 154 4.94 -7.46 12.51
C SER C 154 5.71 -6.16 12.77
N GLY C 155 6.81 -5.99 12.05
CA GLY C 155 7.67 -4.85 12.26
C GLY C 155 7.20 -3.59 11.57
N ASP C 156 8.12 -2.86 10.96
CA ASP C 156 7.81 -1.59 10.32
C ASP C 156 7.44 -1.80 8.85
N GLY C 157 8.17 -2.66 8.15
CA GLY C 157 7.92 -2.88 6.74
C GLY C 157 7.65 -4.32 6.34
N VAL C 158 7.86 -5.26 7.26
CA VAL C 158 7.67 -6.68 6.96
C VAL C 158 6.94 -7.35 8.11
N THR C 159 5.96 -8.19 7.78
CA THR C 159 5.23 -8.97 8.76
C THR C 159 5.32 -10.44 8.35
N HIS C 160 5.78 -11.28 9.27
CA HIS C 160 6.00 -12.70 8.96
C HIS C 160 5.69 -13.55 10.17
N THR C 161 5.35 -14.81 9.91
CA THR C 161 5.10 -15.80 10.96
C THR C 161 5.94 -17.04 10.69
N VAL C 162 6.70 -17.46 11.68
CA VAL C 162 7.55 -18.64 11.58
C VAL C 162 7.15 -19.62 12.69
N PRO C 163 6.37 -20.65 12.36
CA PRO C 163 6.00 -21.63 13.38
C PRO C 163 7.19 -22.49 13.77
N ILE C 164 7.43 -22.60 15.08
CA ILE C 164 8.54 -23.36 15.62
C ILE C 164 7.98 -24.36 16.62
N TYR C 165 8.43 -25.62 16.52
CA TYR C 165 8.00 -26.69 17.42
C TYR C 165 9.22 -27.42 17.94
N GLU C 166 9.41 -27.38 19.26
CA GLU C 166 10.49 -28.10 19.94
C GLU C 166 11.85 -27.77 19.34
N GLY C 167 12.06 -26.51 19.02
CA GLY C 167 13.33 -26.07 18.46
C GLY C 167 13.51 -26.37 16.99
N TYR C 168 12.48 -26.89 16.32
CA TYR C 168 12.56 -27.22 14.90
C TYR C 168 11.67 -26.25 14.13
N ALA C 169 12.26 -25.55 13.17
CA ALA C 169 11.48 -24.65 12.33
C ALA C 169 10.79 -25.43 11.21
N LEU C 170 9.82 -24.78 10.59
CA LEU C 170 9.07 -25.34 9.47
C LEU C 170 9.21 -24.39 8.29
N PRO C 171 10.25 -24.55 7.47
CA PRO C 171 10.48 -23.59 6.37
C PRO C 171 9.32 -23.53 5.37
N HIS C 172 8.62 -24.64 5.16
CA HIS C 172 7.52 -24.64 4.20
C HIS C 172 6.30 -23.88 4.69
N ALA C 173 6.20 -23.64 5.99
CA ALA C 173 5.04 -22.97 6.57
C ALA C 173 5.30 -21.50 6.88
N ILE C 174 6.42 -20.96 6.44
CA ILE C 174 6.73 -19.55 6.70
C ILE C 174 5.94 -18.69 5.75
N LEU C 175 5.18 -17.74 6.30
CA LEU C 175 4.39 -16.80 5.53
C LEU C 175 4.91 -15.39 5.75
N ARG C 176 5.07 -14.65 4.67
CA ARG C 176 5.56 -13.27 4.73
C ARG C 176 4.56 -12.36 4.04
N LEU C 177 4.18 -11.28 4.73
CA LEU C 177 3.22 -10.32 4.21
C LEU C 177 3.81 -8.93 4.35
N ASP C 178 3.73 -8.14 3.27
CA ASP C 178 4.35 -6.82 3.26
C ASP C 178 3.52 -5.76 3.97
N LEU C 179 2.29 -6.08 4.37
CA LEU C 179 1.50 -5.14 5.15
C LEU C 179 2.11 -4.98 6.54
N ALA C 180 2.41 -3.73 6.92
CA ALA C 180 3.09 -3.47 8.17
C ALA C 180 2.80 -2.03 8.59
N GLY C 181 3.59 -1.53 9.55
CA GLY C 181 3.33 -0.21 10.11
C GLY C 181 3.53 0.91 9.11
N ARG C 182 4.54 0.79 8.24
CA ARG C 182 4.82 1.87 7.31
C ARG C 182 3.66 2.10 6.36
N ASP C 183 3.03 1.04 5.88
CA ASP C 183 1.86 1.19 5.01
C ASP C 183 0.70 1.83 5.75
N LEU C 184 0.63 1.66 7.07
CA LEU C 184 -0.39 2.35 7.85
C LEU C 184 -0.11 3.84 7.94
N THR C 185 1.16 4.23 7.98
CA THR C 185 1.50 5.65 8.01
C THR C 185 1.09 6.33 6.71
N ASP C 186 1.32 5.67 5.57
CA ASP C 186 0.93 6.25 4.29
C ASP C 186 -0.58 6.24 4.13
N TYR C 187 -1.24 5.16 4.58
CA TYR C 187 -2.70 5.10 4.47
C TYR C 187 -3.38 6.09 5.41
N LEU C 188 -2.77 6.38 6.55
CA LEU C 188 -3.37 7.33 7.49
C LEU C 188 -3.49 8.72 6.89
N MET C 189 -2.66 9.05 5.90
CA MET C 189 -2.76 10.36 5.27
C MET C 189 -4.04 10.48 4.43
N LYS C 190 -4.36 9.42 3.67
CA LYS C 190 -5.55 9.50 2.82
C LYS C 190 -6.83 9.63 3.65
N ILE C 191 -6.91 8.88 4.75
CA ILE C 191 -8.11 8.97 5.59
C ILE C 191 -8.17 10.30 6.32
N LEU C 192 -7.01 10.86 6.68
CA LEU C 192 -7.00 12.18 7.30
C LEU C 192 -7.35 13.28 6.31
N THR C 193 -7.04 13.08 5.03
CA THR C 193 -7.44 14.05 4.01
C THR C 193 -8.95 14.19 3.95
N GLU C 194 -9.69 13.13 4.30
CA GLU C 194 -11.14 13.21 4.36
C GLU C 194 -11.59 14.22 5.39
N ARG C 195 -10.95 14.23 6.56
CA ARG C 195 -11.34 15.16 7.61
C ARG C 195 -10.98 16.60 7.25
N GLY C 196 -9.92 16.80 6.46
CA GLY C 196 -9.54 18.13 6.04
C GLY C 196 -8.14 18.55 6.43
N TYR C 197 -7.23 17.60 6.58
CA TYR C 197 -5.84 17.88 6.90
C TYR C 197 -4.94 17.31 5.81
N SER C 198 -3.90 18.06 5.46
CA SER C 198 -2.97 17.68 4.41
C SER C 198 -1.63 17.29 5.00
N PHE C 199 -1.06 16.19 4.50
CA PHE C 199 0.26 15.74 4.93
C PHE C 199 0.94 15.11 3.72
N THR C 200 1.92 15.82 3.16
CA THR C 200 2.56 15.38 1.93
C THR C 200 4.08 15.26 2.03
N THR C 201 4.75 16.18 2.73
CA THR C 201 6.20 16.17 2.78
C THR C 201 6.71 15.11 3.73
N THR C 202 7.90 14.58 3.43
CA THR C 202 8.52 13.61 4.32
C THR C 202 8.84 14.22 5.67
N ALA C 203 9.16 15.51 5.72
CA ALA C 203 9.41 16.17 6.99
C ALA C 203 8.15 16.17 7.87
N GLU C 204 7.00 16.45 7.27
CA GLU C 204 5.74 16.46 7.99
C GLU C 204 5.09 15.08 8.05
N ARG C 205 5.72 14.07 7.45
CA ARG C 205 5.23 12.70 7.57
C ARG C 205 5.32 12.22 9.02
N GLU C 206 6.40 12.58 9.72
CA GLU C 206 6.58 12.14 11.09
C GLU C 206 5.51 12.66 12.02
N ILE C 207 4.84 13.76 11.65
CA ILE C 207 3.71 14.25 12.45
C ILE C 207 2.59 13.21 12.45
N VAL C 208 2.36 12.56 11.30
CA VAL C 208 1.37 11.50 11.23
C VAL C 208 1.81 10.32 12.10
N ARG C 209 3.10 10.02 12.12
CA ARG C 209 3.61 8.89 12.89
C ARG C 209 3.30 9.06 14.38
N ASP C 210 3.47 10.28 14.90
CA ASP C 210 3.14 10.53 16.30
C ASP C 210 1.65 10.37 16.55
N ILE C 211 0.81 10.74 15.59
CA ILE C 211 -0.63 10.56 15.74
C ILE C 211 -0.96 9.07 15.89
N LYS C 212 -0.35 8.24 15.04
CA LYS C 212 -0.65 6.81 15.06
C LYS C 212 -0.18 6.17 16.36
N GLU C 213 0.97 6.58 16.88
CA GLU C 213 1.56 5.90 18.03
C GLU C 213 0.81 6.22 19.32
N LYS C 214 0.15 7.36 19.40
CA LYS C 214 -0.46 7.82 20.65
C LYS C 214 -1.97 7.76 20.69
N LEU C 215 -2.63 7.62 19.54
CA LEU C 215 -4.08 7.64 19.50
C LEU C 215 -4.70 6.38 18.93
N CYS C 216 -4.12 5.82 17.86
CA CYS C 216 -4.75 4.73 17.14
C CYS C 216 -4.94 3.50 18.05
N TYR C 217 -6.13 2.92 17.99
CA TYR C 217 -6.45 1.73 18.76
C TYR C 217 -7.39 0.85 17.95
N VAL C 218 -7.41 -0.43 18.29
CA VAL C 218 -8.18 -1.43 17.56
C VAL C 218 -9.49 -1.69 18.30
N ALA C 219 -10.58 -1.75 17.55
CA ALA C 219 -11.91 -2.01 18.10
C ALA C 219 -12.24 -3.49 18.04
N LEU C 220 -13.02 -3.96 19.01
CA LEU C 220 -13.41 -5.35 19.06
C LEU C 220 -14.50 -5.70 18.06
N ASP C 221 -15.23 -4.71 17.56
CA ASP C 221 -16.28 -4.94 16.56
C ASP C 221 -16.31 -3.73 15.65
N PHE C 222 -15.85 -3.90 14.42
CA PHE C 222 -15.69 -2.77 13.51
C PHE C 222 -17.03 -2.13 13.18
N GLU C 223 -18.01 -2.94 12.79
CA GLU C 223 -19.30 -2.39 12.37
C GLU C 223 -19.99 -1.67 13.51
N GLN C 224 -20.06 -2.30 14.69
CA GLN C 224 -20.76 -1.70 15.82
C GLN C 224 -20.07 -0.42 16.28
N GLU C 225 -18.75 -0.42 16.32
CA GLU C 225 -18.02 0.75 16.80
C GLU C 225 -18.01 1.88 15.78
N MET C 226 -18.16 1.56 14.48
CA MET C 226 -18.33 2.62 13.49
C MET C 226 -19.57 3.45 13.76
N ALA C 227 -20.68 2.78 14.10
CA ALA C 227 -21.91 3.50 14.44
C ALA C 227 -21.73 4.31 15.70
N THR C 228 -21.02 3.77 16.69
CA THR C 228 -20.82 4.49 17.95
C THR C 228 -20.03 5.77 17.73
N ALA C 229 -18.94 5.70 16.95
CA ALA C 229 -18.11 6.87 16.73
C ALA C 229 -18.79 7.89 15.83
N ALA C 230 -19.72 7.45 14.98
CA ALA C 230 -20.36 8.37 14.06
C ALA C 230 -21.40 9.26 14.74
N SER C 231 -21.91 8.86 15.91
CA SER C 231 -22.97 9.61 16.58
C SER C 231 -22.58 9.99 18.00
N SER C 232 -21.31 9.83 18.38
CA SER C 232 -20.85 10.19 19.71
C SER C 232 -19.52 10.93 19.61
N SER C 233 -19.41 12.01 20.38
CA SER C 233 -18.19 12.80 20.45
C SER C 233 -17.21 12.28 21.49
N SER C 234 -17.56 11.20 22.19
CA SER C 234 -16.64 10.65 23.19
C SER C 234 -15.39 10.06 22.55
N LEU C 235 -15.51 9.54 21.32
CA LEU C 235 -14.37 8.94 20.64
C LEU C 235 -13.36 9.97 20.16
N GLU C 236 -13.72 11.25 20.09
CA GLU C 236 -12.80 12.27 19.60
C GLU C 236 -11.71 12.53 20.63
N LYS C 237 -10.51 12.85 20.14
CA LYS C 237 -9.36 13.12 20.99
C LYS C 237 -8.49 14.16 20.31
N SER C 238 -8.34 15.32 20.95
CA SER C 238 -7.57 16.40 20.36
C SER C 238 -6.07 16.06 20.37
N TYR C 239 -5.32 16.83 19.59
CA TYR C 239 -3.89 16.64 19.48
C TYR C 239 -3.24 17.98 19.16
N GLU C 240 -1.95 18.09 19.46
CA GLU C 240 -1.20 19.33 19.25
C GLU C 240 -0.07 19.06 18.27
N LEU C 241 -0.06 19.78 17.16
CA LEU C 241 1.03 19.69 16.20
C LEU C 241 2.23 20.50 16.68
N PRO C 242 3.44 20.15 16.24
CA PRO C 242 4.61 20.96 16.58
C PRO C 242 4.50 22.41 16.11
N ASP C 243 3.78 22.65 15.02
CA ASP C 243 3.59 24.02 14.55
C ASP C 243 2.83 24.86 15.57
N GLY C 244 1.79 24.28 16.18
CA GLY C 244 1.04 24.99 17.20
C GLY C 244 -0.46 24.84 17.08
N GLN C 245 -0.92 24.29 15.95
CA GLN C 245 -2.35 24.12 15.73
C GLN C 245 -2.86 22.89 16.45
N VAL C 246 -4.18 22.76 16.51
CA VAL C 246 -4.86 21.68 17.21
C VAL C 246 -5.84 21.02 16.25
N ILE C 247 -5.79 19.69 16.18
CA ILE C 247 -6.68 18.92 15.33
C ILE C 247 -7.48 17.94 16.20
N THR C 248 -8.59 17.47 15.64
CA THR C 248 -9.47 16.53 16.32
C THR C 248 -9.58 15.27 15.47
N ILE C 249 -9.36 14.11 16.10
CA ILE C 249 -9.43 12.81 15.43
C ILE C 249 -10.66 12.09 15.93
N GLY C 250 -11.58 11.78 15.02
CA GLY C 250 -12.81 11.09 15.38
C GLY C 250 -12.78 9.61 15.05
N ASN C 251 -13.57 9.21 14.04
CA ASN C 251 -13.63 7.80 13.66
C ASN C 251 -12.37 7.32 12.97
N GLU C 252 -11.51 8.23 12.50
CA GLU C 252 -10.28 7.81 11.85
C GLU C 252 -9.24 7.32 12.83
N ARG C 253 -9.54 7.32 14.14
CA ARG C 253 -8.60 6.79 15.11
C ARG C 253 -8.39 5.29 14.94
N PHE C 254 -9.47 4.56 14.66
CA PHE C 254 -9.39 3.11 14.62
C PHE C 254 -9.41 2.53 13.21
N ARG C 255 -9.77 3.32 12.20
CA ARG C 255 -9.82 2.77 10.85
C ARG C 255 -8.44 2.42 10.32
N CYS C 256 -7.43 3.23 10.64
CA CYS C 256 -6.07 2.92 10.20
C CYS C 256 -5.55 1.62 10.81
N PRO C 257 -5.62 1.38 12.12
CA PRO C 257 -5.20 0.07 12.65
C PRO C 257 -6.05 -1.08 12.14
N GLU C 258 -7.29 -0.83 11.70
CA GLU C 258 -8.12 -1.90 11.18
C GLU C 258 -7.60 -2.46 9.87
N ALA C 259 -6.72 -1.74 9.17
CA ALA C 259 -6.17 -2.25 7.92
C ALA C 259 -5.31 -3.49 8.13
N LEU C 260 -4.83 -3.73 9.36
CA LEU C 260 -4.06 -4.94 9.63
C LEU C 260 -4.93 -6.19 9.53
N PHE C 261 -6.23 -6.05 9.76
CA PHE C 261 -7.14 -7.20 9.73
C PHE C 261 -7.92 -7.31 8.43
N GLN C 262 -8.08 -6.22 7.69
CA GLN C 262 -8.77 -6.21 6.40
C GLN C 262 -7.90 -5.48 5.40
N PRO C 263 -6.87 -6.13 4.87
CA PRO C 263 -5.95 -5.45 3.95
C PRO C 263 -6.57 -5.05 2.63
N SER C 264 -7.86 -5.30 2.41
CA SER C 264 -8.53 -4.82 1.21
C SER C 264 -8.54 -3.31 1.12
N PHE C 265 -8.42 -2.62 2.25
CA PHE C 265 -8.40 -1.16 2.24
C PHE C 265 -7.20 -0.62 1.46
N LEU C 266 -6.04 -1.25 1.63
CA LEU C 266 -4.82 -0.82 0.95
C LEU C 266 -4.70 -1.37 -0.46
N GLY C 267 -5.68 -2.16 -0.91
CA GLY C 267 -5.64 -2.74 -2.23
C GLY C 267 -4.91 -4.06 -2.32
N MET C 268 -4.18 -4.45 -1.28
CA MET C 268 -3.50 -5.74 -1.29
C MET C 268 -4.52 -6.86 -1.26
N GLU C 269 -4.32 -7.86 -2.13
CA GLU C 269 -5.20 -9.02 -2.15
C GLU C 269 -4.85 -10.04 -1.08
N SER C 270 -3.77 -9.82 -0.34
CA SER C 270 -3.40 -10.73 0.73
C SER C 270 -4.44 -10.73 1.84
N CYS C 271 -4.50 -11.82 2.59
CA CYS C 271 -5.46 -11.95 3.67
C CYS C 271 -5.02 -11.16 4.88
N GLY C 272 -5.89 -11.11 5.89
CA GLY C 272 -5.63 -10.34 7.09
C GLY C 272 -4.52 -10.94 7.93
N ILE C 273 -4.10 -10.16 8.94
CA ILE C 273 -3.04 -10.62 9.82
C ILE C 273 -3.52 -11.78 10.67
N HIS C 274 -4.82 -11.84 10.99
CA HIS C 274 -5.37 -12.99 11.67
C HIS C 274 -5.53 -14.19 10.74
N GLU C 275 -5.88 -13.93 9.47
CA GLU C 275 -6.02 -15.01 8.51
C GLU C 275 -4.66 -15.62 8.17
N THR C 276 -3.61 -14.80 8.10
CA THR C 276 -2.29 -15.31 7.76
C THR C 276 -1.70 -16.17 8.88
N THR C 277 -2.12 -15.95 10.12
CA THR C 277 -1.71 -16.83 11.21
C THR C 277 -2.39 -18.19 11.09
N PHE C 278 -3.69 -18.18 10.79
CA PHE C 278 -4.44 -19.42 10.63
C PHE C 278 -3.91 -20.22 9.43
N ASN C 279 -3.60 -19.55 8.33
CA ASN C 279 -3.08 -20.24 7.16
C ASN C 279 -1.73 -20.88 7.45
N SER C 280 -0.88 -20.18 8.20
CA SER C 280 0.44 -20.72 8.53
C SER C 280 0.33 -21.97 9.38
N ILE C 281 -0.62 -21.98 10.32
CA ILE C 281 -0.80 -23.15 11.18
C ILE C 281 -1.36 -24.32 10.38
N MET C 282 -2.27 -24.05 9.45
CA MET C 282 -2.87 -25.13 8.67
C MET C 282 -1.83 -25.88 7.85
N LYS C 283 -0.74 -25.21 7.46
CA LYS C 283 0.30 -25.87 6.69
C LYS C 283 1.09 -26.88 7.52
N CYS C 284 1.06 -26.76 8.85
CA CYS C 284 1.83 -27.65 9.70
C CYS C 284 1.12 -28.99 9.84
N ASP C 285 1.74 -29.90 10.59
CA ASP C 285 1.19 -31.23 10.80
C ASP C 285 -0.03 -31.17 11.70
N VAL C 286 -0.86 -32.22 11.63
CA VAL C 286 -2.08 -32.27 12.42
C VAL C 286 -1.78 -32.39 13.90
N ASP C 287 -0.73 -33.15 14.25
CA ASP C 287 -0.47 -33.43 15.65
C ASP C 287 0.02 -32.20 16.41
N ILE C 288 0.81 -31.34 15.77
CA ILE C 288 1.38 -30.18 16.44
C ILE C 288 0.48 -28.97 16.41
N ARG C 289 -0.73 -29.09 15.85
CA ARG C 289 -1.62 -27.94 15.75
C ARG C 289 -2.14 -27.53 17.13
N LYS C 290 -2.38 -28.51 18.01
CA LYS C 290 -2.85 -28.18 19.35
C LYS C 290 -1.82 -27.39 20.14
N ASP C 291 -0.54 -27.77 20.02
CA ASP C 291 0.52 -27.07 20.75
C ASP C 291 0.67 -25.63 20.26
N LEU C 292 0.64 -25.43 18.94
CA LEU C 292 0.83 -24.09 18.39
C LEU C 292 -0.31 -23.15 18.77
N TYR C 293 -1.54 -23.66 18.85
CA TYR C 293 -2.68 -22.81 19.19
C TYR C 293 -2.55 -22.22 20.58
N ALA C 294 -2.07 -23.01 21.54
CA ALA C 294 -1.99 -22.55 22.92
C ALA C 294 -0.85 -21.56 23.14
N ASN C 295 0.12 -21.51 22.22
CA ASN C 295 1.30 -20.64 22.38
C ASN C 295 1.45 -19.79 21.12
N THR C 296 0.92 -18.56 21.18
CA THR C 296 1.09 -17.58 20.12
C THR C 296 1.78 -16.36 20.70
N VAL C 297 2.89 -15.96 20.10
CA VAL C 297 3.73 -14.89 20.61
C VAL C 297 3.66 -13.72 19.63
N LEU C 298 3.30 -12.55 20.13
CA LEU C 298 3.32 -11.34 19.34
C LEU C 298 4.68 -10.65 19.45
N SER C 299 4.95 -9.74 18.52
CA SER C 299 6.24 -9.07 18.48
C SER C 299 6.11 -7.82 17.61
N GLY C 300 7.17 -7.03 17.57
CA GLY C 300 7.24 -5.88 16.72
C GLY C 300 6.48 -4.68 17.26
N GLY C 301 6.70 -3.54 16.61
CA GLY C 301 6.06 -2.31 17.05
C GLY C 301 4.55 -2.31 16.89
N THR C 302 4.07 -2.80 15.74
CA THR C 302 2.65 -2.68 15.40
C THR C 302 1.75 -3.55 16.26
N THR C 303 2.28 -4.26 17.24
CA THR C 303 1.47 -5.04 18.16
C THR C 303 1.32 -4.35 19.51
N MET C 304 1.63 -3.07 19.59
CA MET C 304 1.51 -2.29 20.82
C MET C 304 0.21 -1.52 20.91
N TYR C 305 -0.68 -1.65 19.93
CA TYR C 305 -1.96 -0.96 20.00
C TYR C 305 -2.80 -1.52 21.15
N PRO C 306 -3.59 -0.67 21.81
CA PRO C 306 -4.49 -1.17 22.84
C PRO C 306 -5.51 -2.13 22.25
N GLY C 307 -5.74 -3.24 22.96
CA GLY C 307 -6.74 -4.20 22.55
C GLY C 307 -6.36 -5.07 21.37
N ILE C 308 -5.11 -5.04 20.93
CA ILE C 308 -4.71 -5.86 19.79
C ILE C 308 -4.79 -7.34 20.13
N ALA C 309 -4.47 -7.69 21.38
CA ALA C 309 -4.52 -9.09 21.80
C ALA C 309 -5.94 -9.61 21.80
N ASP C 310 -6.88 -8.84 22.34
CA ASP C 310 -8.26 -9.29 22.42
C ASP C 310 -8.89 -9.42 21.04
N ARG C 311 -8.59 -8.50 20.13
CA ARG C 311 -9.12 -8.59 18.78
C ARG C 311 -8.62 -9.84 18.07
N MET C 312 -7.33 -10.14 18.20
CA MET C 312 -6.79 -11.34 17.57
C MET C 312 -7.39 -12.60 18.15
N GLN C 313 -7.61 -12.63 19.46
CA GLN C 313 -8.18 -13.82 20.10
C GLN C 313 -9.58 -14.10 19.58
N LYS C 314 -10.39 -13.06 19.37
CA LYS C 314 -11.72 -13.25 18.83
C LYS C 314 -11.68 -13.75 17.39
N GLU C 315 -10.77 -13.22 16.57
CA GLU C 315 -10.72 -13.56 15.16
C GLU C 315 -10.37 -15.03 14.95
N ILE C 316 -9.33 -15.51 15.65
CA ILE C 316 -8.90 -16.89 15.46
C ILE C 316 -9.96 -17.86 16.00
N THR C 317 -10.65 -17.47 17.07
CA THR C 317 -11.64 -18.36 17.67
C THR C 317 -12.73 -18.74 16.68
N ALA C 318 -13.17 -17.78 15.87
CA ALA C 318 -14.16 -18.09 14.84
C ALA C 318 -13.61 -19.05 13.80
N LEU C 319 -12.35 -18.84 13.38
CA LEU C 319 -11.77 -19.71 12.37
C LEU C 319 -11.37 -21.06 12.96
N ALA C 320 -10.81 -21.06 14.16
CA ALA C 320 -10.35 -22.30 14.75
C ALA C 320 -11.52 -23.15 15.24
N PRO C 321 -11.36 -24.47 15.28
CA PRO C 321 -12.42 -25.32 15.83
C PRO C 321 -12.63 -25.05 17.31
N SER C 322 -13.86 -25.28 17.77
CA SER C 322 -14.21 -25.04 19.15
C SER C 322 -13.49 -26.02 20.07
N THR C 323 -13.67 -25.82 21.37
CA THR C 323 -13.00 -26.62 22.41
C THR C 323 -11.49 -26.65 22.20
N MET C 324 -10.93 -25.51 21.82
CA MET C 324 -9.49 -25.35 21.66
C MET C 324 -9.04 -24.15 22.48
N LYS C 325 -7.98 -24.34 23.26
CA LYS C 325 -7.44 -23.28 24.11
C LYS C 325 -6.59 -22.36 23.24
N ILE C 326 -7.11 -21.18 22.94
CA ILE C 326 -6.40 -20.17 22.16
C ILE C 326 -5.93 -19.11 23.13
N LYS C 327 -4.63 -19.10 23.42
CA LYS C 327 -4.03 -18.13 24.34
C LYS C 327 -3.08 -17.25 23.54
N ILE C 328 -3.34 -15.95 23.54
CA ILE C 328 -2.50 -14.98 22.85
C ILE C 328 -1.55 -14.37 23.87
N ILE C 329 -0.26 -14.60 23.68
CA ILE C 329 0.75 -14.13 24.62
C ILE C 329 1.25 -12.77 24.14
N ALA C 330 0.91 -11.72 24.89
CA ALA C 330 1.31 -10.36 24.58
C ALA C 330 1.99 -9.78 25.82
N PRO C 331 3.24 -10.15 26.07
CA PRO C 331 3.90 -9.70 27.28
C PRO C 331 4.23 -8.22 27.19
N PRO C 332 4.34 -7.54 28.33
CA PRO C 332 4.90 -6.19 28.33
C PRO C 332 6.35 -6.23 27.91
N GLU C 333 6.84 -5.08 27.42
CA GLU C 333 8.19 -4.98 26.85
C GLU C 333 8.34 -5.95 25.68
N ARG C 334 7.57 -5.67 24.63
CA ARG C 334 7.63 -6.45 23.40
C ARG C 334 8.11 -5.64 22.21
N LYS C 335 8.21 -4.32 22.32
CA LYS C 335 8.75 -3.52 21.23
C LYS C 335 10.21 -3.88 20.97
N TYR C 336 10.98 -4.12 22.03
CA TYR C 336 12.36 -4.55 21.92
C TYR C 336 12.50 -6.06 22.16
N SER C 337 11.44 -6.82 21.90
CA SER C 337 11.49 -8.25 22.14
C SER C 337 12.49 -8.95 21.24
N VAL C 338 12.56 -8.54 19.97
CA VAL C 338 13.49 -9.17 19.04
C VAL C 338 14.93 -8.99 19.49
N TRP C 339 15.28 -7.78 19.95
CA TRP C 339 16.64 -7.54 20.41
C TRP C 339 16.96 -8.30 21.69
N ILE C 340 15.99 -8.41 22.59
CA ILE C 340 16.24 -9.04 23.88
C ILE C 340 16.68 -10.49 23.69
N GLY C 341 16.01 -11.21 22.80
CA GLY C 341 16.46 -12.56 22.47
C GLY C 341 17.85 -12.59 21.89
N GLY C 342 18.22 -11.55 21.13
CA GLY C 342 19.57 -11.49 20.58
C GLY C 342 20.64 -11.45 21.66
N SER C 343 20.36 -10.79 22.78
CA SER C 343 21.32 -10.77 23.88
C SER C 343 21.45 -12.14 24.54
N ILE C 344 20.33 -12.86 24.69
CA ILE C 344 20.36 -14.19 25.30
C ILE C 344 21.17 -15.16 24.43
N LEU C 345 20.93 -15.13 23.12
CA LEU C 345 21.60 -16.06 22.23
C LEU C 345 23.11 -15.83 22.21
N ALA C 346 23.53 -14.55 22.22
CA ALA C 346 24.95 -14.25 22.18
C ALA C 346 25.68 -14.75 23.43
N SER C 347 25.05 -14.59 24.59
CA SER C 347 25.68 -15.00 25.84
C SER C 347 25.73 -16.51 26.02
N LEU C 348 24.90 -17.25 25.29
CA LEU C 348 24.87 -18.69 25.44
C LEU C 348 26.16 -19.32 24.95
N SER C 349 26.65 -20.31 25.69
CA SER C 349 27.90 -20.99 25.31
C SER C 349 27.72 -21.92 24.13
N THR C 350 26.51 -22.42 23.89
CA THR C 350 26.29 -23.32 22.77
C THR C 350 26.51 -22.61 21.44
N PHE C 351 26.12 -21.34 21.35
CA PHE C 351 26.25 -20.57 20.11
C PHE C 351 27.70 -20.25 19.78
N GLN C 352 28.63 -20.42 20.72
CA GLN C 352 30.02 -20.02 20.48
C GLN C 352 30.69 -20.84 19.39
N GLN C 353 30.12 -21.98 19.01
CA GLN C 353 30.69 -22.82 17.97
C GLN C 353 30.11 -22.56 16.59
N MET C 354 29.16 -21.64 16.46
CA MET C 354 28.52 -21.35 15.19
C MET C 354 28.85 -19.95 14.66
N TRP C 355 29.82 -19.26 15.26
CA TRP C 355 30.26 -17.98 14.73
C TRP C 355 30.97 -18.18 13.40
N ILE C 356 30.83 -17.19 12.52
CA ILE C 356 31.50 -17.20 11.23
C ILE C 356 32.79 -16.39 11.35
N SER C 357 33.92 -17.06 11.35
CA SER C 357 35.21 -16.40 11.47
C SER C 357 35.70 -15.93 10.11
N LYS C 358 36.68 -15.03 10.13
CA LYS C 358 37.27 -14.55 8.88
C LYS C 358 37.95 -15.67 8.12
N GLN C 359 38.42 -16.70 8.83
CA GLN C 359 39.06 -17.83 8.17
C GLN C 359 38.09 -18.54 7.23
N GLU C 360 36.84 -18.71 7.67
CA GLU C 360 35.85 -19.38 6.82
C GLU C 360 35.45 -18.51 5.64
N TYR C 361 35.35 -17.19 5.84
CA TYR C 361 34.96 -16.31 4.76
C TYR C 361 36.03 -16.21 3.69
N ASP C 362 37.30 -16.14 4.10
CA ASP C 362 38.38 -15.91 3.14
C ASP C 362 38.53 -17.07 2.16
N GLU C 363 38.39 -18.30 2.65
CA GLU C 363 38.73 -19.46 1.83
C GLU C 363 37.76 -19.62 0.65
N SER C 364 36.47 -19.45 0.89
CA SER C 364 35.47 -19.66 -0.16
C SER C 364 34.47 -18.51 -0.29
N GLY C 365 34.89 -17.27 -0.03
CA GLY C 365 34.09 -16.12 -0.36
C GLY C 365 32.89 -15.89 0.55
N PRO C 366 32.02 -14.97 0.15
CA PRO C 366 30.86 -14.62 0.98
C PRO C 366 29.72 -15.63 0.95
N SER C 367 29.85 -16.72 0.18
CA SER C 367 28.79 -17.72 0.11
C SER C 367 28.63 -18.52 1.40
N ILE C 368 29.39 -18.19 2.45
CA ILE C 368 29.26 -18.87 3.73
C ILE C 368 27.90 -18.66 4.36
N VAL C 369 27.31 -17.47 4.20
CA VAL C 369 26.08 -17.11 4.90
C VAL C 369 24.91 -18.03 4.53
N HIS C 370 25.02 -18.81 3.46
CA HIS C 370 23.92 -19.65 3.02
C HIS C 370 24.00 -21.08 3.56
N ARG C 371 25.19 -21.57 3.93
CA ARG C 371 25.33 -22.93 4.42
C ARG C 371 25.67 -22.97 5.91
N LYS C 372 26.76 -22.31 6.32
CA LYS C 372 27.12 -22.30 7.74
C LYS C 372 26.08 -21.53 8.54
N CYS C 373 25.61 -20.40 8.03
CA CYS C 373 24.58 -19.62 8.68
C CYS C 373 23.21 -19.97 8.11
N PHE C 374 22.20 -20.00 8.99
CA PHE C 374 20.85 -20.32 8.58
C PHE C 374 20.03 -19.07 8.31
N ILE D 4 -35.13 15.38 -20.53
CA ILE D 4 -34.87 15.75 -19.13
C ILE D 4 -34.10 17.06 -19.08
N ALA D 5 -33.17 17.26 -20.00
CA ALA D 5 -32.38 18.48 -20.11
C ALA D 5 -31.70 18.83 -18.78
N ALA D 6 -31.13 17.81 -18.15
CA ALA D 6 -30.45 18.01 -16.86
C ALA D 6 -29.17 18.81 -17.06
N LEU D 7 -29.00 19.86 -16.25
CA LEU D 7 -27.84 20.72 -16.39
C LEU D 7 -26.58 20.03 -15.89
N VAL D 8 -25.45 20.34 -16.53
CA VAL D 8 -24.15 19.86 -16.11
C VAL D 8 -23.26 21.08 -15.93
N VAL D 9 -22.73 21.27 -14.73
CA VAL D 9 -21.90 22.41 -14.39
C VAL D 9 -20.59 21.90 -13.81
N ASP D 10 -19.47 22.50 -14.24
CA ASP D 10 -18.17 22.10 -13.72
C ASP D 10 -17.88 22.78 -12.39
N ASN D 11 -17.98 24.11 -12.35
CA ASN D 11 -17.75 24.89 -11.13
C ASN D 11 -16.41 24.57 -10.50
N GLY D 12 -15.38 24.48 -11.34
CA GLY D 12 -14.02 24.28 -10.87
C GLY D 12 -13.31 25.60 -10.60
N SER D 13 -12.04 25.48 -10.24
CA SER D 13 -11.22 26.67 -10.02
C SER D 13 -10.95 27.37 -11.34
N GLY D 14 -10.83 28.70 -11.27
CA GLY D 14 -10.57 29.48 -12.45
C GLY D 14 -11.85 29.88 -13.18
N MET D 15 -12.15 29.19 -14.28
CA MET D 15 -13.34 29.45 -15.07
C MET D 15 -14.26 28.24 -15.02
N CYS D 16 -15.53 28.49 -14.66
CA CYS D 16 -16.52 27.44 -14.54
C CYS D 16 -17.33 27.34 -15.82
N LYS D 17 -17.81 26.14 -16.13
CA LYS D 17 -18.60 25.87 -17.31
C LYS D 17 -20.00 25.41 -16.93
N ALA D 18 -20.96 25.68 -17.82
CA ALA D 18 -22.34 25.28 -17.60
C ALA D 18 -23.03 25.12 -18.95
N GLY D 19 -23.99 24.21 -18.99
CA GLY D 19 -24.74 23.98 -20.21
C GLY D 19 -25.74 22.86 -20.01
N PHE D 20 -26.57 22.67 -21.03
CA PHE D 20 -27.57 21.62 -20.99
C PHE D 20 -26.98 20.29 -21.43
N ALA D 21 -27.68 19.22 -21.09
CA ALA D 21 -27.25 17.88 -21.50
C ALA D 21 -27.50 17.68 -22.99
N GLY D 22 -26.59 16.94 -23.63
CA GLY D 22 -26.66 16.66 -25.04
C GLY D 22 -25.90 17.62 -25.93
N ASP D 23 -25.57 18.80 -25.42
CA ASP D 23 -24.80 19.76 -26.19
C ASP D 23 -23.36 19.28 -26.36
N ASP D 24 -22.74 19.67 -27.48
CA ASP D 24 -21.36 19.31 -27.76
C ASP D 24 -20.36 20.32 -27.20
N ALA D 25 -20.83 21.45 -26.68
CA ALA D 25 -19.95 22.49 -26.17
C ALA D 25 -20.72 23.30 -25.13
N PRO D 26 -20.06 23.72 -24.05
CA PRO D 26 -20.75 24.52 -23.03
C PRO D 26 -21.16 25.88 -23.58
N ARG D 27 -22.27 26.39 -23.05
CA ARG D 27 -22.78 27.70 -23.44
C ARG D 27 -22.52 28.77 -22.39
N ALA D 28 -21.99 28.42 -21.23
CA ALA D 28 -21.71 29.37 -20.16
C ALA D 28 -20.25 29.20 -19.75
N VAL D 29 -19.38 30.05 -20.30
CA VAL D 29 -17.96 30.04 -19.96
C VAL D 29 -17.61 31.45 -19.47
N PHE D 30 -17.11 31.52 -18.23
CA PHE D 30 -16.73 32.79 -17.63
C PHE D 30 -15.87 32.50 -16.41
N PRO D 31 -14.96 33.42 -16.04
CA PRO D 31 -14.16 33.20 -14.84
C PRO D 31 -15.03 33.14 -13.60
N SER D 32 -14.64 32.30 -12.65
CA SER D 32 -15.36 32.15 -11.38
C SER D 32 -14.81 33.16 -10.36
N ILE D 33 -14.99 34.44 -10.70
CA ILE D 33 -14.50 35.54 -9.88
C ILE D 33 -15.69 36.36 -9.41
N VAL D 34 -15.85 36.47 -8.09
CA VAL D 34 -16.84 37.35 -7.49
C VAL D 34 -16.11 38.28 -6.53
N GLY D 35 -16.33 39.58 -6.68
CA GLY D 35 -15.63 40.56 -5.88
C GLY D 35 -16.57 41.63 -5.38
N ARG D 36 -16.22 42.18 -4.22
CA ARG D 36 -16.94 43.28 -3.60
C ARG D 36 -16.22 44.59 -3.85
N PRO D 37 -16.96 45.65 -4.20
CA PRO D 37 -16.31 46.91 -4.57
C PRO D 37 -15.50 47.49 -3.43
N ARG D 38 -14.31 48.00 -3.78
CA ARG D 38 -13.49 48.75 -2.84
C ARG D 38 -13.88 50.21 -2.77
N HIS D 39 -14.86 50.62 -3.58
CA HIS D 39 -15.41 51.96 -3.55
C HIS D 39 -16.92 51.85 -3.65
N GLN D 40 -17.62 52.80 -3.02
CA GLN D 40 -19.07 52.74 -3.00
C GLN D 40 -19.68 52.96 -4.39
N GLY D 41 -18.99 53.69 -5.25
CA GLY D 41 -19.54 54.29 -6.46
C GLY D 41 -20.52 53.44 -7.25
N VAL D 42 -21.57 54.10 -7.75
CA VAL D 42 -22.69 53.46 -8.40
C VAL D 42 -22.71 53.86 -9.87
N MET D 43 -22.95 52.88 -10.74
CA MET D 43 -23.02 53.13 -12.18
C MET D 43 -24.44 53.56 -12.55
N VAL D 44 -24.73 53.62 -13.84
CA VAL D 44 -26.03 54.08 -14.33
C VAL D 44 -26.98 52.89 -14.31
N GLY D 45 -27.96 52.92 -13.41
CA GLY D 45 -28.97 51.88 -13.32
C GLY D 45 -28.41 50.51 -13.03
N MET D 46 -27.52 50.41 -12.06
CA MET D 46 -26.85 49.16 -11.71
C MET D 46 -27.34 48.69 -10.35
N GLY D 47 -27.51 47.37 -10.22
CA GLY D 47 -28.01 46.79 -8.99
C GLY D 47 -27.13 45.67 -8.45
N GLN D 48 -25.88 45.65 -8.89
CA GLN D 48 -24.88 44.68 -8.43
C GLN D 48 -23.96 45.30 -7.39
N LYS D 49 -24.51 46.17 -6.53
CA LYS D 49 -23.69 46.89 -5.57
C LYS D 49 -23.00 45.93 -4.60
N ASP D 50 -23.68 44.86 -4.20
CA ASP D 50 -23.11 43.93 -3.23
C ASP D 50 -21.86 43.25 -3.78
N SER D 51 -21.90 42.82 -5.04
CA SER D 51 -20.77 42.13 -5.65
C SER D 51 -20.98 42.06 -7.15
N TYR D 52 -19.90 41.76 -7.87
CA TYR D 52 -19.93 41.52 -9.31
C TYR D 52 -19.49 40.08 -9.56
N VAL D 53 -20.25 39.36 -10.37
CA VAL D 53 -20.00 37.95 -10.64
C VAL D 53 -20.00 37.73 -12.14
N GLY D 54 -18.99 37.00 -12.63
CA GLY D 54 -18.92 36.67 -14.04
C GLY D 54 -17.98 37.55 -14.84
N ASP D 55 -18.29 37.78 -16.11
CA ASP D 55 -17.44 38.60 -16.96
C ASP D 55 -17.49 40.07 -16.58
N GLU D 56 -18.49 40.49 -15.80
CA GLU D 56 -18.54 41.88 -15.36
C GLU D 56 -17.35 42.22 -14.47
N ALA D 57 -16.98 41.31 -13.56
CA ALA D 57 -15.85 41.56 -12.68
C ALA D 57 -14.55 41.67 -13.46
N GLN D 58 -14.37 40.81 -14.46
CA GLN D 58 -13.16 40.88 -15.28
C GLN D 58 -13.09 42.19 -16.05
N SER D 59 -14.22 42.65 -16.58
CA SER D 59 -14.24 43.90 -17.34
C SER D 59 -13.94 45.10 -16.46
N LYS D 60 -14.30 45.03 -15.18
CA LYS D 60 -14.11 46.14 -14.24
C LYS D 60 -13.15 45.74 -13.12
N ARG D 61 -12.06 45.07 -13.48
CA ARG D 61 -11.08 44.65 -12.49
C ARG D 61 -10.34 45.83 -11.87
N GLY D 62 -10.33 46.99 -12.53
CA GLY D 62 -9.64 48.15 -11.99
C GLY D 62 -10.29 48.74 -10.76
N ILE D 63 -11.59 48.50 -10.57
CA ILE D 63 -12.32 49.01 -9.42
C ILE D 63 -12.58 47.91 -8.39
N LEU D 64 -13.03 46.75 -8.85
CA LEU D 64 -13.42 45.67 -7.96
C LEU D 64 -12.19 45.04 -7.32
N THR D 65 -12.44 44.22 -6.29
CA THR D 65 -11.41 43.45 -5.61
C THR D 65 -11.66 41.98 -5.93
N LEU D 66 -10.88 41.43 -6.87
CA LEU D 66 -11.11 40.07 -7.34
C LEU D 66 -10.65 39.05 -6.30
N LYS D 67 -11.51 38.09 -6.00
CA LYS D 67 -11.21 37.02 -5.07
C LYS D 67 -11.72 35.70 -5.66
N TYR D 68 -10.89 34.67 -5.58
CA TYR D 68 -11.25 33.36 -6.11
C TYR D 68 -11.88 32.53 -5.00
N PRO D 69 -13.17 32.23 -5.06
CA PRO D 69 -13.79 31.39 -4.01
C PRO D 69 -13.18 30.01 -3.92
N ILE D 70 -12.72 29.44 -5.04
CA ILE D 70 -12.20 28.08 -5.07
C ILE D 70 -10.70 28.14 -4.94
N GLU D 71 -10.16 27.45 -3.94
CA GLU D 71 -8.73 27.37 -3.74
C GLU D 71 -8.29 25.92 -3.60
N HIC D 72 -7.54 25.44 -4.60
CA HIC D 72 -7.09 24.06 -4.66
C HIC D 72 -8.27 23.09 -4.57
O HIC D 72 -8.22 22.11 -3.84
CB HIC D 72 -6.09 23.77 -3.55
CG HIC D 72 -4.83 24.56 -3.69
ND1 HIC D 72 -4.29 24.83 -4.94
CD2 HIC D 72 -4.05 25.12 -2.72
CE1 HIC D 72 -3.22 25.53 -4.70
NE2 HIC D 72 -3.02 25.74 -3.38
CZ HIC D 72 -1.93 26.47 -2.77
N GLY D 73 -9.32 23.40 -5.32
CA GLY D 73 -10.50 22.55 -5.37
C GLY D 73 -11.34 22.56 -4.10
N ILE D 74 -11.02 23.49 -3.20
CA ILE D 74 -11.70 23.61 -1.91
C ILE D 74 -12.50 24.91 -1.91
N VAL D 75 -13.76 24.80 -1.51
CA VAL D 75 -14.61 25.98 -1.35
C VAL D 75 -14.26 26.65 -0.02
N THR D 76 -13.92 27.93 -0.07
CA THR D 76 -13.53 28.67 1.11
C THR D 76 -14.65 29.56 1.64
N ASN D 77 -15.21 30.42 0.79
CA ASN D 77 -16.26 31.35 1.18
C ASN D 77 -17.59 30.83 0.64
N TRP D 78 -18.39 30.22 1.52
CA TRP D 78 -19.68 29.69 1.10
C TRP D 78 -20.66 30.80 0.76
N ASP D 79 -20.46 32.00 1.34
CA ASP D 79 -21.28 33.13 0.94
C ASP D 79 -20.93 33.61 -0.46
N ASP D 80 -19.67 33.44 -0.87
CA ASP D 80 -19.28 33.81 -2.23
C ASP D 80 -19.74 32.79 -3.26
N MET D 81 -19.78 31.50 -2.89
CA MET D 81 -20.17 30.48 -3.85
C MET D 81 -21.62 30.64 -4.31
N GLU D 82 -22.52 31.00 -3.37
CA GLU D 82 -23.92 31.14 -3.74
C GLU D 82 -24.14 32.26 -4.76
N LYS D 83 -23.28 33.28 -4.74
CA LYS D 83 -23.39 34.35 -5.72
C LYS D 83 -23.09 33.84 -7.12
N ILE D 84 -22.07 32.98 -7.25
CA ILE D 84 -21.72 32.45 -8.57
C ILE D 84 -22.83 31.55 -9.10
N TRP D 85 -23.33 30.64 -8.25
CA TRP D 85 -24.33 29.67 -8.71
C TRP D 85 -25.62 30.37 -9.12
N HIS D 86 -26.05 31.38 -8.35
CA HIS D 86 -27.29 32.08 -8.69
C HIS D 86 -27.16 32.78 -10.04
N HIS D 87 -26.01 33.39 -10.31
CA HIS D 87 -25.79 34.04 -11.59
C HIS D 87 -25.73 33.04 -12.73
N THR D 88 -25.12 31.88 -12.48
CA THR D 88 -24.97 30.88 -13.54
C THR D 88 -26.32 30.39 -14.05
N PHE D 89 -27.23 30.07 -13.13
CA PHE D 89 -28.50 29.48 -13.53
C PHE D 89 -29.42 30.52 -14.17
N TYR D 90 -29.50 31.72 -13.60
CA TYR D 90 -30.49 32.68 -14.03
C TYR D 90 -29.94 33.68 -15.05
N ASN D 91 -28.81 34.33 -14.75
CA ASN D 91 -28.34 35.41 -15.59
C ASN D 91 -27.76 34.93 -16.91
N GLU D 92 -27.17 33.74 -16.93
CA GLU D 92 -26.50 33.24 -18.13
C GLU D 92 -27.25 32.08 -18.78
N LEU D 93 -27.52 31.01 -18.03
CA LEU D 93 -28.24 29.88 -18.60
C LEU D 93 -29.71 30.19 -18.83
N ARG D 94 -30.25 31.24 -18.19
CA ARG D 94 -31.63 31.67 -18.38
C ARG D 94 -32.62 30.54 -18.12
N VAL D 95 -32.35 29.73 -17.11
CA VAL D 95 -33.18 28.57 -16.80
C VAL D 95 -33.33 28.45 -15.29
N ALA D 96 -34.51 28.07 -14.85
CA ALA D 96 -34.76 27.85 -13.43
C ALA D 96 -34.20 26.49 -13.01
N PRO D 97 -33.30 26.43 -12.03
CA PRO D 97 -32.73 25.14 -11.64
C PRO D 97 -33.73 24.16 -11.07
N GLU D 98 -34.86 24.64 -10.55
CA GLU D 98 -35.84 23.76 -9.93
C GLU D 98 -36.48 22.80 -10.93
N GLU D 99 -36.45 23.11 -12.21
CA GLU D 99 -37.18 22.29 -13.20
C GLU D 99 -36.56 20.91 -13.35
N HIS D 100 -35.23 20.86 -13.51
CA HIS D 100 -34.57 19.61 -13.83
C HIS D 100 -33.33 19.42 -12.96
N PRO D 101 -32.94 18.17 -12.71
CA PRO D 101 -31.80 17.92 -11.83
C PRO D 101 -30.48 18.37 -12.46
N VAL D 102 -29.45 18.42 -11.62
CA VAL D 102 -28.14 18.94 -12.01
C VAL D 102 -27.07 17.95 -11.58
N LEU D 103 -25.96 17.94 -12.31
CA LEU D 103 -24.79 17.11 -11.99
C LEU D 103 -23.62 18.00 -11.62
N LEU D 104 -22.80 17.53 -10.68
CA LEU D 104 -21.66 18.29 -10.18
C LEU D 104 -20.37 17.49 -10.34
N THR D 105 -19.26 18.21 -10.48
CA THR D 105 -17.94 17.61 -10.65
C THR D 105 -16.99 18.13 -9.58
N GLU D 106 -16.32 17.21 -8.88
CA GLU D 106 -15.37 17.57 -7.85
C GLU D 106 -14.10 16.73 -8.00
N ALA D 107 -12.99 17.29 -7.51
CA ALA D 107 -11.71 16.60 -7.61
C ALA D 107 -11.66 15.44 -6.60
N PRO D 108 -10.89 14.40 -6.91
CA PRO D 108 -10.74 13.29 -5.95
C PRO D 108 -9.90 13.69 -4.75
N LEU D 109 -10.06 12.93 -3.68
CA LEU D 109 -9.34 13.15 -2.43
C LEU D 109 -9.61 14.56 -1.88
N ASN D 110 -10.88 14.80 -1.55
CA ASN D 110 -11.30 16.08 -1.03
C ASN D 110 -12.02 15.89 0.30
N PRO D 111 -11.99 16.89 1.18
CA PRO D 111 -12.69 16.77 2.47
C PRO D 111 -14.17 16.52 2.28
N LYS D 112 -14.73 15.64 3.11
CA LYS D 112 -16.14 15.32 3.03
C LYS D 112 -17.03 16.51 3.38
N ALA D 113 -16.53 17.47 4.13
CA ALA D 113 -17.31 18.67 4.42
C ALA D 113 -17.59 19.49 3.16
N ASN D 114 -16.72 19.38 2.16
CA ASN D 114 -16.95 20.07 0.90
C ASN D 114 -18.22 19.57 0.22
N ARG D 115 -18.40 18.24 0.18
CA ARG D 115 -19.59 17.69 -0.46
C ARG D 115 -20.84 17.84 0.40
N GLU D 116 -20.68 17.80 1.72
CA GLU D 116 -21.84 17.84 2.61
C GLU D 116 -22.58 19.17 2.50
N LYS D 117 -21.85 20.28 2.64
CA LYS D 117 -22.49 21.59 2.53
C LYS D 117 -22.99 21.84 1.12
N MET D 118 -22.23 21.43 0.11
CA MET D 118 -22.61 21.66 -1.27
C MET D 118 -23.92 20.94 -1.61
N THR D 119 -24.08 19.72 -1.11
CA THR D 119 -25.35 19.01 -1.28
C THR D 119 -26.49 19.75 -0.60
N GLN D 120 -26.26 20.23 0.63
CA GLN D 120 -27.33 20.89 1.38
C GLN D 120 -27.78 22.17 0.70
N ILE D 121 -26.84 22.93 0.14
CA ILE D 121 -27.17 24.24 -0.43
C ILE D 121 -28.17 24.09 -1.57
N MET D 122 -27.93 23.16 -2.47
CA MET D 122 -28.78 23.04 -3.65
C MET D 122 -30.17 22.50 -3.29
N PHE D 123 -30.24 21.55 -2.36
CA PHE D 123 -31.53 20.99 -1.97
C PHE D 123 -32.33 21.96 -1.11
N GLU D 124 -31.70 23.02 -0.59
CA GLU D 124 -32.38 24.01 0.23
C GLU D 124 -32.58 25.34 -0.49
N THR D 125 -31.49 25.93 -1.02
CA THR D 125 -31.62 27.22 -1.67
C THR D 125 -32.27 27.09 -3.05
N PHE D 126 -31.90 26.07 -3.81
CA PHE D 126 -32.41 25.92 -5.17
C PHE D 126 -33.50 24.86 -5.30
N ASN D 127 -33.64 23.97 -4.33
CA ASN D 127 -34.68 22.94 -4.32
C ASN D 127 -34.64 22.10 -5.60
N THR D 128 -33.44 21.68 -5.97
CA THR D 128 -33.27 20.84 -7.14
C THR D 128 -33.90 19.47 -6.91
N PRO D 129 -34.65 18.94 -7.86
CA PRO D 129 -35.30 17.63 -7.66
C PRO D 129 -34.32 16.50 -7.38
N ALA D 130 -33.15 16.51 -8.00
CA ALA D 130 -32.17 15.45 -7.81
C ALA D 130 -30.79 15.98 -8.16
N MET D 131 -29.77 15.22 -7.77
CA MET D 131 -28.39 15.64 -8.04
C MET D 131 -27.50 14.40 -8.01
N TYR D 132 -26.41 14.47 -8.75
CA TYR D 132 -25.35 13.48 -8.66
C TYR D 132 -24.01 14.20 -8.74
N VAL D 133 -23.03 13.66 -8.02
CA VAL D 133 -21.69 14.22 -7.99
C VAL D 133 -20.72 13.19 -8.57
N ALA D 134 -19.90 13.62 -9.52
CA ALA D 134 -18.98 12.73 -10.21
C ALA D 134 -17.56 13.26 -10.10
N ILE D 135 -16.59 12.33 -10.06
CA ILE D 135 -15.19 12.72 -10.03
C ILE D 135 -14.82 13.40 -11.34
N GLN D 136 -14.04 14.47 -11.24
CA GLN D 136 -13.66 15.22 -12.45
C GLN D 136 -12.81 14.36 -13.38
N ALA D 137 -11.87 13.59 -12.82
CA ALA D 137 -10.97 12.79 -13.65
C ALA D 137 -11.73 11.70 -14.39
N VAL D 138 -12.71 11.08 -13.74
CA VAL D 138 -13.44 9.97 -14.36
C VAL D 138 -14.19 10.45 -15.61
N LEU D 139 -14.82 11.62 -15.52
CA LEU D 139 -15.62 12.12 -16.63
C LEU D 139 -14.80 12.38 -17.88
N SER D 140 -13.49 12.57 -17.74
CA SER D 140 -12.65 12.84 -18.91
C SER D 140 -12.57 11.66 -19.86
N LEU D 141 -12.84 10.45 -19.39
CA LEU D 141 -12.80 9.28 -20.27
C LEU D 141 -14.00 9.25 -21.22
N TYR D 142 -15.15 9.76 -20.76
CA TYR D 142 -16.34 9.72 -21.60
C TYR D 142 -16.18 10.58 -22.85
N ALA D 143 -15.49 11.72 -22.72
CA ALA D 143 -15.21 12.55 -23.89
C ALA D 143 -14.36 11.79 -24.90
N SER D 144 -13.35 11.06 -24.42
CA SER D 144 -12.55 10.23 -25.31
C SER D 144 -13.31 8.98 -25.75
N GLY D 145 -14.35 8.60 -25.02
CA GLY D 145 -15.15 7.44 -25.39
C GLY D 145 -14.50 6.11 -25.16
N ARG D 146 -13.48 6.04 -24.32
CA ARG D 146 -12.77 4.81 -24.04
C ARG D 146 -13.23 4.22 -22.71
N THR D 147 -12.59 3.13 -22.31
CA THR D 147 -12.83 2.51 -21.01
C THR D 147 -11.56 2.23 -20.22
N THR D 148 -10.39 2.29 -20.86
CA THR D 148 -9.12 2.01 -20.19
C THR D 148 -8.17 3.17 -20.41
N GLY D 149 -7.33 3.42 -19.41
CA GLY D 149 -6.32 4.46 -19.51
C GLY D 149 -6.37 5.41 -18.33
N ILE D 150 -5.20 5.91 -17.94
CA ILE D 150 -5.12 6.87 -16.86
C ILE D 150 -5.59 8.23 -17.34
N VAL D 151 -6.08 9.04 -16.40
CA VAL D 151 -6.54 10.39 -16.69
C VAL D 151 -5.77 11.35 -15.81
N MET D 152 -5.20 12.39 -16.42
CA MET D 152 -4.50 13.44 -15.69
C MET D 152 -5.27 14.74 -15.95
N ASP D 153 -6.01 15.18 -14.94
CA ASP D 153 -6.82 16.39 -15.03
C ASP D 153 -6.06 17.56 -14.42
N SER D 154 -5.08 18.05 -15.18
CA SER D 154 -4.22 19.15 -14.74
C SER D 154 -5.01 20.44 -14.80
N GLY D 155 -5.90 20.62 -13.82
CA GLY D 155 -6.77 21.77 -13.77
C GLY D 155 -6.05 23.01 -13.31
N ASP D 156 -6.85 24.05 -13.06
CA ASP D 156 -6.30 25.33 -12.64
C ASP D 156 -5.77 25.29 -11.22
N GLY D 157 -6.44 24.54 -10.33
CA GLY D 157 -6.07 24.54 -8.94
C GLY D 157 -5.63 23.20 -8.38
N VAL D 158 -5.71 22.14 -9.18
CA VAL D 158 -5.34 20.81 -8.73
C VAL D 158 -4.94 19.98 -9.94
N THR D 159 -3.90 19.16 -9.76
CA THR D 159 -3.43 18.22 -10.78
C THR D 159 -3.42 16.83 -10.17
N HIS D 160 -4.09 15.88 -10.82
CA HIS D 160 -4.24 14.55 -10.26
C HIS D 160 -4.30 13.53 -11.37
N THR D 161 -3.96 12.28 -11.03
CA THR D 161 -4.01 11.16 -11.95
C THR D 161 -4.87 10.06 -11.36
N VAL D 162 -5.89 9.63 -12.11
CA VAL D 162 -6.80 8.58 -11.64
C VAL D 162 -6.83 7.46 -12.67
N PRO D 163 -6.13 6.36 -12.43
CA PRO D 163 -6.16 5.24 -13.39
C PRO D 163 -7.51 4.54 -13.37
N ILE D 164 -7.98 4.17 -14.56
CA ILE D 164 -9.23 3.45 -14.74
C ILE D 164 -8.97 2.27 -15.66
N TYR D 165 -9.48 1.09 -15.29
CA TYR D 165 -9.30 -0.12 -16.08
C TYR D 165 -10.62 -0.86 -16.16
N GLU D 166 -11.18 -0.94 -17.36
CA GLU D 166 -12.41 -1.69 -17.62
C GLU D 166 -13.55 -1.24 -16.72
N GLY D 167 -13.60 0.06 -16.44
CA GLY D 167 -14.66 0.62 -15.63
C GLY D 167 -14.49 0.46 -14.14
N TYR D 168 -13.37 -0.10 -13.68
CA TYR D 168 -13.12 -0.30 -12.26
C TYR D 168 -12.00 0.66 -11.84
N ALA D 169 -12.38 1.80 -11.27
CA ALA D 169 -11.40 2.74 -10.77
C ALA D 169 -10.70 2.15 -9.55
N LEU D 170 -9.42 2.50 -9.40
CA LEU D 170 -8.62 1.96 -8.32
C LEU D 170 -8.50 2.99 -7.21
N PRO D 171 -9.16 2.79 -6.06
CA PRO D 171 -9.14 3.82 -5.01
C PRO D 171 -7.80 3.99 -4.34
N HIS D 172 -6.86 3.06 -4.51
CA HIS D 172 -5.57 3.14 -3.85
C HIS D 172 -4.46 3.68 -4.75
N ALA D 173 -4.80 4.17 -5.94
CA ALA D 173 -3.80 4.66 -6.88
C ALA D 173 -4.04 6.10 -7.33
N ILE D 174 -4.99 6.80 -6.72
CA ILE D 174 -5.22 8.20 -7.04
C ILE D 174 -4.18 9.05 -6.33
N LEU D 175 -3.46 9.87 -7.08
CA LEU D 175 -2.49 10.81 -6.54
C LEU D 175 -2.95 12.23 -6.82
N ARG D 176 -2.93 13.07 -5.80
CA ARG D 176 -3.36 14.46 -5.91
C ARG D 176 -2.16 15.36 -5.68
N LEU D 177 -1.95 16.31 -6.59
CA LEU D 177 -0.83 17.24 -6.53
C LEU D 177 -1.35 18.67 -6.48
N ASP D 178 -0.81 19.46 -5.55
CA ASP D 178 -1.30 20.82 -5.34
C ASP D 178 -0.79 21.81 -6.38
N LEU D 179 0.33 21.53 -7.03
CA LEU D 179 0.85 22.41 -8.06
C LEU D 179 -0.06 22.37 -9.28
N ALA D 180 -0.44 23.53 -9.79
CA ALA D 180 -1.40 23.61 -10.88
C ALA D 180 -1.21 24.95 -11.61
N GLY D 181 -2.18 25.30 -12.44
CA GLY D 181 -2.04 26.48 -13.29
C GLY D 181 -1.97 27.77 -12.51
N ARG D 182 -2.83 27.93 -11.50
CA ARG D 182 -2.84 29.16 -10.72
C ARG D 182 -1.50 29.37 -10.01
N ASP D 183 -0.90 28.29 -9.53
CA ASP D 183 0.40 28.40 -8.87
C ASP D 183 1.47 28.88 -9.84
N LEU D 184 1.41 28.42 -11.10
CA LEU D 184 2.38 28.85 -12.10
C LEU D 184 2.29 30.34 -12.37
N THR D 185 1.08 30.92 -12.27
CA THR D 185 0.92 32.34 -12.51
C THR D 185 1.72 33.15 -11.48
N ASP D 186 1.71 32.72 -10.22
CA ASP D 186 2.51 33.39 -9.21
C ASP D 186 4.00 33.31 -9.51
N TYR D 187 4.46 32.16 -10.00
CA TYR D 187 5.87 31.99 -10.30
C TYR D 187 6.33 32.93 -11.41
N LEU D 188 5.49 33.11 -12.44
CA LEU D 188 5.87 34.00 -13.54
C LEU D 188 5.97 35.44 -13.06
N MET D 189 5.12 35.84 -12.12
CA MET D 189 5.20 37.19 -11.57
C MET D 189 6.51 37.41 -10.83
N LYS D 190 6.96 36.40 -10.07
CA LYS D 190 8.19 36.55 -9.32
C LYS D 190 9.39 36.74 -10.24
N ILE D 191 9.45 35.99 -11.34
CA ILE D 191 10.54 36.16 -12.29
C ILE D 191 10.43 37.50 -13.00
N LEU D 192 9.21 37.92 -13.31
CA LEU D 192 9.03 39.18 -14.04
C LEU D 192 9.49 40.37 -13.21
N THR D 193 9.27 40.32 -11.89
CA THR D 193 9.73 41.40 -11.03
C THR D 193 11.26 41.50 -11.06
N GLU D 194 11.94 40.36 -11.06
CA GLU D 194 13.39 40.36 -11.21
C GLU D 194 13.80 40.92 -12.57
N ARG D 195 13.00 40.63 -13.61
CA ARG D 195 13.30 41.14 -14.95
C ARG D 195 13.26 42.66 -14.97
N GLY D 196 12.34 43.26 -14.22
CA GLY D 196 12.28 44.71 -14.14
C GLY D 196 10.86 45.26 -14.07
N TYR D 197 9.88 44.44 -14.45
CA TYR D 197 8.48 44.85 -14.46
C TYR D 197 7.77 44.24 -13.26
N SER D 198 7.10 45.08 -12.48
CA SER D 198 6.50 44.67 -11.22
C SER D 198 5.00 44.49 -11.37
N PHE D 199 4.48 43.41 -10.79
CA PHE D 199 3.05 43.11 -10.79
C PHE D 199 2.64 42.67 -9.39
N THR D 200 1.90 43.53 -8.69
CA THR D 200 1.45 43.23 -7.34
C THR D 200 -0.07 43.24 -7.21
N THR D 201 -0.74 44.25 -7.75
CA THR D 201 -2.18 44.37 -7.63
C THR D 201 -2.88 43.22 -8.35
N THR D 202 -4.03 42.80 -7.80
CA THR D 202 -4.80 41.72 -8.40
C THR D 202 -5.16 42.01 -9.86
N ALA D 203 -5.29 43.29 -10.22
CA ALA D 203 -5.48 43.63 -11.62
C ALA D 203 -4.28 43.20 -12.45
N GLU D 204 -3.07 43.38 -11.91
CA GLU D 204 -1.88 42.90 -12.60
C GLU D 204 -1.81 41.38 -12.62
N ARG D 205 -2.48 40.72 -11.66
CA ARG D 205 -2.48 39.26 -11.63
C ARG D 205 -3.17 38.67 -12.85
N GLU D 206 -4.22 39.34 -13.35
CA GLU D 206 -4.91 38.84 -14.52
C GLU D 206 -4.09 39.05 -15.79
N ILE D 207 -3.33 40.14 -15.86
CA ILE D 207 -2.58 40.46 -17.07
C ILE D 207 -1.52 39.40 -17.34
N VAL D 208 -0.78 38.99 -16.31
CA VAL D 208 0.26 37.98 -16.49
C VAL D 208 -0.37 36.64 -16.86
N ARG D 209 -1.57 36.37 -16.34
CA ARG D 209 -2.28 35.15 -16.74
C ARG D 209 -2.56 35.15 -18.24
N ASP D 210 -2.96 36.29 -18.79
CA ASP D 210 -3.13 36.39 -20.24
C ASP D 210 -1.81 36.20 -20.97
N ILE D 211 -0.73 36.74 -20.41
CA ILE D 211 0.59 36.53 -20.99
C ILE D 211 0.94 35.05 -20.95
N LYS D 212 0.64 34.38 -19.84
CA LYS D 212 0.94 32.96 -19.73
C LYS D 212 0.19 32.14 -20.76
N GLU D 213 -1.10 32.45 -20.96
CA GLU D 213 -1.91 31.69 -21.90
C GLU D 213 -1.49 31.90 -23.36
N LYS D 214 -0.73 32.95 -23.65
CA LYS D 214 -0.45 33.33 -25.03
C LYS D 214 0.96 33.00 -25.49
N LEU D 215 1.98 33.27 -24.67
CA LEU D 215 3.36 33.19 -25.14
C LEU D 215 4.12 31.98 -24.62
N CYS D 216 3.91 31.57 -23.37
CA CYS D 216 4.71 30.50 -22.79
C CYS D 216 4.47 29.16 -23.47
N TYR D 217 5.54 28.36 -23.53
CA TYR D 217 5.54 27.08 -24.21
C TYR D 217 6.52 26.16 -23.51
N VAL D 218 6.31 24.85 -23.67
CA VAL D 218 7.13 23.84 -23.04
C VAL D 218 8.31 23.51 -23.93
N ALA D 219 9.49 23.41 -23.34
CA ALA D 219 10.72 23.12 -24.07
C ALA D 219 11.02 21.63 -24.00
N LEU D 220 11.36 21.05 -25.15
CA LEU D 220 11.68 19.63 -25.19
C LEU D 220 12.92 19.29 -24.37
N ASP D 221 13.94 20.14 -24.43
CA ASP D 221 15.14 19.96 -23.62
C ASP D 221 15.42 21.26 -22.90
N PHE D 222 15.23 21.26 -21.58
CA PHE D 222 15.31 22.49 -20.79
C PHE D 222 16.72 23.07 -20.80
N GLU D 223 17.74 22.21 -20.76
CA GLU D 223 19.12 22.71 -20.73
C GLU D 223 19.52 23.35 -22.05
N GLN D 224 19.02 22.81 -23.16
CA GLN D 224 19.41 23.32 -24.48
C GLN D 224 19.00 24.78 -24.66
N GLU D 225 17.82 25.16 -24.18
CA GLU D 225 17.32 26.50 -24.42
C GLU D 225 18.17 27.58 -23.74
N MET D 226 18.81 27.25 -22.61
CA MET D 226 19.67 28.23 -21.94
C MET D 226 20.83 28.64 -22.84
N ALA D 227 21.44 27.69 -23.54
CA ALA D 227 22.52 28.03 -24.45
C ALA D 227 22.03 28.95 -25.56
N THR D 228 20.86 28.66 -26.12
CA THR D 228 20.33 29.49 -27.20
C THR D 228 19.78 30.81 -26.69
N ALA D 229 19.08 30.81 -25.55
CA ALA D 229 18.46 32.03 -25.05
C ALA D 229 19.52 33.08 -24.69
N ALA D 230 20.62 32.65 -24.07
CA ALA D 230 21.67 33.58 -23.70
C ALA D 230 22.47 34.08 -24.90
N SER D 231 22.28 33.49 -26.08
CA SER D 231 23.03 33.86 -27.27
C SER D 231 22.15 34.19 -28.46
N SER D 232 20.84 34.31 -28.27
CA SER D 232 19.95 34.64 -29.38
C SER D 232 18.72 35.35 -28.84
N SER D 233 18.21 36.30 -29.62
CA SER D 233 17.00 37.03 -29.29
C SER D 233 15.77 36.51 -30.04
N SER D 234 15.93 35.45 -30.83
CA SER D 234 14.79 34.90 -31.57
C SER D 234 13.73 34.36 -30.61
N LEU D 235 14.16 33.73 -29.51
CA LEU D 235 13.21 33.25 -28.52
C LEU D 235 12.42 34.40 -27.91
N GLU D 236 13.06 35.56 -27.76
CA GLU D 236 12.40 36.70 -27.15
C GLU D 236 11.19 37.12 -27.98
N LYS D 237 10.07 37.35 -27.29
CA LYS D 237 8.85 37.86 -27.92
C LYS D 237 8.37 39.08 -27.15
N SER D 238 7.74 39.99 -27.88
CA SER D 238 7.25 41.24 -27.31
C SER D 238 5.73 41.19 -27.22
N TYR D 239 5.21 41.43 -26.01
CA TYR D 239 3.76 41.50 -25.78
C TYR D 239 3.44 42.89 -25.23
N GLU D 240 2.51 43.57 -25.88
CA GLU D 240 2.15 44.92 -25.45
C GLU D 240 1.27 44.85 -24.20
N LEU D 241 1.61 45.67 -23.21
CA LEU D 241 0.79 45.78 -22.02
C LEU D 241 -0.39 46.72 -22.28
N PRO D 242 -1.47 46.59 -21.52
CA PRO D 242 -2.62 47.49 -21.72
C PRO D 242 -2.29 48.96 -21.55
N ASP D 243 -1.31 49.29 -20.70
CA ASP D 243 -0.95 50.68 -20.48
C ASP D 243 -0.22 51.30 -21.67
N GLY D 244 0.16 50.50 -22.66
CA GLY D 244 0.88 50.98 -23.83
C GLY D 244 2.35 50.64 -23.86
N GLN D 245 2.92 50.19 -22.75
CA GLN D 245 4.32 49.80 -22.72
C GLN D 245 4.48 48.39 -23.27
N VAL D 246 5.52 48.19 -24.06
CA VAL D 246 5.81 46.90 -24.68
C VAL D 246 6.97 46.26 -23.92
N ILE D 247 6.69 45.19 -23.20
CA ILE D 247 7.71 44.47 -22.45
C ILE D 247 8.20 43.29 -23.29
N THR D 248 9.43 42.86 -23.01
CA THR D 248 10.06 41.76 -23.72
C THR D 248 10.24 40.58 -22.79
N ILE D 249 9.79 39.40 -23.23
CA ILE D 249 9.92 38.17 -22.47
C ILE D 249 11.04 37.36 -23.09
N GLY D 250 12.06 37.07 -22.29
CA GLY D 250 13.21 36.32 -22.78
C GLY D 250 13.14 34.84 -22.47
N ASN D 251 14.05 34.36 -21.62
CA ASN D 251 14.04 32.96 -21.21
C ASN D 251 12.84 32.61 -20.34
N GLU D 252 12.09 33.61 -19.87
CA GLU D 252 10.89 33.35 -19.08
C GLU D 252 9.77 32.71 -19.88
N ARG D 253 9.90 32.66 -21.21
CA ARG D 253 8.86 32.04 -22.03
C ARG D 253 8.71 30.56 -21.71
N PHE D 254 9.82 29.85 -21.53
CA PHE D 254 9.78 28.43 -21.24
C PHE D 254 10.02 28.09 -19.77
N ARG D 255 10.60 29.01 -18.99
CA ARG D 255 10.89 28.71 -17.59
C ARG D 255 9.60 28.54 -16.79
N CYS D 256 8.58 29.36 -17.07
CA CYS D 256 7.33 29.27 -16.32
C CYS D 256 6.64 27.92 -16.49
N PRO D 257 6.44 27.39 -17.70
CA PRO D 257 5.82 26.05 -17.81
C PRO D 257 6.70 24.94 -17.26
N GLU D 258 8.01 25.16 -17.13
CA GLU D 258 8.90 24.11 -16.63
C GLU D 258 8.67 23.80 -15.16
N ALA D 259 7.95 24.64 -14.43
CA ALA D 259 7.67 24.35 -13.03
C ALA D 259 6.81 23.11 -12.86
N LEU D 260 6.09 22.70 -13.91
CA LEU D 260 5.31 21.48 -13.84
C LEU D 260 6.20 20.25 -13.64
N PHE D 261 7.32 20.20 -14.35
CA PHE D 261 8.21 19.04 -14.30
C PHE D 261 9.27 19.14 -13.21
N GLN D 262 9.55 20.34 -12.71
CA GLN D 262 10.54 20.55 -11.66
C GLN D 262 9.90 21.41 -10.57
N PRO D 263 9.15 20.81 -9.65
CA PRO D 263 8.49 21.58 -8.59
C PRO D 263 9.45 22.25 -7.62
N SER D 264 10.75 21.99 -7.74
CA SER D 264 11.73 22.64 -6.85
C SER D 264 11.85 24.13 -7.11
N PHE D 265 11.32 24.64 -8.23
CA PHE D 265 11.42 26.07 -8.51
C PHE D 265 10.63 26.88 -7.50
N LEU D 266 9.46 26.40 -7.09
CA LEU D 266 8.64 27.08 -6.11
C LEU D 266 8.80 26.49 -4.71
N GLY D 267 9.75 25.60 -4.51
CA GLY D 267 9.94 24.96 -3.23
C GLY D 267 9.02 23.80 -2.95
N MET D 268 8.16 23.42 -3.89
CA MET D 268 7.29 22.27 -3.72
C MET D 268 8.15 21.00 -3.73
N GLU D 269 8.15 20.28 -2.61
CA GLU D 269 8.97 19.08 -2.49
C GLU D 269 8.37 17.87 -3.20
N SER D 270 7.15 17.98 -3.70
CA SER D 270 6.50 16.85 -4.36
C SER D 270 7.19 16.55 -5.69
N CYS D 271 6.86 15.39 -6.25
CA CYS D 271 7.45 14.97 -7.51
C CYS D 271 6.84 15.74 -8.67
N GLY D 272 7.51 15.67 -9.81
CA GLY D 272 7.06 16.37 -10.99
C GLY D 272 5.84 15.72 -11.62
N ILE D 273 5.25 16.43 -12.58
CA ILE D 273 4.06 15.92 -13.26
C ILE D 273 4.39 14.67 -14.06
N HIS D 274 5.59 14.60 -14.63
CA HIS D 274 6.01 13.39 -15.33
C HIS D 274 6.24 12.25 -14.35
N GLU D 275 6.76 12.55 -13.16
CA GLU D 275 7.00 11.51 -12.16
C GLU D 275 5.73 11.07 -11.46
N THR D 276 4.79 11.99 -11.22
CA THR D 276 3.57 11.62 -10.51
C THR D 276 2.68 10.69 -11.32
N THR D 277 2.78 10.71 -12.66
CA THR D 277 2.03 9.77 -13.48
C THR D 277 2.69 8.40 -13.50
N PHE D 278 3.99 8.32 -13.20
CA PHE D 278 4.65 7.03 -13.06
C PHE D 278 4.28 6.35 -11.75
N ASN D 279 4.22 7.11 -10.66
CA ASN D 279 3.93 6.53 -9.36
C ASN D 279 2.52 5.95 -9.32
N SER D 280 1.57 6.60 -9.98
CA SER D 280 0.20 6.07 -10.03
C SER D 280 0.18 4.73 -10.76
N ILE D 281 0.91 4.62 -11.86
CA ILE D 281 1.00 3.34 -12.57
C ILE D 281 1.72 2.30 -11.71
N MET D 282 2.81 2.71 -11.06
CA MET D 282 3.59 1.79 -10.23
C MET D 282 2.77 1.18 -9.11
N LYS D 283 1.70 1.85 -8.67
CA LYS D 283 0.83 1.30 -7.65
C LYS D 283 -0.24 0.38 -8.23
N CYS D 284 -0.30 0.23 -9.54
CA CYS D 284 -1.27 -0.63 -10.19
C CYS D 284 -0.74 -2.06 -10.30
N ASP D 285 -1.63 -2.97 -10.71
CA ASP D 285 -1.26 -4.36 -10.86
C ASP D 285 -0.29 -4.54 -12.03
N VAL D 286 0.42 -5.67 -12.02
CA VAL D 286 1.37 -5.96 -13.09
C VAL D 286 0.65 -6.27 -14.38
N ASP D 287 -0.48 -6.98 -14.30
CA ASP D 287 -1.18 -7.42 -15.50
C ASP D 287 -1.86 -6.26 -16.22
N ILE D 288 -2.33 -5.26 -15.47
CA ILE D 288 -2.99 -4.10 -16.09
C ILE D 288 -2.01 -3.00 -16.45
N ARG D 289 -0.72 -3.16 -16.12
CA ARG D 289 0.26 -2.12 -16.42
C ARG D 289 0.41 -1.90 -17.92
N LYS D 290 0.22 -2.95 -18.72
CA LYS D 290 0.42 -2.85 -20.16
C LYS D 290 -0.59 -1.90 -20.79
N ASP D 291 -1.86 -1.98 -20.39
CA ASP D 291 -2.88 -1.17 -21.03
C ASP D 291 -2.75 0.30 -20.63
N LEU D 292 -2.44 0.58 -19.36
CA LEU D 292 -2.35 1.96 -18.91
C LEU D 292 -1.19 2.70 -19.57
N TYR D 293 -0.12 2.00 -19.90
CA TYR D 293 0.99 2.63 -20.62
C TYR D 293 0.54 3.10 -22.00
N ALA D 294 -0.34 2.34 -22.66
CA ALA D 294 -0.77 2.69 -24.00
C ALA D 294 -1.66 3.95 -23.99
N ASN D 295 -2.62 4.00 -23.07
CA ASN D 295 -3.60 5.09 -23.04
C ASN D 295 -3.29 6.00 -21.86
N THR D 296 -2.92 7.24 -22.15
CA THR D 296 -2.71 8.27 -21.13
C THR D 296 -3.48 9.51 -21.57
N VAL D 297 -4.75 9.58 -21.18
CA VAL D 297 -5.60 10.70 -21.57
C VAL D 297 -5.13 11.97 -20.87
N LEU D 298 -4.93 13.03 -21.64
CA LEU D 298 -4.50 14.32 -21.13
C LEU D 298 -5.69 15.27 -21.12
N SER D 299 -5.78 16.09 -20.07
CA SER D 299 -6.89 17.01 -19.92
C SER D 299 -6.42 18.24 -19.16
N GLY D 300 -7.35 19.14 -18.88
CA GLY D 300 -7.03 20.34 -18.12
C GLY D 300 -6.56 21.48 -18.99
N GLY D 301 -6.85 22.70 -18.53
CA GLY D 301 -6.46 23.89 -19.27
C GLY D 301 -4.98 24.16 -19.27
N THR D 302 -4.24 23.63 -18.29
CA THR D 302 -2.80 23.78 -18.24
C THR D 302 -2.07 22.79 -19.15
N THR D 303 -2.80 22.15 -20.07
CA THR D 303 -2.22 21.20 -21.00
C THR D 303 -2.25 21.72 -22.44
N MET D 304 -2.58 22.99 -22.63
CA MET D 304 -2.60 23.60 -23.95
C MET D 304 -1.26 24.16 -24.38
N TYR D 305 -0.24 24.07 -23.53
CA TYR D 305 1.08 24.56 -23.90
C TYR D 305 1.59 23.79 -25.12
N PRO D 306 2.26 24.47 -26.07
CA PRO D 306 2.78 23.76 -27.23
C PRO D 306 3.83 22.74 -26.84
N GLY D 307 3.72 21.53 -27.40
CA GLY D 307 4.70 20.50 -27.16
C GLY D 307 4.64 19.83 -25.81
N ILE D 308 3.58 20.05 -25.03
CA ILE D 308 3.49 19.42 -23.71
C ILE D 308 3.36 17.92 -23.84
N ALA D 309 2.58 17.44 -24.82
CA ALA D 309 2.46 16.02 -25.04
C ALA D 309 3.78 15.41 -25.50
N ASP D 310 4.50 16.12 -26.37
CA ASP D 310 5.78 15.61 -26.87
C ASP D 310 6.81 15.55 -25.74
N ARG D 311 6.81 16.54 -24.85
CA ARG D 311 7.74 16.52 -23.72
C ARG D 311 7.43 15.36 -22.79
N MET D 312 6.16 15.09 -22.54
CA MET D 312 5.79 14.03 -21.61
C MET D 312 6.21 12.65 -22.13
N GLN D 313 6.05 12.42 -23.44
CA GLN D 313 6.45 11.14 -24.01
C GLN D 313 7.95 10.92 -23.88
N LYS D 314 8.74 11.98 -24.07
CA LYS D 314 10.19 11.86 -23.93
C LYS D 314 10.58 11.49 -22.52
N GLU D 315 9.94 12.09 -21.52
CA GLU D 315 10.30 11.81 -20.13
C GLU D 315 9.86 10.41 -19.71
N ILE D 316 8.62 10.05 -20.01
CA ILE D 316 8.08 8.76 -19.55
C ILE D 316 8.82 7.61 -20.21
N THR D 317 9.07 7.69 -21.52
CA THR D 317 9.70 6.59 -22.23
C THR D 317 11.09 6.29 -21.68
N ALA D 318 11.85 7.34 -21.36
CA ALA D 318 13.16 7.13 -20.73
C ALA D 318 13.02 6.46 -19.38
N LEU D 319 12.04 6.89 -18.57
CA LEU D 319 11.86 6.31 -17.25
C LEU D 319 11.23 4.93 -17.31
N ALA D 320 10.23 4.75 -18.19
CA ALA D 320 9.60 3.45 -18.34
C ALA D 320 10.53 2.49 -19.07
N PRO D 321 10.32 1.19 -18.89
CA PRO D 321 11.15 0.22 -19.62
C PRO D 321 10.98 0.37 -21.12
N SER D 322 12.06 0.09 -21.85
CA SER D 322 12.05 0.23 -23.29
C SER D 322 11.16 -0.85 -23.92
N THR D 323 11.07 -0.81 -25.26
CA THR D 323 10.17 -1.68 -26.01
C THR D 323 8.73 -1.53 -25.53
N MET D 324 8.30 -0.29 -25.33
CA MET D 324 6.98 0.03 -24.82
C MET D 324 6.28 1.00 -25.74
N LYS D 325 4.97 0.83 -25.88
CA LYS D 325 4.13 1.71 -26.70
C LYS D 325 3.45 2.70 -25.77
N ILE D 326 3.98 3.92 -25.71
CA ILE D 326 3.44 4.98 -24.87
C ILE D 326 2.81 6.02 -25.77
N LYS D 327 1.48 6.05 -25.82
CA LYS D 327 0.74 7.01 -26.63
C LYS D 327 0.17 8.08 -25.70
N ILE D 328 0.65 9.32 -25.85
CA ILE D 328 0.15 10.45 -25.07
C ILE D 328 -1.03 11.02 -25.87
N ILE D 329 -2.23 10.54 -25.55
CA ILE D 329 -3.41 10.98 -26.29
C ILE D 329 -3.80 12.38 -25.85
N ALA D 330 -3.92 13.29 -26.82
CA ALA D 330 -4.30 14.67 -26.58
C ALA D 330 -5.47 15.01 -27.48
N PRO D 331 -6.70 14.75 -27.04
CA PRO D 331 -7.85 15.02 -27.88
C PRO D 331 -7.96 16.50 -28.18
N PRO D 332 -8.45 16.87 -29.37
CA PRO D 332 -8.59 18.29 -29.70
C PRO D 332 -9.59 18.97 -28.76
N GLU D 333 -9.29 20.22 -28.43
CA GLU D 333 -10.10 21.01 -27.50
C GLU D 333 -10.32 20.26 -26.18
N ARG D 334 -9.20 19.82 -25.58
CA ARG D 334 -9.27 19.13 -24.30
C ARG D 334 -9.61 20.06 -23.16
N LYS D 335 -9.62 21.38 -23.39
CA LYS D 335 -9.92 22.32 -22.32
C LYS D 335 -11.32 22.09 -21.75
N TYR D 336 -12.25 21.60 -22.58
CA TYR D 336 -13.62 21.35 -22.15
C TYR D 336 -13.93 19.85 -22.10
N SER D 337 -12.90 19.02 -21.91
CA SER D 337 -13.10 17.58 -21.86
C SER D 337 -13.98 17.18 -20.69
N VAL D 338 -13.78 17.81 -19.54
CA VAL D 338 -14.54 17.44 -18.35
C VAL D 338 -16.03 17.70 -18.55
N TRP D 339 -16.38 18.86 -19.12
CA TRP D 339 -17.79 19.15 -19.35
C TRP D 339 -18.36 18.29 -20.47
N ILE D 340 -17.57 18.05 -21.52
CA ILE D 340 -18.05 17.25 -22.65
C ILE D 340 -18.39 15.84 -22.18
N GLY D 341 -17.54 15.25 -21.34
CA GLY D 341 -17.84 13.95 -20.78
C GLY D 341 -19.11 13.94 -19.97
N GLY D 342 -19.37 15.03 -19.24
CA GLY D 342 -20.59 15.10 -18.45
C GLY D 342 -21.84 15.09 -19.30
N SER D 343 -21.80 15.74 -20.47
CA SER D 343 -22.95 15.76 -21.36
C SER D 343 -23.29 14.36 -21.85
N ILE D 344 -22.28 13.57 -22.19
CA ILE D 344 -22.53 12.20 -22.66
C ILE D 344 -23.13 11.36 -21.54
N LEU D 345 -22.58 11.48 -20.32
CA LEU D 345 -23.09 10.69 -19.20
C LEU D 345 -24.52 11.10 -18.85
N ALA D 346 -24.83 12.39 -18.93
CA ALA D 346 -26.17 12.86 -18.58
C ALA D 346 -27.22 12.27 -19.50
N SER D 347 -26.93 12.19 -20.80
CA SER D 347 -27.89 11.64 -21.76
C SER D 347 -27.98 10.12 -21.70
N LEU D 348 -27.06 9.47 -21.00
CA LEU D 348 -27.08 8.01 -20.93
C LEU D 348 -28.28 7.52 -20.13
N SER D 349 -28.91 6.45 -20.61
CA SER D 349 -30.11 5.94 -19.97
C SER D 349 -29.78 5.21 -18.67
N THR D 350 -28.67 4.47 -18.65
CA THR D 350 -28.30 3.72 -17.45
C THR D 350 -27.96 4.64 -16.28
N PHE D 351 -27.54 5.88 -16.58
CA PHE D 351 -27.16 6.82 -15.53
C PHE D 351 -28.35 7.31 -14.71
N GLN D 352 -29.58 7.10 -15.21
CA GLN D 352 -30.76 7.63 -14.53
C GLN D 352 -31.07 6.90 -13.23
N GLN D 353 -30.48 5.73 -12.99
CA GLN D 353 -30.83 4.92 -11.83
C GLN D 353 -29.98 5.24 -10.60
N MET D 354 -28.98 6.12 -10.72
CA MET D 354 -28.09 6.46 -9.62
C MET D 354 -28.14 7.96 -9.30
N TRP D 355 -29.34 8.52 -9.23
CA TRP D 355 -29.55 9.93 -8.94
C TRP D 355 -30.14 10.08 -7.55
N ILE D 356 -29.52 10.95 -6.75
CA ILE D 356 -29.94 11.18 -5.37
C ILE D 356 -31.23 12.00 -5.42
N SER D 357 -32.37 11.33 -5.25
CA SER D 357 -33.66 12.03 -5.28
C SER D 357 -33.82 12.90 -4.04
N LYS D 358 -34.70 13.90 -4.16
CA LYS D 358 -34.95 14.79 -3.04
C LYS D 358 -35.52 14.03 -1.85
N GLN D 359 -36.41 13.06 -2.12
CA GLN D 359 -36.97 12.26 -1.03
C GLN D 359 -35.90 11.46 -0.31
N GLU D 360 -34.95 10.89 -1.07
CA GLU D 360 -33.87 10.14 -0.46
C GLU D 360 -33.02 11.01 0.45
N TYR D 361 -32.85 12.29 0.10
CA TYR D 361 -32.09 13.20 0.94
C TYR D 361 -32.76 13.39 2.30
N ASP D 362 -34.09 13.52 2.31
CA ASP D 362 -34.81 13.81 3.55
C ASP D 362 -34.71 12.67 4.54
N GLU D 363 -34.80 11.42 4.07
CA GLU D 363 -34.85 10.29 4.98
C GLU D 363 -33.53 10.08 5.70
N SER D 364 -32.42 10.08 4.97
CA SER D 364 -31.11 9.77 5.52
C SER D 364 -30.28 11.01 5.84
N GLY D 365 -30.82 12.21 5.63
CA GLY D 365 -30.07 13.41 5.86
C GLY D 365 -29.05 13.67 4.77
N PRO D 366 -28.18 14.65 4.98
CA PRO D 366 -27.18 14.98 3.96
C PRO D 366 -26.02 14.01 3.88
N SER D 367 -26.03 12.92 4.65
CA SER D 367 -24.96 11.94 4.63
C SER D 367 -25.13 10.91 3.52
N ILE D 368 -26.20 11.01 2.73
CA ILE D 368 -26.43 10.05 1.65
C ILE D 368 -25.38 10.14 0.55
N VAL D 369 -24.66 11.26 0.46
CA VAL D 369 -23.70 11.43 -0.63
C VAL D 369 -22.57 10.42 -0.53
N HIS D 370 -22.07 10.18 0.69
CA HIS D 370 -20.98 9.22 0.86
C HIS D 370 -21.42 7.81 0.45
N ARG D 371 -22.65 7.43 0.81
CA ARG D 371 -23.12 6.09 0.49
C ARG D 371 -23.37 5.92 -1.00
N LYS D 372 -24.07 6.88 -1.62
CA LYS D 372 -24.49 6.72 -3.00
C LYS D 372 -23.39 7.13 -3.98
N CYS D 373 -22.95 8.38 -3.90
CA CYS D 373 -21.91 8.86 -4.80
C CYS D 373 -20.57 8.20 -4.47
N PHE D 374 -19.69 8.17 -5.47
CA PHE D 374 -18.39 7.55 -5.31
C PHE D 374 -17.52 8.32 -4.33
N LEU E 23 28.97 46.22 1.79
CA LEU E 23 28.59 45.23 2.80
C LEU E 23 27.60 45.81 3.80
N LYS E 24 26.33 45.41 3.68
CA LYS E 24 25.27 45.87 4.55
C LYS E 24 25.00 44.78 5.59
N ILE E 25 25.27 45.09 6.85
CA ILE E 25 25.07 44.18 7.97
C ILE E 25 23.93 44.72 8.82
N ALA E 26 22.93 43.88 9.08
CA ALA E 26 21.73 44.31 9.77
C ALA E 26 21.27 43.25 10.75
N ALA E 27 20.52 43.70 11.76
CA ALA E 27 19.90 42.82 12.74
C ALA E 27 18.39 42.90 12.56
N PHE E 28 17.77 41.75 12.34
CA PHE E 28 16.33 41.67 12.07
C PHE E 28 15.65 40.99 13.25
N ASN E 29 14.77 41.73 13.93
CA ASN E 29 14.02 41.18 15.06
C ASN E 29 12.64 40.73 14.60
N ILE E 30 12.63 39.60 13.90
CA ILE E 30 11.37 39.01 13.45
C ILE E 30 10.60 38.51 14.66
N ARG E 31 9.30 38.80 14.69
CA ARG E 31 8.45 38.47 15.82
C ARG E 31 7.77 37.12 15.59
N THR E 32 7.99 36.19 16.51
CA THR E 32 7.36 34.86 16.48
C THR E 32 7.53 34.19 15.13
N PHE E 33 8.78 34.15 14.66
CA PHE E 33 9.06 33.51 13.38
C PHE E 33 8.78 32.01 13.44
N GLY E 34 8.19 31.49 12.38
CA GLY E 34 7.88 30.08 12.32
C GLY E 34 6.90 29.78 11.20
N GLU E 35 6.23 28.64 11.31
CA GLU E 35 5.22 28.27 10.33
C GLU E 35 4.08 29.28 10.34
N THR E 36 3.67 29.72 11.54
CA THR E 36 2.54 30.63 11.66
C THR E 36 2.76 31.89 10.83
N LYS E 37 3.96 32.47 10.88
CA LYS E 37 4.25 33.62 10.03
C LYS E 37 4.51 33.20 8.59
N MET E 38 4.99 31.98 8.38
CA MET E 38 5.23 31.47 7.04
C MET E 38 3.97 30.97 6.35
N SER E 39 2.87 30.79 7.08
CA SER E 39 1.63 30.37 6.45
C SER E 39 1.11 31.41 5.47
N ASN E 40 1.16 32.69 5.86
CA ASN E 40 0.80 33.76 4.95
C ASN E 40 1.84 33.87 3.85
N ALA E 41 1.38 33.85 2.60
CA ALA E 41 2.30 33.98 1.47
C ALA E 41 2.79 35.40 1.27
N THR E 42 1.90 36.38 1.46
CA THR E 42 2.28 37.78 1.27
C THR E 42 3.32 38.22 2.30
N LEU E 43 3.15 37.79 3.54
CA LEU E 43 4.10 38.16 4.59
C LEU E 43 5.50 37.63 4.28
N ALA E 44 5.58 36.39 3.78
CA ALA E 44 6.86 35.84 3.36
C ALA E 44 7.46 36.62 2.20
N SER E 45 6.61 37.16 1.32
CA SER E 45 7.10 37.90 0.16
C SER E 45 7.87 39.13 0.58
N TYR E 46 7.33 39.90 1.54
CA TYR E 46 8.03 41.07 2.02
C TYR E 46 9.32 40.69 2.76
N ILE E 47 9.26 39.62 3.55
CA ILE E 47 10.44 39.18 4.29
C ILE E 47 11.56 38.79 3.33
N VAL E 48 11.22 38.08 2.25
CA VAL E 48 12.22 37.69 1.27
C VAL E 48 12.86 38.92 0.63
N ARG E 49 12.06 39.97 0.40
CA ARG E 49 12.60 41.18 -0.20
C ARG E 49 13.52 41.91 0.77
N ILE E 50 13.21 41.87 2.07
CA ILE E 50 14.01 42.59 3.05
C ILE E 50 15.39 41.97 3.20
N VAL E 51 15.45 40.64 3.32
CA VAL E 51 16.72 39.97 3.60
C VAL E 51 17.70 40.15 2.45
N ARG E 52 17.21 40.17 1.22
CA ARG E 52 18.08 40.31 0.06
C ARG E 52 18.85 41.62 0.07
N ARG E 53 18.35 42.65 0.78
CA ARG E 53 19.04 43.93 0.82
C ARG E 53 20.38 43.83 1.51
N TYR E 54 20.45 43.11 2.63
CA TYR E 54 21.66 43.01 3.43
C TYR E 54 22.36 41.69 3.18
N ASP E 55 23.67 41.74 2.95
CA ASP E 55 24.43 40.52 2.73
C ASP E 55 24.45 39.64 3.97
N ILE E 56 24.67 40.24 5.15
CA ILE E 56 24.72 39.52 6.41
C ILE E 56 23.59 40.05 7.29
N VAL E 57 22.66 39.17 7.64
CA VAL E 57 21.48 39.55 8.41
C VAL E 57 21.35 38.61 9.59
N LEU E 58 21.01 39.18 10.75
CA LEU E 58 20.80 38.41 11.98
C LEU E 58 19.31 38.23 12.19
N ILE E 59 18.88 36.99 12.38
CA ILE E 59 17.48 36.66 12.62
C ILE E 59 17.37 36.20 14.07
N GLN E 60 16.61 36.95 14.87
CA GLN E 60 16.49 36.70 16.30
C GLN E 60 15.19 35.96 16.61
N GLU E 61 15.13 35.47 17.84
CA GLU E 61 13.96 34.82 18.46
C GLU E 61 13.20 33.94 17.47
N VAL E 62 13.92 32.96 16.92
CA VAL E 62 13.32 31.96 16.04
C VAL E 62 12.58 30.96 16.92
N ARG E 63 11.26 30.95 16.83
CA ARG E 63 10.46 30.05 17.65
C ARG E 63 10.39 28.64 17.10
N ASP E 64 10.93 28.40 15.91
CA ASP E 64 10.90 27.06 15.32
C ASP E 64 11.79 26.10 16.10
N SER E 65 11.36 24.85 16.18
CA SER E 65 12.09 23.81 16.89
C SER E 65 12.79 22.82 15.97
N HIS E 66 12.20 22.50 14.82
CA HIS E 66 12.76 21.52 13.90
C HIS E 66 13.34 22.16 12.64
N LEU E 67 13.55 23.48 12.64
CA LEU E 67 14.10 24.20 11.50
C LEU E 67 13.24 24.06 10.26
N VAL E 68 11.93 23.91 10.44
CA VAL E 68 11.02 23.89 9.30
C VAL E 68 10.92 25.27 8.67
N ALA E 69 10.80 26.31 9.49
CA ALA E 69 10.67 27.66 8.97
C ALA E 69 11.96 28.12 8.28
N VAL E 70 13.12 27.75 8.84
CA VAL E 70 14.39 28.16 8.25
C VAL E 70 14.53 27.58 6.86
N GLY E 71 14.18 26.32 6.68
CA GLY E 71 14.17 25.74 5.35
C GLY E 71 13.21 26.44 4.41
N LYS E 72 12.05 26.84 4.94
CA LYS E 72 11.09 27.60 4.13
C LYS E 72 11.66 28.96 3.74
N LEU E 73 12.36 29.63 4.67
CA LEU E 73 12.92 30.93 4.38
C LEU E 73 14.13 30.86 3.45
N LEU E 74 14.76 29.69 3.34
CA LEU E 74 15.97 29.57 2.54
C LEU E 74 15.70 29.18 1.09
N ASP E 75 14.62 28.45 0.82
CA ASP E 75 14.35 28.04 -0.55
C ASP E 75 14.05 29.24 -1.44
N TYR E 76 13.29 30.21 -0.92
CA TYR E 76 13.00 31.41 -1.70
C TYR E 76 14.26 32.19 -2.02
N LEU E 77 15.27 32.12 -1.16
CA LEU E 77 16.51 32.85 -1.36
C LEU E 77 17.54 32.07 -2.19
N ASN E 78 17.43 30.75 -2.23
CA ASN E 78 18.38 29.91 -2.93
C ASN E 78 17.77 29.23 -4.16
N GLN E 79 16.59 29.67 -4.60
CA GLN E 79 15.92 29.00 -5.71
C GLN E 79 16.66 29.21 -7.02
N ASP E 80 17.35 30.34 -7.19
CA ASP E 80 18.05 30.63 -8.43
C ASP E 80 19.50 30.20 -8.41
N ASP E 81 20.07 29.95 -7.24
CA ASP E 81 21.47 29.56 -7.11
C ASP E 81 21.68 28.85 -5.78
N PRO E 82 22.22 27.63 -5.79
CA PRO E 82 22.40 26.90 -4.52
C PRO E 82 23.36 27.57 -3.55
N ASN E 83 24.20 28.49 -4.02
CA ASN E 83 25.16 29.14 -3.13
C ASN E 83 24.94 30.66 -3.07
N THR E 84 23.68 31.07 -2.93
CA THR E 84 23.38 32.49 -2.75
C THR E 84 23.37 32.88 -1.28
N TYR E 85 22.74 32.06 -0.43
CA TYR E 85 22.62 32.36 1.00
C TYR E 85 22.90 31.10 1.80
N HIS E 86 23.98 31.12 2.58
CA HIS E 86 24.26 30.07 3.54
C HIS E 86 23.66 30.43 4.90
N TYR E 87 23.36 29.39 5.68
CA TYR E 87 22.73 29.57 6.98
C TYR E 87 23.68 29.12 8.08
N VAL E 88 23.67 29.86 9.19
CA VAL E 88 24.33 29.45 10.42
C VAL E 88 23.28 29.54 11.52
N VAL E 89 22.79 28.39 11.96
CA VAL E 89 21.67 28.31 12.89
C VAL E 89 22.17 27.83 14.23
N SER E 90 21.78 28.53 15.29
CA SER E 90 22.13 28.12 16.64
C SER E 90 21.18 27.04 17.14
N GLU E 91 21.74 26.05 17.82
CA GLU E 91 20.94 25.01 18.43
C GLU E 91 20.12 25.61 19.57
N PRO E 92 19.02 24.96 19.97
CA PRO E 92 18.21 25.48 21.10
C PRO E 92 19.07 25.81 22.30
N LEU E 93 19.14 27.10 22.65
CA LEU E 93 20.09 27.58 23.64
C LEU E 93 19.43 28.40 24.73
N GLY E 94 18.11 28.32 24.85
CA GLY E 94 17.40 29.06 25.87
C GLY E 94 17.55 28.47 27.26
N ARG E 95 18.22 29.20 28.15
CA ARG E 95 18.36 28.73 29.52
C ARG E 95 17.02 28.69 30.25
N ASN E 96 16.09 29.57 29.85
CA ASN E 96 14.78 29.63 30.47
C ASN E 96 13.90 28.52 29.92
N SER E 97 12.59 28.61 30.18
CA SER E 97 11.66 27.56 29.75
C SER E 97 11.63 27.42 28.24
N TYR E 98 11.63 28.54 27.51
CA TYR E 98 11.57 28.53 26.06
C TYR E 98 12.95 28.80 25.47
N LYS E 99 13.28 28.05 24.42
CA LYS E 99 14.54 28.19 23.72
C LYS E 99 14.30 28.69 22.30
N GLU E 100 14.94 29.79 21.95
CA GLU E 100 14.89 30.35 20.61
C GLU E 100 16.15 29.97 19.86
N ARG E 101 16.33 30.53 18.66
CA ARG E 101 17.49 30.23 17.85
C ARG E 101 18.02 31.51 17.22
N TYR E 102 19.32 31.52 16.94
CA TYR E 102 19.98 32.61 16.22
C TYR E 102 20.32 32.12 14.82
N LEU E 103 20.02 32.95 13.82
CA LEU E 103 20.26 32.62 12.43
C LEU E 103 21.16 33.68 11.79
N PHE E 104 22.12 33.22 10.99
CA PHE E 104 23.10 34.09 10.34
C PHE E 104 23.11 33.78 8.85
N LEU E 105 22.33 34.54 8.08
CA LEU E 105 22.27 34.38 6.64
C LEU E 105 23.32 35.29 5.99
N PHE E 106 24.22 34.71 5.21
CA PHE E 106 25.32 35.45 4.61
C PHE E 106 25.61 34.92 3.22
N ARG E 107 25.99 35.83 2.33
CA ARG E 107 26.39 35.44 0.98
C ARG E 107 27.84 34.97 0.99
N PRO E 108 28.14 33.78 0.47
CA PRO E 108 29.52 33.27 0.52
C PRO E 108 30.52 34.15 -0.18
N ASN E 109 30.14 34.80 -1.28
CA ASN E 109 31.09 35.62 -2.03
C ASN E 109 31.47 36.87 -1.25
N LYS E 110 30.60 37.36 -0.37
CA LYS E 110 30.91 38.57 0.38
C LYS E 110 31.76 38.26 1.61
N VAL E 111 31.32 37.32 2.44
CA VAL E 111 32.05 36.91 3.62
C VAL E 111 32.06 35.38 3.69
N SER E 112 33.01 34.86 4.46
CA SER E 112 33.13 33.41 4.67
C SER E 112 33.27 33.13 6.16
N VAL E 113 32.48 32.19 6.65
CA VAL E 113 32.52 31.80 8.06
C VAL E 113 33.70 30.87 8.27
N LEU E 114 34.50 31.16 9.31
CA LEU E 114 35.66 30.35 9.65
C LEU E 114 35.51 29.65 11.00
N ASP E 115 35.19 30.40 12.05
CA ASP E 115 35.05 29.81 13.38
C ASP E 115 33.79 30.36 14.04
N THR E 116 33.00 29.44 14.61
CA THR E 116 31.84 29.80 15.42
C THR E 116 31.86 28.95 16.70
N TYR E 117 31.35 29.53 17.78
CA TYR E 117 31.26 28.78 19.03
C TYR E 117 30.28 29.46 19.97
N GLN E 118 29.61 28.64 20.76
CA GLN E 118 28.68 29.13 21.77
C GLN E 118 29.43 29.88 22.87
N TYR E 119 28.70 30.75 23.57
CA TYR E 119 29.25 31.47 24.72
C TYR E 119 29.99 30.53 25.66
N ASP E 120 31.25 30.84 25.90
CA ASP E 120 32.07 30.05 26.81
C ASP E 120 33.00 30.95 27.61
N SER E 130 23.61 33.29 33.51
CA SER E 130 23.48 34.74 33.57
C SER E 130 22.63 35.27 32.42
N PHE E 131 22.33 34.40 31.46
CA PHE E 131 21.56 34.78 30.28
C PHE E 131 20.43 33.80 30.07
N SER E 132 19.24 34.33 29.76
CA SER E 132 18.15 33.46 29.30
C SER E 132 18.52 32.80 27.98
N ARG E 133 19.15 33.54 27.08
CA ARG E 133 19.68 33.01 25.83
C ARG E 133 21.16 33.39 25.74
N GLU E 134 22.01 32.39 25.59
CA GLU E 134 23.44 32.65 25.52
C GLU E 134 23.80 33.31 24.18
N PRO E 135 24.68 34.29 24.19
CA PRO E 135 25.12 34.89 22.92
C PRO E 135 25.95 33.94 22.09
N ALA E 136 25.91 34.15 20.78
CA ALA E 136 26.67 33.34 19.83
C ALA E 136 27.71 34.20 19.14
N VAL E 137 28.90 33.63 18.93
CA VAL E 137 30.03 34.32 18.34
C VAL E 137 30.41 33.62 17.05
N VAL E 138 30.56 34.39 15.97
CA VAL E 138 30.94 33.86 14.66
C VAL E 138 32.03 34.74 14.08
N LYS E 139 32.68 34.24 13.03
CA LYS E 139 33.72 34.96 12.33
C LYS E 139 33.33 35.15 10.87
N PHE E 140 33.54 36.36 10.36
CA PHE E 140 33.32 36.67 8.97
C PHE E 140 34.61 37.22 8.37
N SER E 141 35.03 36.64 7.25
CA SER E 141 36.26 37.05 6.57
C SER E 141 35.88 38.03 5.46
N SER E 142 35.74 39.29 5.85
CA SER E 142 35.35 40.36 4.92
C SER E 142 36.60 40.87 4.23
N HIS E 143 36.83 40.40 2.99
CA HIS E 143 38.00 40.82 2.23
C HIS E 143 37.83 42.22 1.66
N SER E 144 36.62 42.57 1.23
CA SER E 144 36.38 43.85 0.58
C SER E 144 36.61 45.01 1.55
N THR E 145 36.06 44.92 2.75
CA THR E 145 36.20 45.99 3.72
C THR E 145 37.63 46.02 4.27
N LYS E 146 38.01 47.19 4.79
CA LYS E 146 39.36 47.36 5.33
C LYS E 146 39.58 46.62 6.63
N VAL E 147 38.52 46.12 7.26
CA VAL E 147 38.63 45.25 8.43
C VAL E 147 38.62 43.82 7.92
N LYS E 148 39.80 43.20 7.86
CA LYS E 148 39.92 41.87 7.26
C LYS E 148 39.18 40.84 8.09
N GLU E 149 39.43 40.81 9.39
CA GLU E 149 38.83 39.84 10.31
C GLU E 149 38.04 40.59 11.37
N PHE E 150 36.81 40.14 11.62
CA PHE E 150 35.98 40.77 12.64
C PHE E 150 34.93 39.76 13.09
N ALA E 151 34.62 39.79 14.39
CA ALA E 151 33.65 38.88 14.99
C ALA E 151 32.29 39.55 15.11
N ILE E 152 31.27 38.72 15.27
CA ILE E 152 29.89 39.17 15.40
C ILE E 152 29.28 38.47 16.61
N VAL E 153 28.65 39.26 17.49
CA VAL E 153 28.01 38.73 18.69
C VAL E 153 26.52 39.07 18.60
N ALA E 154 25.68 38.04 18.70
CA ALA E 154 24.23 38.20 18.64
C ALA E 154 23.64 37.96 20.02
N LEU E 155 22.70 38.80 20.41
CA LEU E 155 22.09 38.69 21.73
C LEU E 155 20.65 39.19 21.68
N HIS E 156 19.79 38.53 22.46
CA HIS E 156 18.40 38.93 22.64
C HIS E 156 18.11 38.88 24.13
N SER E 157 18.30 40.01 24.81
CA SER E 157 18.12 40.07 26.25
C SER E 157 16.64 40.06 26.62
N ALA E 158 16.36 39.54 27.80
CA ALA E 158 15.01 39.56 28.33
C ALA E 158 14.62 41.00 28.70
N PRO E 159 13.32 41.32 28.74
CA PRO E 159 12.92 42.68 29.08
C PRO E 159 13.34 43.11 30.48
N SER E 160 13.60 42.16 31.36
CA SER E 160 14.03 42.44 32.72
C SER E 160 15.49 42.11 32.97
N ASP E 161 16.08 41.25 32.13
CA ASP E 161 17.47 40.85 32.34
C ASP E 161 18.42 41.96 31.95
N ALA E 162 18.02 42.80 31.00
CA ALA E 162 18.86 43.79 30.32
C ALA E 162 19.88 44.48 31.22
N VAL E 163 19.45 44.90 32.42
CA VAL E 163 20.38 45.55 33.34
C VAL E 163 21.51 44.60 33.72
N ALA E 164 21.18 43.33 33.98
CA ALA E 164 22.19 42.38 34.42
C ALA E 164 23.15 42.00 33.29
N GLU E 165 22.62 41.76 32.09
CA GLU E 165 23.46 41.20 31.04
C GLU E 165 24.40 42.24 30.45
N ILE E 166 24.04 43.52 30.50
CA ILE E 166 24.84 44.54 29.83
C ILE E 166 26.22 44.68 30.47
N ASN E 167 26.33 44.42 31.78
CA ASN E 167 27.65 44.40 32.40
C ASN E 167 28.40 43.12 32.06
N SER E 168 27.67 42.02 31.86
CA SER E 168 28.31 40.75 31.54
C SER E 168 28.94 40.76 30.16
N LEU E 169 28.33 41.48 29.21
CA LEU E 169 28.88 41.54 27.86
C LEU E 169 30.28 42.14 27.84
N TYR E 170 30.59 43.00 28.81
CA TYR E 170 31.93 43.55 28.91
C TYR E 170 32.95 42.44 29.12
N ASP E 171 32.60 41.43 29.92
CA ASP E 171 33.49 40.29 30.11
C ASP E 171 33.59 39.43 28.87
N VAL E 172 32.55 39.43 28.03
CA VAL E 172 32.60 38.66 26.79
C VAL E 172 33.67 39.23 25.86
N TYR E 173 33.73 40.55 25.74
CA TYR E 173 34.68 41.17 24.83
C TYR E 173 36.12 40.84 25.22
N LEU E 174 36.41 40.80 26.52
CA LEU E 174 37.75 40.44 26.96
C LEU E 174 38.09 39.01 26.55
N ASP E 175 37.12 38.10 26.62
CA ASP E 175 37.37 36.72 26.21
C ASP E 175 37.71 36.63 24.74
N VAL E 176 37.01 37.38 23.89
CA VAL E 176 37.30 37.35 22.47
C VAL E 176 38.67 37.94 22.18
N GLN E 177 39.13 38.88 23.00
CA GLN E 177 40.39 39.56 22.73
C GLN E 177 41.59 38.62 22.85
N GLN E 178 41.60 37.73 23.83
CA GLN E 178 42.73 36.84 24.03
C GLN E 178 42.52 35.43 23.51
N LYS E 179 41.28 34.93 23.47
CA LYS E 179 41.05 33.62 22.89
C LYS E 179 41.16 33.68 21.38
N TRP E 180 40.67 34.75 20.76
CA TRP E 180 40.60 34.87 19.31
C TRP E 180 41.66 35.78 18.72
N HIS E 181 42.32 36.61 19.53
CA HIS E 181 43.31 37.58 19.04
C HIS E 181 42.73 38.48 17.96
N LEU E 182 41.47 38.88 18.12
CA LEU E 182 40.77 39.67 17.12
C LEU E 182 40.62 41.11 17.60
N ASN E 183 41.05 42.05 16.77
CA ASN E 183 40.95 43.47 17.12
C ASN E 183 39.48 43.92 17.05
N ASP E 184 38.79 43.58 15.97
CA ASP E 184 37.46 44.10 15.69
C ASP E 184 36.41 43.14 16.27
N VAL E 185 35.57 43.65 17.16
CA VAL E 185 34.48 42.89 17.75
C VAL E 185 33.20 43.71 17.66
N MET E 186 32.13 43.10 17.15
CA MET E 186 30.85 43.76 16.97
C MET E 186 29.80 43.10 17.85
N LEU E 187 28.95 43.92 18.45
CA LEU E 187 27.83 43.44 19.25
C LEU E 187 26.55 44.08 18.74
N MET E 188 25.50 43.28 18.58
CA MET E 188 24.20 43.79 18.19
C MET E 188 23.12 42.85 18.72
N GLY E 189 21.87 43.23 18.48
CA GLY E 189 20.73 42.45 18.88
C GLY E 189 19.74 43.30 19.64
N ASP E 190 18.72 42.64 20.18
CA ASP E 190 17.66 43.33 20.93
C ASP E 190 18.09 43.42 22.39
N PHE E 191 18.75 44.53 22.73
CA PHE E 191 19.15 44.77 24.12
C PHE E 191 18.01 45.28 24.98
N ASN E 192 16.87 45.62 24.38
CA ASN E 192 15.71 46.13 25.11
C ASN E 192 16.07 47.36 25.95
N ALA E 193 16.92 48.22 25.40
CA ALA E 193 17.31 49.43 26.10
C ALA E 193 16.22 50.49 26.01
N ASP E 194 16.29 51.46 26.93
CA ASP E 194 15.37 52.60 26.96
C ASP E 194 13.92 52.17 27.14
N CYS E 195 13.00 53.11 27.01
CA CYS E 195 11.57 52.86 27.13
C CYS E 195 11.23 52.26 28.49
N SER E 196 11.70 52.92 29.54
CA SER E 196 11.49 52.60 30.95
C SER E 196 12.20 51.33 31.38
N TYR E 197 12.86 50.60 30.48
CA TYR E 197 13.64 49.44 30.89
C TYR E 197 14.95 49.86 31.54
N VAL E 198 15.62 50.85 30.98
CA VAL E 198 16.88 51.37 31.51
C VAL E 198 16.71 52.86 31.76
N THR E 199 17.05 53.30 32.96
CA THR E 199 16.95 54.70 33.34
C THR E 199 18.35 55.28 33.58
N SER E 200 18.38 56.56 33.91
CA SER E 200 19.66 57.26 34.08
C SER E 200 20.46 56.71 35.25
N SER E 201 19.78 56.15 36.26
CA SER E 201 20.49 55.59 37.41
C SER E 201 21.39 54.43 37.00
N GLN E 202 20.89 53.55 36.14
CA GLN E 202 21.68 52.43 35.65
C GLN E 202 22.32 52.70 34.29
N TRP E 203 22.15 53.89 33.73
CA TRP E 203 22.77 54.20 32.44
C TRP E 203 24.28 54.27 32.53
N SER E 204 24.83 54.44 33.73
CA SER E 204 26.28 54.40 33.93
C SER E 204 26.77 53.02 34.37
N SER E 205 25.87 52.08 34.63
CA SER E 205 26.28 50.74 35.01
C SER E 205 26.91 49.99 33.85
N ILE E 206 26.63 50.43 32.62
CA ILE E 206 27.21 49.78 31.44
C ILE E 206 28.68 50.16 31.31
N ARG E 207 29.54 49.15 31.22
CA ARG E 207 30.95 49.42 30.93
C ARG E 207 31.13 49.90 29.49
N LEU E 208 30.29 49.43 28.58
CA LEU E 208 30.40 49.85 27.18
C LEU E 208 30.16 51.34 27.03
N ARG E 209 29.17 51.88 27.74
CA ARG E 209 28.92 53.31 27.68
C ARG E 209 30.09 54.11 28.24
N THR E 210 30.64 53.67 29.37
CA THR E 210 31.76 54.38 29.97
C THR E 210 33.01 54.29 29.12
N SER E 211 33.32 53.10 28.61
CA SER E 211 34.52 52.90 27.81
C SER E 211 34.37 53.54 26.44
N SER E 212 35.46 54.15 25.95
CA SER E 212 35.45 54.78 24.64
C SER E 212 35.61 53.79 23.50
N THR E 213 36.02 52.55 23.79
CA THR E 213 36.14 51.54 22.74
C THR E 213 34.78 51.16 22.17
N PHE E 214 33.77 51.04 23.03
CA PHE E 214 32.43 50.62 22.62
C PHE E 214 31.55 51.85 22.50
N GLN E 215 31.52 52.44 21.31
CA GLN E 215 30.68 53.61 21.05
C GLN E 215 29.36 53.15 20.44
N TRP E 216 28.25 53.47 21.10
CA TRP E 216 26.95 53.08 20.64
C TRP E 216 26.56 53.91 19.42
N LEU E 217 26.12 53.22 18.36
CA LEU E 217 25.88 53.90 17.08
C LEU E 217 24.46 54.46 17.01
N ILE E 218 23.46 53.66 17.38
CA ILE E 218 22.07 54.07 17.26
C ILE E 218 21.74 55.11 18.32
N PRO E 219 21.28 56.30 17.94
CA PRO E 219 20.88 57.30 18.93
C PRO E 219 19.57 56.92 19.60
N ASP E 220 19.40 57.40 20.83
CA ASP E 220 18.19 57.10 21.58
C ASP E 220 16.96 57.77 20.99
N SER E 221 17.14 58.87 20.25
CA SER E 221 15.99 59.56 19.66
C SER E 221 15.33 58.70 18.58
N ALA E 222 16.14 57.98 17.81
CA ALA E 222 15.60 57.16 16.72
C ALA E 222 14.74 56.03 17.27
N ASP E 223 13.76 55.63 16.47
CA ASP E 223 12.80 54.59 16.85
C ASP E 223 13.16 53.34 16.05
N THR E 224 13.33 52.22 16.76
CA THR E 224 13.66 50.95 16.14
C THR E 224 12.51 49.94 16.21
N THR E 225 11.30 50.41 16.42
CA THR E 225 10.12 49.56 16.52
C THR E 225 9.11 49.95 15.46
N ALA E 226 8.42 48.95 14.91
CA ALA E 226 7.36 49.23 13.95
C ALA E 226 6.21 50.02 14.57
N THR E 227 6.08 49.98 15.89
CA THR E 227 5.06 50.76 16.57
C THR E 227 5.36 52.24 16.46
N SER E 228 4.30 53.06 16.52
CA SER E 228 4.47 54.51 16.41
C SER E 228 5.29 55.07 17.56
N THR E 229 5.24 54.43 18.73
CA THR E 229 5.99 54.90 19.88
C THR E 229 7.50 54.80 19.62
N ASN E 230 8.24 55.79 20.07
CA ASN E 230 9.68 55.82 19.90
C ASN E 230 10.33 54.85 20.88
N CYS E 231 11.14 53.93 20.36
CA CYS E 231 11.82 52.94 21.19
C CYS E 231 13.08 52.48 20.45
N ALA E 232 14.25 52.89 20.95
CA ALA E 232 15.52 52.44 20.40
C ALA E 232 15.96 51.16 21.11
N TYR E 233 15.15 50.11 20.95
CA TYR E 233 15.42 48.84 21.62
C TYR E 233 16.74 48.23 21.13
N ASP E 234 16.96 48.25 19.82
CA ASP E 234 18.20 47.72 19.27
C ASP E 234 19.32 48.73 19.40
N ARG E 235 20.50 48.25 19.82
CA ARG E 235 21.68 49.07 19.96
C ARG E 235 22.82 48.45 19.17
N ILE E 236 23.53 49.28 18.43
CA ILE E 236 24.69 48.83 17.66
C ILE E 236 25.94 49.23 18.43
N VAL E 237 26.74 48.25 18.81
CA VAL E 237 27.97 48.47 19.56
C VAL E 237 29.14 48.08 18.68
N VAL E 238 30.10 48.98 18.53
CA VAL E 238 31.26 48.79 17.67
C VAL E 238 32.51 48.94 18.53
N ALA E 239 33.41 47.96 18.44
CA ALA E 239 34.64 47.95 19.22
C ALA E 239 35.82 47.62 18.32
N GLY E 240 36.91 48.35 18.52
CA GLY E 240 38.12 48.11 17.71
C GLY E 240 38.51 49.36 16.96
N SER E 241 39.78 49.76 17.13
CA SER E 241 40.26 50.99 16.52
C SER E 241 40.16 50.94 15.00
N LEU E 242 40.56 49.82 14.39
CA LEU E 242 40.41 49.67 12.95
C LEU E 242 38.94 49.64 12.55
N LEU E 243 38.08 49.11 13.41
CA LEU E 243 36.66 48.99 13.09
C LEU E 243 35.94 50.33 13.16
N GLN E 244 36.44 51.28 13.97
CA GLN E 244 35.76 52.57 14.11
C GLN E 244 35.80 53.37 12.81
N SER E 245 36.92 53.37 12.11
CA SER E 245 37.00 54.00 10.81
C SER E 245 36.35 53.17 9.71
N SER E 246 36.04 51.90 9.99
CA SER E 246 35.45 51.03 8.99
C SER E 246 33.97 51.30 8.76
N VAL E 247 33.26 51.78 9.78
CA VAL E 247 31.81 51.99 9.65
C VAL E 247 31.56 53.27 8.85
N VAL E 248 30.66 53.18 7.89
CA VAL E 248 30.29 54.36 7.08
C VAL E 248 29.62 55.39 8.00
N PRO E 249 30.05 56.65 7.98
CA PRO E 249 29.44 57.65 8.86
C PRO E 249 27.99 57.91 8.51
N GLY E 250 27.11 57.71 9.49
CA GLY E 250 25.70 57.96 9.32
C GLY E 250 24.90 56.84 8.71
N SER E 251 25.54 55.75 8.29
CA SER E 251 24.82 54.64 7.68
C SER E 251 24.00 53.85 8.70
N ALA E 252 24.39 53.87 9.96
CA ALA E 252 23.66 53.14 11.00
C ALA E 252 22.35 53.87 11.28
N ALA E 253 21.25 53.33 10.79
CA ALA E 253 19.94 53.95 10.97
C ALA E 253 18.87 52.89 10.79
N PRO E 254 17.72 53.05 11.45
CA PRO E 254 16.62 52.10 11.23
C PRO E 254 16.11 52.16 9.80
N PHE E 255 15.65 51.01 9.31
CA PHE E 255 15.13 50.89 7.95
C PHE E 255 13.61 50.84 8.04
N ASP E 256 12.97 51.98 7.81
CA ASP E 256 11.51 52.08 7.86
C ASP E 256 10.95 51.47 6.58
N PHE E 257 10.78 50.14 6.60
CA PHE E 257 10.24 49.44 5.45
C PHE E 257 8.76 49.77 5.21
N GLN E 258 8.04 50.20 6.25
CA GLN E 258 6.62 50.48 6.09
C GLN E 258 6.39 51.62 5.10
N ALA E 259 7.11 52.73 5.26
CA ALA E 259 6.96 53.85 4.35
C ALA E 259 7.68 53.58 3.03
N ALA E 260 8.83 52.91 3.08
CA ALA E 260 9.58 52.62 1.86
C ALA E 260 8.79 51.69 0.94
N TYR E 261 8.13 50.69 1.50
CA TYR E 261 7.36 49.73 0.73
C TYR E 261 5.90 50.13 0.58
N GLY E 262 5.49 51.25 1.18
CA GLY E 262 4.12 51.72 1.05
C GLY E 262 3.08 50.80 1.67
N LEU E 263 3.36 50.28 2.86
CA LEU E 263 2.44 49.38 3.55
C LEU E 263 1.72 50.13 4.67
N SER E 264 0.60 49.55 5.10
CA SER E 264 -0.18 50.12 6.19
C SER E 264 0.45 49.77 7.53
N ASN E 265 -0.11 50.34 8.60
CA ASN E 265 0.38 50.04 9.94
C ASN E 265 0.16 48.57 10.30
N GLU E 266 -0.98 48.02 9.91
CA GLU E 266 -1.25 46.62 10.20
C GLU E 266 -0.26 45.70 9.50
N MET E 267 0.06 45.99 8.23
CA MET E 267 1.02 45.17 7.51
C MET E 267 2.40 45.26 8.13
N ALA E 268 2.81 46.46 8.54
CA ALA E 268 4.11 46.62 9.19
C ALA E 268 4.17 45.84 10.50
N LEU E 269 3.10 45.91 11.29
CA LEU E 269 3.04 45.11 12.52
C LEU E 269 2.96 43.62 12.21
N ALA E 270 2.22 43.26 11.15
CA ALA E 270 2.08 41.85 10.78
C ALA E 270 3.43 41.25 10.41
N ILE E 271 4.36 42.06 9.90
CA ILE E 271 5.69 41.55 9.59
C ILE E 271 6.49 41.34 10.87
N SER E 272 6.71 42.42 11.63
CA SER E 272 7.46 42.35 12.87
C SER E 272 7.08 43.52 13.75
N ASP E 273 7.41 43.39 15.04
CA ASP E 273 7.14 44.44 16.01
C ASP E 273 8.27 45.44 16.15
N HIS E 274 9.41 45.20 15.51
CA HIS E 274 10.57 46.07 15.63
C HIS E 274 11.18 46.34 14.27
N TYR E 275 11.67 47.56 14.09
CA TYR E 275 12.29 47.95 12.82
C TYR E 275 13.70 47.37 12.72
N PRO E 276 14.12 47.01 11.51
CA PRO E 276 15.50 46.53 11.33
C PRO E 276 16.50 47.66 11.54
N VAL E 277 17.69 47.29 12.00
CA VAL E 277 18.80 48.21 12.17
C VAL E 277 19.95 47.72 11.31
N GLU E 278 20.44 48.58 10.43
CA GLU E 278 21.43 48.20 9.43
C GLU E 278 22.64 49.12 9.55
N VAL E 279 23.83 48.53 9.56
CA VAL E 279 25.09 49.26 9.56
C VAL E 279 25.88 48.81 8.34
N THR E 280 26.58 49.76 7.71
CA THR E 280 27.28 49.53 6.47
C THR E 280 28.79 49.50 6.73
N LEU E 281 29.47 48.55 6.12
CA LEU E 281 30.90 48.34 6.33
C LEU E 281 31.65 48.67 5.06
N THR E 282 32.63 49.58 5.16
CA THR E 282 33.45 49.94 4.01
C THR E 282 34.93 49.71 4.32
N TRP F 1 11.10 -59.72 3.77
CA TRP F 1 11.46 -61.06 3.32
C TRP F 1 12.65 -61.04 2.36
CG EEP F 2 15.81 -62.17 1.00
CB EEP F 2 14.52 -62.61 0.32
CA EEP F 2 13.45 -61.53 0.13
N EEP F 2 12.43 -61.52 1.15
C EEP F 2 12.87 -61.76 -1.31
O EEP F 2 13.66 -61.82 -2.30
O1 EEP F 2 15.66 -62.11 2.42
CD1 EEP F 2 16.89 -63.22 0.66
CD2 EEP F 2 16.27 -60.79 0.57
O2 EEP F 2 18.06 -62.57 0.21
N ALA F 3 11.55 -61.87 -1.41
CA ALA F 3 10.90 -62.11 -2.71
C ALA F 3 9.46 -61.62 -2.71
N DTH F 4 8.57 -62.43 -2.15
CA DTH F 4 7.12 -62.16 -2.16
CB DTH F 4 6.52 -62.30 -3.57
CG2 DTH F 4 6.89 -63.64 -4.18
OG1 DTH F 4 7.02 -61.25 -4.42
C DTH F 4 6.75 -60.80 -1.57
O DTH F 4 6.58 -59.82 -2.30
N CYS F 5 6.61 -60.74 -0.25
CA CYS F 5 6.20 -59.53 0.44
C CYS F 5 7.27 -58.45 0.37
N HYP F 6 6.92 -57.22 0.77
CA HYP F 6 7.89 -56.13 0.83
C HYP F 6 9.11 -56.38 1.72
O HYP F 6 10.18 -55.87 1.44
CB HYP F 6 7.07 -54.94 1.31
CG HYP F 6 5.79 -55.15 0.54
CD HYP F 6 5.55 -56.64 0.77
OD1 HYP F 6 5.91 -54.82 -0.84
N ALA F 7 8.92 -57.17 2.77
CA ALA F 7 10.02 -57.55 3.65
C ALA F 7 10.85 -58.66 3.00
N TRP G 1 -10.60 -31.07 1.31
CA TRP G 1 -11.07 -32.31 1.90
C TRP G 1 -12.11 -32.07 2.98
CG EEP G 2 -15.21 -32.89 4.66
CB EEP G 2 -13.93 -33.40 5.33
CA EEP G 2 -12.73 -32.46 5.30
N EEP G 2 -11.86 -32.63 4.16
C EEP G 2 -11.95 -32.69 6.64
O EEP G 2 -12.56 -32.64 7.73
O1 EEP G 2 -15.09 -32.91 3.24
CD1 EEP G 2 -16.36 -33.84 5.09
CD2 EEP G 2 -15.55 -31.46 5.04
O2 EEP G 2 -17.56 -33.39 4.51
N ALA G 3 -10.65 -32.94 6.52
CA ALA G 3 -9.80 -33.18 7.68
C ALA G 3 -8.34 -32.89 7.36
N DTH G 4 -7.70 -33.81 6.65
CA DTH G 4 -6.28 -33.72 6.31
CB DTH G 4 -5.38 -33.80 7.56
CG2 DTH G 4 -5.78 -34.97 8.43
OG1 DTH G 4 -5.50 -32.59 8.31
C DTH G 4 -5.92 -32.47 5.51
O DTH G 4 -5.57 -31.44 6.09
N CYS G 5 -6.01 -32.56 4.19
CA CYS G 5 -5.63 -31.47 3.30
C CYS G 5 -6.54 -30.26 3.47
N HYP G 6 -6.15 -29.13 2.88
CA HYP G 6 -6.99 -27.92 2.93
C HYP G 6 -8.37 -28.04 2.30
O HYP G 6 -9.33 -27.47 2.83
CB HYP G 6 -6.14 -26.87 2.23
CG HYP G 6 -4.75 -27.21 2.77
CD HYP G 6 -4.77 -28.73 2.58
OD1 HYP G 6 -4.56 -26.82 4.11
N ALA G 7 -8.47 -28.76 1.19
CA ALA G 7 -9.74 -28.92 0.50
C ALA G 7 -10.72 -29.74 1.34
N TRP H 1 12.15 -4.19 -4.15
CA TRP H 1 12.43 -5.54 -4.62
C TRP H 1 13.24 -5.53 -5.90
CG EEP H 2 15.84 -6.57 -8.39
CB EEP H 2 14.41 -7.12 -8.40
CA EEP H 2 13.29 -6.09 -8.27
N EEP H 2 12.66 -6.05 -6.97
C EEP H 2 12.25 -6.42 -9.39
O EEP H 2 12.62 -6.50 -10.60
O1 EEP H 2 16.34 -6.48 -7.05
CD1 EEP H 2 16.71 -7.55 -9.20
CD2 EEP H 2 15.94 -5.17 -8.97
O2 EEP H 2 18.05 -7.49 -8.71
N ALA H 3 10.99 -6.63 -9.00
CA ALA H 3 9.92 -6.93 -9.93
C ALA H 3 8.57 -6.58 -9.34
N DTH H 4 8.06 -7.46 -8.49
CA DTH H 4 6.74 -7.29 -7.85
CB DTH H 4 5.59 -7.39 -8.87
CG2 DTH H 4 5.69 -8.68 -9.66
OG1 DTH H 4 5.64 -6.28 -9.77
C DTH H 4 6.62 -5.98 -7.08
O DTH H 4 6.02 -5.01 -7.56
N CYS H 5 7.19 -5.96 -5.87
CA CYS H 5 7.11 -4.80 -5.01
C CYS H 5 7.91 -3.62 -5.57
N HYP H 6 7.69 -2.42 -5.04
CA HYP H 6 8.44 -1.24 -5.49
C HYP H 6 9.92 -1.24 -5.13
O HYP H 6 10.74 -0.74 -5.90
CB HYP H 6 7.70 -0.06 -4.85
CG HYP H 6 6.27 -0.54 -4.81
CD HYP H 6 6.49 -1.96 -4.29
OD1 HYP H 6 5.63 -0.53 -6.08
N ALA H 7 10.26 -1.81 -3.97
CA ALA H 7 11.66 -1.87 -3.54
C ALA H 7 12.44 -2.89 -4.35
N TRP I 1 -7.61 24.52 3.25
CA TRP I 1 -7.76 23.29 4.03
C TRP I 1 -8.08 23.60 5.49
CG EEP I 2 -9.89 23.08 8.66
CB EEP I 2 -8.55 22.40 8.42
CA EEP I 2 -7.45 23.27 7.81
N EEP I 2 -7.26 23.08 6.39
C EEP I 2 -6.16 22.98 8.66
O EEP I 2 -6.22 23.05 9.91
O1 EEP I 2 -10.63 23.23 7.45
CD1 EEP I 2 -10.69 22.18 9.64
CD2 EEP I 2 -9.75 24.48 9.24
O2 EEP I 2 -12.04 22.62 9.66
N ALA I 3 -5.06 22.66 7.99
CA ALA I 3 -3.81 22.36 8.69
C ALA I 3 -2.61 22.58 7.78
N DTH I 4 -2.33 21.59 6.93
CA DTH I 4 -1.18 21.61 6.03
CB DTH I 4 0.16 21.52 6.80
CG2 DTH I 4 0.14 20.36 7.78
OG1 DTH I 4 0.38 22.74 7.52
C DTH I 4 -1.15 22.83 5.12
O DTH I 4 -0.50 23.83 5.43
N CYS I 5 -1.85 22.74 4.00
CA CYS I 5 -1.87 23.81 3.00
C CYS I 5 -2.60 25.04 3.53
N HYP I 6 -2.48 26.17 2.83
CA HYP I 6 -3.15 27.40 3.25
C HYP I 6 -4.68 27.36 3.22
O HYP I 6 -5.32 28.04 4.03
CB HYP I 6 -2.60 28.47 2.30
CG HYP I 6 -1.16 28.01 2.12
CD HYP I 6 -1.40 26.53 1.87
OD1 HYP I 6 -0.35 28.26 3.25
N ALA I 7 -5.25 26.59 2.30
CA ALA I 7 -6.70 26.50 2.18
C ALA I 7 -7.33 25.82 3.39
N LEU J 23 -22.07 75.54 -3.76
CA LEU J 23 -21.68 74.43 -4.63
C LEU J 23 -20.78 74.91 -5.77
N LYS J 24 -19.71 74.18 -6.03
CA LYS J 24 -18.80 74.48 -7.11
C LYS J 24 -18.78 73.32 -8.09
N ILE J 25 -19.08 73.61 -9.35
CA ILE J 25 -19.07 72.61 -10.42
C ILE J 25 -18.14 73.10 -11.52
N ALA J 26 -17.25 72.22 -11.97
CA ALA J 26 -16.31 72.54 -13.02
C ALA J 26 -16.33 71.47 -14.10
N ALA J 27 -15.95 71.86 -15.31
CA ALA J 27 -15.84 70.95 -16.43
C ALA J 27 -14.36 70.86 -16.83
N PHE J 28 -13.84 69.64 -16.88
CA PHE J 28 -12.47 69.40 -17.27
C PHE J 28 -12.46 68.39 -18.40
N ASN J 29 -11.74 68.73 -19.47
CA ASN J 29 -11.66 67.89 -20.66
C ASN J 29 -10.19 67.48 -20.82
N ILE J 30 -9.80 66.40 -20.14
CA ILE J 30 -8.42 65.95 -20.18
C ILE J 30 -8.16 65.22 -21.50
N ARG J 31 -7.03 65.55 -22.13
CA ARG J 31 -6.68 64.96 -23.42
C ARG J 31 -6.31 63.49 -23.25
N THR J 32 -7.17 62.61 -23.77
CA THR J 32 -6.91 61.17 -23.84
C THR J 32 -6.54 60.60 -22.46
N PHE J 33 -7.49 60.72 -21.54
CA PHE J 33 -7.32 60.19 -20.19
C PHE J 33 -7.11 58.68 -20.21
N GLY J 34 -5.91 58.24 -19.81
CA GLY J 34 -5.60 56.82 -19.88
C GLY J 34 -4.49 56.45 -18.91
N GLU J 35 -4.13 55.17 -18.94
CA GLU J 35 -3.13 54.65 -18.01
C GLU J 35 -1.73 55.15 -18.34
N THR J 36 -1.43 55.39 -19.61
CA THR J 36 -0.10 55.82 -20.00
C THR J 36 0.28 57.14 -19.34
N LYS J 37 -0.67 58.07 -19.29
CA LYS J 37 -0.42 59.34 -18.62
C LYS J 37 -0.18 59.18 -17.13
N MET J 38 -0.65 58.08 -16.54
CA MET J 38 -0.42 57.82 -15.12
C MET J 38 0.96 57.25 -14.84
N SER J 39 1.70 56.85 -15.89
CA SER J 39 3.10 56.48 -15.69
C SER J 39 3.91 57.68 -15.19
N ASN J 40 3.64 58.86 -15.75
CA ASN J 40 4.17 60.10 -15.20
C ASN J 40 3.56 60.34 -13.82
N ALA J 41 4.40 60.79 -12.89
CA ALA J 41 3.91 61.11 -11.54
C ALA J 41 3.60 62.58 -11.37
N THR J 42 4.33 63.47 -12.05
CA THR J 42 4.07 64.90 -11.92
C THR J 42 2.70 65.27 -12.47
N LEU J 43 2.33 64.71 -13.62
CA LEU J 43 1.01 65.00 -14.18
C LEU J 43 -0.09 64.46 -13.29
N ALA J 44 0.12 63.28 -12.69
CA ALA J 44 -0.86 62.75 -11.75
C ALA J 44 -0.97 63.61 -10.51
N SER J 45 0.08 64.33 -10.16
CA SER J 45 0.01 65.23 -9.00
C SER J 45 -0.90 66.41 -9.28
N TYR J 46 -0.73 67.06 -10.43
CA TYR J 46 -1.56 68.21 -10.77
C TYR J 46 -3.01 67.79 -11.01
N ILE J 47 -3.21 66.62 -11.61
CA ILE J 47 -4.58 66.16 -11.87
C ILE J 47 -5.31 65.94 -10.55
N VAL J 48 -4.59 65.54 -9.49
CA VAL J 48 -5.20 65.42 -8.17
C VAL J 48 -5.49 66.80 -7.60
N ARG J 49 -4.58 67.74 -7.79
CA ARG J 49 -4.81 69.11 -7.31
C ARG J 49 -6.01 69.74 -7.98
N ILE J 50 -6.17 69.50 -9.29
CA ILE J 50 -7.26 70.12 -10.03
C ILE J 50 -8.62 69.59 -9.55
N VAL J 51 -8.75 68.26 -9.44
CA VAL J 51 -10.04 67.68 -9.11
C VAL J 51 -10.47 68.07 -7.70
N ARG J 52 -9.52 68.16 -6.77
CA ARG J 52 -9.84 68.47 -5.38
C ARG J 52 -10.36 69.90 -5.20
N ARG J 53 -10.20 70.76 -6.20
CA ARG J 53 -10.67 72.14 -6.09
C ARG J 53 -12.16 72.29 -6.35
N TYR J 54 -12.82 71.27 -6.89
CA TYR J 54 -14.23 71.34 -7.25
C TYR J 54 -15.02 70.23 -6.57
N ASP J 55 -16.28 70.54 -6.23
CA ASP J 55 -17.15 69.53 -5.64
C ASP J 55 -17.47 68.43 -6.65
N ILE J 56 -17.90 68.80 -7.85
CA ILE J 56 -18.27 67.85 -8.89
C ILE J 56 -17.57 68.24 -10.18
N VAL J 57 -16.93 67.26 -10.82
CA VAL J 57 -16.16 67.48 -12.04
C VAL J 57 -16.40 66.31 -12.99
N LEU J 58 -16.53 66.62 -14.27
CA LEU J 58 -16.74 65.62 -15.31
C LEU J 58 -15.44 65.39 -16.08
N ILE J 59 -15.29 64.17 -16.60
CA ILE J 59 -14.06 63.73 -17.25
C ILE J 59 -14.38 63.37 -18.69
N GLN J 60 -13.50 63.78 -19.61
CA GLN J 60 -13.70 63.55 -21.04
C GLN J 60 -12.42 62.99 -21.66
N GLU J 61 -12.56 62.40 -22.85
CA GLU J 61 -11.58 61.50 -23.46
C GLU J 61 -11.02 60.51 -22.43
N VAL J 62 -11.90 59.77 -21.78
CA VAL J 62 -11.48 58.67 -20.91
C VAL J 62 -11.17 57.48 -21.82
N ARG J 63 -9.89 57.26 -22.08
CA ARG J 63 -9.44 56.16 -22.93
C ARG J 63 -9.35 54.83 -22.17
N ASP J 64 -9.65 54.83 -20.88
CA ASP J 64 -9.62 53.60 -20.10
C ASP J 64 -10.69 52.64 -20.58
N SER J 65 -10.31 51.36 -20.72
CA SER J 65 -11.22 50.33 -21.19
C SER J 65 -11.62 49.34 -20.11
N HIS J 66 -10.81 49.16 -19.07
CA HIS J 66 -11.11 48.23 -17.99
C HIS J 66 -11.25 48.92 -16.64
N LEU J 67 -11.57 50.23 -16.65
CA LEU J 67 -11.82 50.98 -15.43
C LEU J 67 -10.65 50.92 -14.46
N VAL J 68 -9.43 50.92 -15.00
CA VAL J 68 -8.23 50.88 -14.17
C VAL J 68 -7.71 52.28 -13.90
N ALA J 69 -7.77 53.18 -14.89
CA ALA J 69 -7.32 54.55 -14.68
C ALA J 69 -8.17 55.26 -13.64
N VAL J 70 -9.49 55.05 -13.67
CA VAL J 70 -10.37 55.66 -12.68
C VAL J 70 -10.06 55.12 -11.29
N GLY J 71 -9.70 53.84 -11.19
CA GLY J 71 -9.32 53.28 -9.90
C GLY J 71 -8.09 53.94 -9.31
N LYS J 72 -7.08 54.20 -10.14
CA LYS J 72 -5.90 54.89 -9.66
C LYS J 72 -6.22 56.34 -9.25
N LEU J 73 -7.04 57.02 -10.03
CA LEU J 73 -7.38 58.42 -9.72
C LEU J 73 -8.15 58.51 -8.41
N LEU J 74 -9.15 57.64 -8.24
CA LEU J 74 -9.95 57.70 -7.02
C LEU J 74 -9.18 57.22 -5.81
N ASP J 75 -8.13 56.41 -6.00
CA ASP J 75 -7.29 56.01 -4.89
C ASP J 75 -6.60 57.21 -4.26
N TYR J 76 -6.09 58.13 -5.08
CA TYR J 76 -5.50 59.36 -4.55
C TYR J 76 -6.55 60.21 -3.86
N LEU J 77 -7.75 60.30 -4.44
CA LEU J 77 -8.79 61.15 -3.87
C LEU J 77 -9.26 60.64 -2.51
N ASN J 78 -9.41 59.33 -2.36
CA ASN J 78 -9.94 58.72 -1.15
C ASN J 78 -8.86 58.01 -0.35
N GLN J 79 -7.62 58.51 -0.40
CA GLN J 79 -6.53 57.85 0.32
C GLN J 79 -6.66 58.03 1.82
N ASP J 80 -7.11 59.20 2.28
CA ASP J 80 -7.24 59.47 3.70
C ASP J 80 -8.65 59.18 4.21
N ASP J 81 -9.65 59.87 3.67
CA ASP J 81 -11.04 59.61 4.03
C ASP J 81 -11.69 58.76 2.97
N PRO J 82 -12.31 57.63 3.35
CA PRO J 82 -12.88 56.73 2.33
C PRO J 82 -14.01 57.36 1.53
N ASN J 83 -14.64 58.42 2.01
CA ASN J 83 -15.78 59.03 1.34
C ASN J 83 -15.52 60.49 1.03
N THR J 84 -14.31 60.82 0.58
CA THR J 84 -14.04 62.18 0.12
C THR J 84 -14.68 62.45 -1.23
N TYR J 85 -14.58 61.49 -2.15
CA TYR J 85 -15.12 61.65 -3.49
C TYR J 85 -15.76 60.34 -3.94
N HIS J 86 -16.89 60.44 -4.61
CA HIS J 86 -17.63 59.29 -5.09
C HIS J 86 -17.77 59.36 -6.61
N TYR J 87 -17.66 58.21 -7.27
CA TYR J 87 -17.56 58.15 -8.71
C TYR J 87 -18.81 57.55 -9.32
N VAL J 88 -19.23 58.12 -10.46
CA VAL J 88 -20.26 57.55 -11.31
C VAL J 88 -19.70 57.45 -12.71
N VAL J 89 -19.65 56.24 -13.26
CA VAL J 89 -19.01 55.98 -14.54
C VAL J 89 -20.03 55.34 -15.47
N SER J 90 -19.71 55.33 -16.77
CA SER J 90 -20.61 54.85 -17.80
C SER J 90 -19.92 53.81 -18.65
N GLU J 91 -20.73 52.93 -19.24
CA GLU J 91 -20.23 51.93 -20.16
C GLU J 91 -19.67 52.61 -21.41
N PRO J 92 -18.66 52.02 -22.07
CA PRO J 92 -18.15 52.61 -23.31
C PRO J 92 -19.23 52.78 -24.37
N LEU J 93 -19.54 54.04 -24.69
CA LEU J 93 -20.63 54.37 -25.60
C LEU J 93 -20.16 54.78 -26.99
N GLY J 94 -18.86 54.70 -27.26
CA GLY J 94 -18.34 55.12 -28.55
C GLY J 94 -18.82 54.19 -29.65
N ARG J 95 -19.40 54.77 -30.70
CA ARG J 95 -19.82 53.98 -31.84
C ARG J 95 -18.63 53.55 -32.70
N ASN J 96 -17.60 54.39 -32.77
CA ASN J 96 -16.43 54.12 -33.58
C ASN J 96 -15.46 53.21 -32.80
N SER J 97 -14.24 53.08 -33.31
CA SER J 97 -13.24 52.25 -32.63
C SER J 97 -12.90 52.80 -31.26
N TYR J 98 -12.80 54.12 -31.13
CA TYR J 98 -12.50 54.76 -29.86
C TYR J 98 -13.79 54.93 -29.06
N LYS J 99 -13.78 54.46 -27.82
CA LYS J 99 -14.93 54.53 -26.94
C LYS J 99 -14.58 55.31 -25.69
N GLU J 100 -15.56 56.00 -25.13
CA GLU J 100 -15.36 56.91 -24.01
C GLU J 100 -16.39 56.64 -22.93
N ARG J 101 -16.04 57.02 -21.70
CA ARG J 101 -16.90 56.87 -20.54
C ARG J 101 -17.13 58.21 -19.88
N TYR J 102 -18.37 58.49 -19.51
CA TYR J 102 -18.75 59.74 -18.85
C TYR J 102 -18.59 59.60 -17.34
N LEU J 103 -17.32 59.62 -16.91
CA LEU J 103 -17.02 59.48 -15.49
C LEU J 103 -17.42 60.74 -14.74
N PHE J 104 -18.15 60.55 -13.64
CA PHE J 104 -18.60 61.65 -12.78
C PHE J 104 -17.98 61.50 -11.40
N LEU J 105 -17.37 62.56 -10.90
CA LEU J 105 -16.76 62.58 -9.57
C LEU J 105 -17.44 63.65 -8.74
N PHE J 106 -17.87 63.28 -7.53
CA PHE J 106 -18.59 64.23 -6.69
C PHE J 106 -18.35 63.88 -5.22
N ARG J 107 -18.58 64.87 -4.36
CA ARG J 107 -18.46 64.69 -2.92
C ARG J 107 -19.81 64.30 -2.34
N PRO J 108 -19.91 63.17 -1.63
CA PRO J 108 -21.21 62.78 -1.04
C PRO J 108 -21.77 63.79 -0.07
N ASN J 109 -20.93 64.44 0.72
CA ASN J 109 -21.43 65.37 1.73
C ASN J 109 -22.06 66.61 1.08
N LYS J 110 -21.44 67.12 0.02
CA LYS J 110 -21.95 68.35 -0.60
C LYS J 110 -23.21 68.08 -1.41
N VAL J 111 -23.23 66.99 -2.19
CA VAL J 111 -24.38 66.65 -3.02
C VAL J 111 -24.59 65.15 -2.99
N SER J 112 -25.82 64.75 -3.30
CA SER J 112 -26.21 63.34 -3.33
C SER J 112 -26.85 63.02 -4.66
N VAL J 113 -26.47 61.87 -5.22
CA VAL J 113 -27.00 61.42 -6.51
C VAL J 113 -28.30 60.67 -6.26
N LEU J 114 -29.37 61.09 -6.95
CA LEU J 114 -30.68 60.47 -6.78
C LEU J 114 -30.91 59.36 -7.80
N ASP J 115 -30.81 59.68 -9.09
CA ASP J 115 -31.07 58.71 -10.14
C ASP J 115 -30.23 59.04 -11.36
N THR J 116 -30.07 58.04 -12.23
CA THR J 116 -29.26 58.16 -13.44
C THR J 116 -30.10 57.80 -14.65
N TYR J 117 -29.73 58.35 -15.80
CA TYR J 117 -30.42 58.06 -17.04
C TYR J 117 -29.49 58.25 -18.22
N GLN J 118 -29.70 57.44 -19.26
CA GLN J 118 -28.91 57.48 -20.49
C GLN J 118 -29.88 57.69 -21.63
N TYR J 119 -29.67 58.75 -22.42
CA TYR J 119 -30.63 59.16 -23.45
C TYR J 119 -30.50 58.29 -24.70
N ASP J 120 -31.64 57.84 -25.20
CA ASP J 120 -31.71 57.08 -26.45
C ASP J 120 -31.01 57.80 -27.60
N SER J 130 -27.88 59.35 -32.88
CA SER J 130 -27.54 60.55 -33.62
C SER J 130 -26.14 61.03 -33.27
N PHE J 131 -25.60 60.52 -32.17
CA PHE J 131 -24.30 60.92 -31.67
C PHE J 131 -23.37 59.71 -31.61
N SER J 132 -22.08 59.95 -31.88
CA SER J 132 -21.09 58.91 -31.68
C SER J 132 -20.99 58.54 -30.20
N ARG J 133 -21.03 59.54 -29.33
CA ARG J 133 -21.04 59.34 -27.88
C ARG J 133 -22.33 59.95 -27.35
N GLU J 134 -23.34 59.12 -27.11
CA GLU J 134 -24.62 59.60 -26.64
C GLU J 134 -24.50 60.13 -25.20
N PRO J 135 -25.26 61.18 -24.86
CA PRO J 135 -25.10 61.81 -23.55
C PRO J 135 -25.80 61.02 -22.45
N ALA J 136 -25.51 61.43 -21.21
CA ALA J 136 -26.08 60.80 -20.03
C ALA J 136 -26.63 61.87 -19.09
N VAL J 137 -27.68 61.50 -18.35
CA VAL J 137 -28.35 62.40 -17.41
C VAL J 137 -28.33 61.75 -16.03
N VAL J 138 -27.88 62.51 -15.03
CA VAL J 138 -27.80 62.03 -13.65
C VAL J 138 -28.48 63.05 -12.75
N LYS J 139 -29.29 62.56 -11.81
CA LYS J 139 -29.97 63.43 -10.87
C LYS J 139 -29.08 63.75 -9.67
N PHE J 140 -29.17 64.99 -9.19
CA PHE J 140 -28.45 65.45 -8.02
C PHE J 140 -29.38 66.26 -7.13
N SER J 141 -29.28 66.04 -5.82
CA SER J 141 -30.08 66.75 -4.83
C SER J 141 -29.16 67.69 -4.05
N SER J 142 -29.40 68.98 -4.19
CA SER J 142 -28.59 70.01 -3.53
C SER J 142 -29.41 70.66 -2.43
N HIS J 143 -28.81 70.81 -1.25
CA HIS J 143 -29.48 71.39 -0.10
C HIS J 143 -28.98 72.78 0.25
N SER J 144 -27.66 73.00 0.21
CA SER J 144 -27.11 74.31 0.57
C SER J 144 -27.58 75.38 -0.40
N THR J 145 -27.57 75.09 -1.69
CA THR J 145 -28.00 76.05 -2.69
C THR J 145 -29.53 76.18 -2.69
N LYS J 146 -30.02 77.23 -3.35
CA LYS J 146 -31.45 77.43 -3.46
C LYS J 146 -32.11 76.29 -4.23
N VAL J 147 -31.47 75.83 -5.31
CA VAL J 147 -32.02 74.74 -6.10
C VAL J 147 -32.01 73.46 -5.28
N LYS J 148 -33.09 72.68 -5.41
CA LYS J 148 -33.22 71.42 -4.70
C LYS J 148 -32.68 70.26 -5.52
N GLU J 149 -33.08 70.16 -6.78
CA GLU J 149 -32.64 69.09 -7.66
C GLU J 149 -32.21 69.67 -9.00
N PHE J 150 -31.15 69.10 -9.56
CA PHE J 150 -30.66 69.51 -10.87
C PHE J 150 -29.91 68.33 -11.48
N ALA J 151 -29.89 68.30 -12.82
CA ALA J 151 -29.25 67.23 -13.57
C ALA J 151 -28.26 67.82 -14.56
N ILE J 152 -27.08 67.21 -14.64
CA ILE J 152 -26.02 67.65 -15.53
C ILE J 152 -25.98 66.71 -16.73
N VAL J 153 -25.97 67.28 -17.94
CA VAL J 153 -25.86 66.51 -19.17
C VAL J 153 -24.46 66.76 -19.74
N ALA J 154 -23.70 65.69 -19.88
CA ALA J 154 -22.33 65.76 -20.37
C ALA J 154 -22.27 65.22 -21.79
N LEU J 155 -21.67 66.00 -22.70
CA LEU J 155 -21.55 65.59 -24.08
C LEU J 155 -20.15 65.89 -24.59
N HIS J 156 -19.67 65.02 -25.48
CA HIS J 156 -18.41 65.20 -26.20
C HIS J 156 -18.75 65.12 -27.67
N SER J 157 -19.14 66.25 -28.25
CA SER J 157 -19.53 66.28 -29.65
C SER J 157 -18.34 66.03 -30.56
N ALA J 158 -18.58 65.31 -31.65
CA ALA J 158 -17.53 65.06 -32.62
C ALA J 158 -17.18 66.35 -33.36
N PRO J 159 -15.88 66.64 -33.54
CA PRO J 159 -15.51 67.87 -34.25
C PRO J 159 -16.03 67.94 -35.67
N SER J 160 -16.18 66.79 -36.34
CA SER J 160 -16.64 66.80 -37.73
C SER J 160 -18.09 67.24 -37.84
N ASP J 161 -18.94 66.85 -36.88
CA ASP J 161 -20.37 67.11 -36.95
C ASP J 161 -20.87 67.85 -35.72
N ALA J 162 -20.10 68.82 -35.22
CA ALA J 162 -20.49 69.53 -34.01
C ALA J 162 -21.82 70.25 -34.18
N VAL J 163 -22.19 70.58 -35.42
CA VAL J 163 -23.43 71.32 -35.66
C VAL J 163 -24.65 70.44 -35.40
N ALA J 164 -24.62 69.19 -35.88
CA ALA J 164 -25.82 68.36 -35.86
C ALA J 164 -26.20 67.91 -34.45
N GLU J 165 -25.20 67.57 -33.62
CA GLU J 165 -25.48 67.01 -32.30
C GLU J 165 -26.24 67.99 -31.41
N ILE J 166 -25.83 69.26 -31.40
CA ILE J 166 -26.43 70.20 -30.47
C ILE J 166 -27.90 70.41 -30.76
N ASN J 167 -28.29 70.37 -32.05
CA ASN J 167 -29.70 70.52 -32.39
C ASN J 167 -30.54 69.41 -31.78
N SER J 168 -30.02 68.18 -31.77
CA SER J 168 -30.77 67.07 -31.21
C SER J 168 -30.99 67.22 -29.70
N LEU J 169 -30.05 67.87 -29.00
CA LEU J 169 -30.19 68.07 -27.56
C LEU J 169 -31.35 68.98 -27.21
N TYR J 170 -31.86 69.74 -28.18
CA TYR J 170 -33.08 70.53 -27.93
C TYR J 170 -34.24 69.61 -27.57
N ASP J 171 -34.39 68.50 -28.31
CA ASP J 171 -35.40 67.51 -27.96
C ASP J 171 -35.08 66.81 -26.65
N VAL J 172 -33.80 66.58 -26.38
CA VAL J 172 -33.41 65.96 -25.11
C VAL J 172 -33.83 66.83 -23.93
N TYR J 173 -33.69 68.15 -24.08
CA TYR J 173 -34.16 69.07 -23.05
C TYR J 173 -35.66 68.93 -22.86
N LEU J 174 -36.41 68.77 -23.95
CA LEU J 174 -37.84 68.52 -23.83
C LEU J 174 -38.12 67.18 -23.18
N ASP J 175 -37.31 66.16 -23.49
CA ASP J 175 -37.57 64.81 -22.98
C ASP J 175 -37.46 64.77 -21.45
N VAL J 176 -36.43 65.40 -20.88
CA VAL J 176 -36.21 65.34 -19.44
C VAL J 176 -37.07 66.33 -18.67
N GLN J 177 -37.74 67.26 -19.35
CA GLN J 177 -38.53 68.27 -18.65
C GLN J 177 -39.72 67.64 -17.93
N GLN J 178 -40.39 66.68 -18.57
CA GLN J 178 -41.59 66.08 -18.00
C GLN J 178 -41.44 64.62 -17.61
N LYS J 179 -40.60 63.86 -18.32
CA LYS J 179 -40.40 62.45 -17.97
C LYS J 179 -39.65 62.29 -16.66
N TRP J 180 -38.89 63.32 -16.25
CA TRP J 180 -38.19 63.30 -14.98
C TRP J 180 -38.44 64.56 -14.16
N HIS J 181 -39.29 65.48 -14.64
CA HIS J 181 -39.79 66.65 -13.91
C HIS J 181 -38.67 67.42 -13.19
N LEU J 182 -37.77 67.98 -14.00
CA LEU J 182 -36.81 68.97 -13.53
C LEU J 182 -37.13 70.31 -14.18
N ASN J 183 -37.25 71.36 -13.35
CA ASN J 183 -37.45 72.70 -13.90
C ASN J 183 -36.22 73.16 -14.66
N ASP J 184 -35.03 72.85 -14.16
CA ASP J 184 -33.79 73.22 -14.80
C ASP J 184 -33.20 72.02 -15.54
N VAL J 185 -32.53 72.30 -16.66
CA VAL J 185 -31.86 71.29 -17.47
C VAL J 185 -30.44 71.80 -17.73
N MET J 186 -29.49 71.40 -16.91
CA MET J 186 -28.11 71.78 -17.11
C MET J 186 -27.53 71.00 -18.29
N LEU J 187 -26.94 71.71 -19.25
CA LEU J 187 -26.34 71.08 -20.41
C LEU J 187 -25.02 71.78 -20.71
N MET J 188 -23.93 71.04 -20.63
CA MET J 188 -22.61 71.60 -20.88
C MET J 188 -21.64 70.48 -21.21
N GLY J 189 -20.54 70.86 -21.84
CA GLY J 189 -19.52 69.89 -22.21
C GLY J 189 -18.69 70.44 -23.36
N ASP J 190 -17.87 69.54 -23.92
CA ASP J 190 -17.02 69.89 -25.05
C ASP J 190 -17.86 69.83 -26.32
N PHE J 191 -18.40 70.98 -26.73
CA PHE J 191 -19.24 71.06 -27.91
C PHE J 191 -18.45 71.44 -29.16
N ASN J 192 -17.14 71.67 -29.03
CA ASN J 192 -16.28 72.05 -30.15
C ASN J 192 -16.85 73.25 -30.90
N ALA J 193 -17.09 74.32 -30.16
CA ALA J 193 -17.68 75.53 -30.69
C ALA J 193 -16.60 76.53 -31.11
N ASP J 194 -16.95 77.38 -32.07
CA ASP J 194 -16.08 78.45 -32.57
C ASP J 194 -14.83 77.91 -33.25
N CYS J 195 -13.97 78.81 -33.72
CA CYS J 195 -12.79 78.47 -34.51
C CYS J 195 -13.15 77.57 -35.69
N SER J 196 -13.99 78.13 -36.58
CA SER J 196 -14.39 77.56 -37.86
C SER J 196 -15.26 76.31 -37.73
N TYR J 197 -15.48 75.80 -36.53
CA TYR J 197 -16.36 74.64 -36.38
C TYR J 197 -17.82 75.03 -36.60
N VAL J 198 -18.24 76.14 -35.99
CA VAL J 198 -19.58 76.69 -36.19
C VAL J 198 -19.43 78.15 -36.58
N THR J 199 -20.01 78.53 -37.72
CA THR J 199 -19.99 79.90 -38.18
C THR J 199 -21.32 80.58 -37.87
N SER J 200 -21.39 81.88 -38.17
CA SER J 200 -22.57 82.65 -37.79
C SER J 200 -23.83 82.14 -38.49
N SER J 201 -23.71 81.77 -39.77
CA SER J 201 -24.86 81.22 -40.48
C SER J 201 -25.32 79.92 -39.84
N GLN J 202 -24.37 79.04 -39.48
CA GLN J 202 -24.72 77.83 -38.75
C GLN J 202 -25.04 78.11 -37.28
N TRP J 203 -24.52 79.20 -36.72
CA TRP J 203 -24.87 79.55 -35.34
C TRP J 203 -26.37 79.80 -35.21
N SER J 204 -26.97 80.50 -36.19
CA SER J 204 -28.41 80.64 -36.21
C SER J 204 -29.10 79.30 -36.40
N SER J 205 -28.49 78.39 -37.18
CA SER J 205 -29.04 77.05 -37.34
C SER J 205 -29.01 76.26 -36.04
N ILE J 206 -28.12 76.61 -35.11
CA ILE J 206 -28.08 75.93 -33.82
C ILE J 206 -29.30 76.34 -32.99
N ARG J 207 -30.01 75.36 -32.47
CA ARG J 207 -31.16 75.63 -31.62
C ARG J 207 -30.76 76.18 -30.25
N LEU J 208 -29.48 76.12 -29.90
CA LEU J 208 -29.04 76.65 -28.61
C LEU J 208 -29.23 78.16 -28.53
N ARG J 209 -28.99 78.86 -29.63
CA ARG J 209 -29.14 80.31 -29.68
C ARG J 209 -30.55 80.75 -30.06
N THR J 210 -31.41 79.82 -30.49
CA THR J 210 -32.77 80.19 -30.87
C THR J 210 -33.62 80.51 -29.63
N SER J 211 -33.50 79.72 -28.58
CA SER J 211 -34.30 79.89 -27.38
C SER J 211 -33.46 80.50 -26.26
N SER J 212 -34.06 81.43 -25.53
CA SER J 212 -33.40 82.10 -24.42
C SER J 212 -33.54 81.36 -23.10
N THR J 213 -34.28 80.25 -23.08
CA THR J 213 -34.40 79.46 -21.85
C THR J 213 -33.04 78.94 -21.40
N PHE J 214 -32.25 78.44 -22.34
CA PHE J 214 -30.87 78.02 -22.09
C PHE J 214 -29.93 79.06 -22.69
N GLN J 215 -29.14 79.71 -21.83
CA GLN J 215 -28.29 80.82 -22.22
C GLN J 215 -26.84 80.48 -21.91
N TRP J 216 -25.97 80.67 -22.91
CA TRP J 216 -24.56 80.41 -22.75
C TRP J 216 -23.93 81.30 -21.68
N LEU J 217 -22.86 80.80 -21.06
CA LEU J 217 -22.14 81.49 -20.00
C LEU J 217 -20.72 81.88 -20.41
N ILE J 218 -19.99 80.96 -21.04
CA ILE J 218 -18.61 81.22 -21.45
C ILE J 218 -18.60 82.10 -22.70
N PRO J 219 -17.98 83.27 -22.65
CA PRO J 219 -17.91 84.11 -23.86
C PRO J 219 -17.08 83.48 -24.96
N ASP J 220 -17.48 83.77 -26.20
CA ASP J 220 -16.74 83.25 -27.35
C ASP J 220 -15.35 83.87 -27.45
N SER J 221 -15.19 85.10 -26.98
CA SER J 221 -13.87 85.73 -26.97
C SER J 221 -12.91 85.00 -26.05
N ALA J 222 -13.41 84.54 -24.90
CA ALA J 222 -12.56 83.82 -23.95
C ALA J 222 -12.09 82.50 -24.54
N ASP J 223 -10.92 82.07 -24.09
CA ASP J 223 -10.26 80.87 -24.61
C ASP J 223 -10.42 79.73 -23.61
N THR J 224 -10.89 78.58 -24.08
CA THR J 224 -11.05 77.38 -23.27
C THR J 224 -10.07 76.28 -23.67
N THR J 225 -9.02 76.62 -24.41
CA THR J 225 -8.02 75.66 -24.84
C THR J 225 -6.66 76.05 -24.26
N ALA J 226 -5.89 75.04 -23.85
CA ALA J 226 -4.57 75.30 -23.30
C ALA J 226 -3.63 75.93 -24.31
N THR J 227 -3.92 75.80 -25.60
CA THR J 227 -3.10 76.41 -26.64
C THR J 227 -3.39 77.91 -26.72
N SER J 228 -2.56 78.62 -27.48
CA SER J 228 -2.71 80.06 -27.62
C SER J 228 -3.97 80.45 -28.37
N THR J 229 -4.54 79.55 -29.16
CA THR J 229 -5.74 79.87 -29.92
C THR J 229 -6.93 80.07 -28.97
N ASN J 230 -7.86 80.94 -29.39
CA ASN J 230 -9.01 81.31 -28.58
C ASN J 230 -10.26 80.65 -29.16
N CYS J 231 -10.65 79.52 -28.58
CA CYS J 231 -11.90 78.85 -28.92
C CYS J 231 -12.62 78.44 -27.65
N ALA J 232 -13.93 78.67 -27.62
CA ALA J 232 -14.76 78.27 -26.49
C ALA J 232 -15.43 76.94 -26.80
N TYR J 233 -14.58 75.90 -26.88
CA TYR J 233 -15.09 74.55 -27.13
C TYR J 233 -16.05 74.12 -26.02
N ASP J 234 -15.66 74.31 -24.77
CA ASP J 234 -16.57 74.06 -23.66
C ASP J 234 -17.63 75.16 -23.62
N ARG J 235 -18.89 74.76 -23.50
CA ARG J 235 -20.01 75.71 -23.48
C ARG J 235 -20.93 75.36 -22.33
N ILE J 236 -21.16 76.32 -21.46
CA ILE J 236 -22.06 76.17 -20.31
C ILE J 236 -23.30 77.01 -20.57
N VAL J 237 -24.46 76.35 -20.65
CA VAL J 237 -25.73 77.03 -20.85
C VAL J 237 -26.65 76.66 -19.70
N VAL J 238 -27.44 77.63 -19.23
CA VAL J 238 -28.26 77.48 -18.03
C VAL J 238 -29.72 77.51 -18.42
N ALA J 239 -30.46 76.47 -18.02
CA ALA J 239 -31.89 76.38 -18.22
C ALA J 239 -32.60 76.47 -16.87
N GLY J 240 -33.83 76.95 -16.89
CA GLY J 240 -34.59 77.12 -15.67
C GLY J 240 -34.30 78.44 -14.97
N SER J 241 -35.35 79.15 -14.58
CA SER J 241 -35.17 80.46 -13.96
C SER J 241 -34.58 80.35 -12.55
N LEU J 242 -34.90 79.28 -11.82
CA LEU J 242 -34.44 79.15 -10.45
C LEU J 242 -32.92 79.02 -10.38
N LEU J 243 -32.33 78.29 -11.33
CA LEU J 243 -30.87 78.16 -11.35
C LEU J 243 -30.20 79.42 -11.88
N GLN J 244 -30.89 80.18 -12.73
CA GLN J 244 -30.32 81.42 -13.25
C GLN J 244 -30.03 82.39 -12.12
N SER J 245 -30.96 82.52 -11.16
CA SER J 245 -30.68 83.30 -9.96
C SER J 245 -29.66 82.60 -9.09
N SER J 246 -29.70 81.26 -9.04
CA SER J 246 -28.75 80.51 -8.23
C SER J 246 -27.34 80.58 -8.80
N VAL J 247 -27.21 80.81 -10.10
CA VAL J 247 -25.89 80.96 -10.70
C VAL J 247 -25.30 82.30 -10.28
N VAL J 248 -24.10 82.26 -9.72
CA VAL J 248 -23.40 83.48 -9.31
C VAL J 248 -22.94 84.22 -10.57
N PRO J 249 -23.36 85.47 -10.76
CA PRO J 249 -22.91 86.21 -11.95
C PRO J 249 -21.40 86.38 -11.96
N GLY J 250 -20.82 86.24 -13.15
CA GLY J 250 -19.39 86.36 -13.32
C GLY J 250 -18.58 85.18 -12.84
N SER J 251 -19.22 84.15 -12.29
CA SER J 251 -18.49 82.98 -11.82
C SER J 251 -18.02 82.09 -12.95
N ALA J 252 -18.76 82.03 -14.05
CA ALA J 252 -18.41 81.19 -15.18
C ALA J 252 -17.21 81.78 -15.90
N ALA J 253 -16.08 81.08 -15.87
CA ALA J 253 -14.86 81.53 -16.52
C ALA J 253 -13.91 80.35 -16.66
N PRO J 254 -13.08 80.33 -17.70
CA PRO J 254 -12.09 79.24 -17.81
C PRO J 254 -11.05 79.32 -16.70
N PHE J 255 -10.54 78.15 -16.31
CA PHE J 255 -9.51 78.05 -15.30
C PHE J 255 -8.16 77.89 -15.99
N ASP J 256 -7.38 78.96 -16.02
CA ASP J 256 -6.04 78.93 -16.63
C ASP J 256 -5.07 78.32 -15.63
N PHE J 257 -5.09 76.99 -15.57
CA PHE J 257 -4.20 76.27 -14.66
C PHE J 257 -2.73 76.46 -15.02
N GLN J 258 -2.42 76.81 -16.27
CA GLN J 258 -1.04 77.08 -16.66
C GLN J 258 -0.48 78.28 -15.89
N ALA J 259 -1.24 79.39 -15.88
CA ALA J 259 -0.82 80.56 -15.12
C ALA J 259 -1.08 80.39 -13.63
N ALA J 260 -2.18 79.72 -13.27
CA ALA J 260 -2.53 79.56 -11.86
C ALA J 260 -1.47 78.75 -11.11
N TYR J 261 -0.99 77.67 -11.71
CA TYR J 261 0.01 76.82 -11.08
C TYR J 261 1.44 77.21 -11.43
N GLY J 262 1.61 78.24 -12.27
CA GLY J 262 2.95 78.63 -12.68
C GLY J 262 3.70 77.57 -13.46
N LEU J 263 3.00 76.89 -14.36
CA LEU J 263 3.59 75.82 -15.16
C LEU J 263 3.82 76.30 -16.59
N SER J 264 4.78 75.66 -17.25
CA SER J 264 5.11 76.02 -18.62
C SER J 264 4.02 75.54 -19.58
N ASN J 265 4.08 76.03 -20.82
CA ASN J 265 3.12 75.62 -21.83
C ASN J 265 3.22 74.13 -22.11
N GLU J 266 4.45 73.61 -22.19
CA GLU J 266 4.62 72.18 -22.42
C GLU J 266 4.04 71.36 -21.26
N MET J 267 4.30 71.80 -20.02
CA MET J 267 3.69 71.13 -18.88
C MET J 267 2.18 71.26 -18.89
N ALA J 268 1.68 72.45 -19.24
CA ALA J 268 0.23 72.64 -19.34
C ALA J 268 -0.38 71.77 -20.43
N LEU J 269 0.28 71.71 -21.59
CA LEU J 269 -0.21 70.87 -22.68
C LEU J 269 -0.10 69.39 -22.32
N ALA J 270 0.90 69.02 -21.51
CA ALA J 270 1.03 67.63 -21.10
C ALA J 270 -0.17 67.18 -20.28
N ILE J 271 -0.65 68.04 -19.38
CA ILE J 271 -1.83 67.70 -18.58
C ILE J 271 -3.06 67.56 -19.48
N SER J 272 -3.31 68.54 -20.33
CA SER J 272 -4.45 68.54 -21.23
C SER J 272 -4.28 69.66 -22.25
N ASP J 273 -4.82 69.44 -23.44
CA ASP J 273 -4.76 70.45 -24.49
C ASP J 273 -5.85 71.51 -24.35
N HIS J 274 -6.84 71.30 -23.49
CA HIS J 274 -7.92 72.25 -23.27
C HIS J 274 -7.77 72.91 -21.90
N TYR J 275 -8.57 73.94 -21.68
CA TYR J 275 -8.64 74.63 -20.40
C TYR J 275 -9.94 74.30 -19.70
N PRO J 276 -9.90 73.96 -18.41
CA PRO J 276 -11.13 73.67 -17.69
C PRO J 276 -12.01 74.90 -17.57
N VAL J 277 -13.32 74.67 -17.53
CA VAL J 277 -14.29 75.73 -17.30
C VAL J 277 -15.13 75.35 -16.09
N GLU J 278 -15.64 76.36 -15.40
CA GLU J 278 -16.33 76.14 -14.14
C GLU J 278 -17.39 77.19 -13.94
N VAL J 279 -18.33 76.90 -13.04
CA VAL J 279 -19.35 77.84 -12.63
C VAL J 279 -19.71 77.55 -11.18
N THR J 280 -19.97 78.61 -10.41
CA THR J 280 -20.29 78.49 -8.99
C THR J 280 -21.76 78.82 -8.78
N LEU J 281 -22.45 77.97 -8.02
CA LEU J 281 -23.87 78.12 -7.76
C LEU J 281 -24.10 78.44 -6.29
N THR J 282 -24.97 79.42 -6.05
CA THR J 282 -25.29 79.82 -4.68
C THR J 282 -26.69 79.35 -4.30
C1 NAG K . -1.67 36.94 5.94
C2 NAG K . -2.75 35.94 5.56
C3 NAG K . -3.89 35.97 6.52
C4 NAG K . -3.78 37.00 7.64
C5 NAG K . -2.39 37.06 8.30
C6 NAG K . -2.35 36.08 9.46
C7 NAG K . -2.67 35.58 3.01
C8 NAG K . -3.17 35.89 1.61
N2 NAG K . -3.26 36.26 4.18
O3 NAG K . -4.04 34.66 7.11
O4 NAG K . -4.11 38.30 7.14
O5 NAG K . -1.27 36.77 7.40
O6 NAG K . -1.61 34.96 9.08
O7 NAG K . -1.81 34.78 3.17
C1 NAG K . -5.47 38.63 7.44
C2 NAG K . -5.49 39.79 8.41
C3 NAG K . -4.87 40.97 7.78
C4 NAG K . -5.61 41.40 6.53
C5 NAG K . -5.94 40.25 5.56
C6 NAG K . -4.78 40.05 4.60
C7 NAG K . -7.22 40.92 9.96
C8 NAG K . -8.66 41.23 10.33
N2 NAG K . -6.92 40.10 8.78
O3 NAG K . -3.50 40.66 7.44
O4 NAG K . -6.83 42.02 6.91
O5 NAG K . -6.28 38.96 6.20
O6 NAG K . -3.99 41.21 4.56
O7 NAG K . -6.35 41.32 10.65
C1 NAG L . 5.98 63.03 -17.30
C2 NAG L . 7.13 62.08 -17.07
C3 NAG L . 8.01 61.95 -18.27
C4 NAG L . 7.53 62.72 -19.50
C5 NAG L . 6.02 62.65 -19.75
C6 NAG L . 5.72 61.43 -20.57
C7 NAG L . 8.11 61.73 -14.71
C8 NAG L . 8.94 62.22 -13.53
N2 NAG L . 7.95 62.58 -15.90
O3 NAG L . 8.12 60.55 -18.61
O4 NAG L . 7.93 64.09 -19.39
O5 NAG L . 5.19 62.62 -18.52
O6 NAG L . 5.28 60.39 -19.74
O7 NAG L . 7.58 60.68 -14.67
C1 NAG L . 9.09 64.35 -20.20
C2 NAG L . 8.79 65.52 -21.10
C3 NAG L . 8.59 66.75 -20.30
C4 NAG L . 9.78 67.07 -19.43
C5 NAG L . 10.35 65.88 -18.64
C6 NAG L . 9.63 65.73 -17.33
C7 NAG L . 9.73 66.42 -23.33
C8 NAG L . 10.90 66.63 -24.28
N2 NAG L . 9.95 65.73 -22.04
O3 NAG L . 7.41 66.58 -19.46
O4 NAG L . 10.80 67.61 -20.26
O5 NAG L . 10.33 64.60 -19.37
O6 NAG L . 9.06 66.96 -16.95
O7 NAG L . 8.65 66.80 -23.62
PB ADP M . 1.94 -57.64 19.03
O1B ADP M . 2.07 -58.42 20.32
O2B ADP M . 0.96 -58.24 18.06
O3B ADP M . 3.24 -57.22 18.41
PA ADP M . -0.10 -56.22 20.34
O1A ADP M . 0.13 -55.31 21.52
O2A ADP M . -0.55 -57.64 20.58
O3A ADP M . 1.26 -56.25 19.47
O5' ADP M . -1.13 -55.49 19.36
C5' ADP M . -1.30 -55.96 18.01
C4' ADP M . -2.20 -55.02 17.24
O4' ADP M . -3.52 -55.03 17.79
C3' ADP M . -1.72 -53.57 17.32
O3' ADP M . -1.14 -53.18 16.07
C2' ADP M . -2.95 -52.74 17.61
O2' ADP M . -3.19 -51.85 16.52
C1' ADP M . -4.09 -53.72 17.76
N9 ADP M . -4.81 -53.46 19.01
C8 ADP M . -4.25 -53.32 20.23
N7 ADP M . -5.19 -53.08 21.18
C5 ADP M . -6.38 -53.07 20.57
C6 ADP M . -7.79 -52.88 20.99
N6 ADP M . -8.11 -52.64 22.29
N1 ADP M . -8.74 -52.95 20.04
C2 ADP M . -8.44 -53.19 18.75
N3 ADP M . -7.19 -53.37 18.30
C4 ADP M . -6.14 -53.32 19.14
MG MG N . 1.91 -60.02 19.08
P PO4 O . 3.57 -60.26 16.29
O1 PO4 O . 2.42 -61.17 15.74
O2 PO4 O . 3.50 -60.22 17.85
O3 PO4 O . 4.96 -60.85 15.84
O4 PO4 O . 3.41 -58.82 15.72
PB ADP P . -5.35 -31.77 -16.35
O1B ADP P . -5.59 -32.01 -17.82
O2B ADP P . -4.63 -32.91 -15.67
O3B ADP P . -6.53 -31.23 -15.58
PA ADP P . -3.40 -30.28 -17.64
O1A ADP P . -4.26 -29.52 -18.60
O2A ADP P . -2.78 -31.60 -18.06
O3A ADP P . -4.28 -30.57 -16.32
O5' ADP P . -2.23 -29.30 -17.11
C5' ADP P . -1.53 -29.58 -15.91
C4' ADP P . -0.37 -28.61 -15.73
O4' ADP P . 0.68 -28.87 -16.66
C3' ADP P . -0.78 -27.15 -15.94
O3' ADP P . -0.91 -26.50 -14.68
C2' ADP P . 0.35 -26.52 -16.72
O2' ADP P . 0.95 -25.48 -15.94
C1' ADP P . 1.35 -27.63 -16.95
N9 ADP P . 1.80 -27.60 -18.37
C8 ADP P . 1.00 -27.56 -19.44
N7 ADP P . 1.73 -27.53 -20.59
C5 ADP P . 3.02 -27.54 -20.24
C6 ADP P . 4.32 -27.51 -20.96
N6 ADP P . 4.38 -27.47 -22.31
N1 ADP P . 5.46 -27.54 -20.21
C2 ADP P . 5.42 -27.58 -18.88
N3 ADP P . 4.28 -27.60 -18.16
C4 ADP P . 3.08 -27.58 -18.78
MG MG Q . -6.29 -33.64 -15.04
P PO4 R . -6.76 -33.79 -12.53
O1 PO4 R . -7.58 -33.98 -11.20
O2 PO4 R . -5.98 -32.43 -12.46
O3 PO4 R . -5.74 -34.97 -12.68
O4 PO4 R . -7.74 -33.78 -13.76
PB ADP S . 11.36 -2.49 13.98
O1B ADP S . 11.21 -3.77 14.76
O2B ADP S . 10.42 -2.37 12.80
O3B ADP S . 12.78 -2.12 13.67
PA ADP S . 9.56 -1.48 15.92
O1A ADP S . 9.95 -1.12 17.32
O2A ADP S . 8.89 -2.80 15.64
O3A ADP S . 10.86 -1.33 14.98
O5' ADP S . 8.59 -0.30 15.37
C5' ADP S . 8.34 -0.18 13.98
C4' ADP S . 7.11 0.68 13.75
O4' ADP S . 6.16 0.50 14.81
C3' ADP S . 7.41 2.17 13.70
O3' ADP S . 7.43 2.61 12.34
C2' ADP S . 6.28 2.84 14.45
O2' ADP S . 5.49 3.60 13.53
C1' ADP S . 5.45 1.71 15.03
N9 ADP S . 5.25 1.93 16.48
C8 ADP S . 6.22 2.07 17.39
N7 ADP S . 5.71 2.27 18.63
C5 ADP S . 4.37 2.27 18.51
C6 ADP S . 3.23 2.43 19.44
N6 ADP S . 3.42 2.63 20.77
N1 ADP S . 1.98 2.36 18.92
C2 ADP S . 1.79 2.16 17.60
N3 ADP S . 2.78 2.00 16.70
C4 ADP S . 4.08 2.05 17.10
MG MG T . 11.44 -5.80 12.74
P PO4 U . 11.55 -4.94 10.42
O1 PO4 U . 12.54 -5.62 9.44
O2 PO4 U . 10.52 -6.00 10.95
O3 PO4 U . 12.35 -4.33 11.63
O4 PO4 U . 10.77 -3.80 9.68
PB ADP V . -10.59 23.24 -15.26
O1B ADP V . -9.77 22.80 -16.44
O2B ADP V . -10.43 22.38 -14.03
O3B ADP V . -12.02 23.59 -15.59
PA ADP V . -10.00 25.92 -15.83
O1A ADP V . -10.94 26.92 -15.22
O2A ADP V . -10.29 25.42 -17.23
O3A ADP V . -9.95 24.66 -14.84
O5' ADP V . -8.53 26.54 -15.80
C5' ADP V . -7.50 26.09 -16.68
C4' ADP V . -6.22 26.88 -16.45
O4' ADP V . -5.29 26.62 -17.52
C3' ADP V . -6.45 28.38 -16.43
O3' ADP V . -6.33 28.88 -15.10
C2' ADP V . -5.38 28.98 -17.31
O2' ADP V . -4.48 29.75 -16.51
C1' ADP V . -4.64 27.81 -17.94
N9 ADP V . -4.72 27.93 -19.41
C8 ADP V . -5.87 28.04 -20.11
N7 ADP V . -5.63 28.14 -21.45
C5 ADP V . -4.29 28.11 -21.62
C6 ADP V . -3.36 28.18 -22.76
N6 ADP V . -3.83 28.29 -24.03
N1 ADP V . -2.04 28.10 -22.52
C2 ADP V . -1.57 27.98 -21.26
N3 ADP V . -2.35 27.92 -20.17
C4 ADP V . -3.70 27.98 -20.28
MG MG W . -10.39 20.82 -12.78
P PO4 X . -10.20 22.24 -10.58
O1 PO4 X . -9.53 22.97 -9.38
O2 PO4 X . -11.03 23.27 -11.41
O3 PO4 X . -9.11 21.60 -11.49
O4 PO4 X . -11.16 21.12 -10.03
MG MG Y . 7.86 40.03 19.63
MG MG Z . 14.62 56.08 23.26
MG MG AA . -7.06 66.29 -26.30
MG MG BA . -14.38 82.47 -29.91
#